data_5UYS
#
_entry.id   5UYS
#
_cell.length_a   89.759
_cell.length_b   153.180
_cell.length_c   168.885
_cell.angle_alpha   90.000
_cell.angle_beta   90.000
_cell.angle_gamma   90.000
#
_symmetry.space_group_name_H-M   'P 21 21 21'
#
loop_
_entity.id
_entity.type
_entity.pdbx_description
1 polymer 'Steroid 17-alpha-hydroxylase/17,20 lyase'
2 non-polymer 'PROTOPORPHYRIN IX CONTAINING FE'
3 non-polymer (3alpha,5alpha,8alpha)-17-(pyridin-3-yl)androst-16-en-3-ol
4 water water
#
_entity_poly.entity_id   1
_entity_poly.type   'polypeptide(L)'
_entity_poly.pdbx_seq_one_letter_code
;MAKKTGAKYPKSLLSLPLVGSLPFLPRHGHMHNNFFKLQKKYGPIYSVRMGTKTTVIVGHHQLAKEVLIKKGKDFSGRPQ
MATLDIASNNRKGIAFADSGAHWQLHRRLAMATFALFKDGDQKLEKIICQEISTLCDMLATHNGQSIDISFPVFVAVTNV
ISLICFNTSYKNGDPELNVIQNYNEGIIDNLSKDSLVDLVPWLKIFPNKTLEKLKSHVKIRNDLLNKILENYKEKFRSDS
ITNMLDTLMQAKMNSDNGNAGPDQDSELLSDNHILTTIGDIFGAGVETTTSVVKWTLAFLLHNPQVKKKLYEEIDQNVGF
SRTPTISDRNRLLLLEATIREVLRLRPVAPMLIPHKANVDSSIGEFAVDKGTEVIINLWALHHNEKEWHQPDQFMPERFL
NPAGTQLISPSVSYLPFGAGPRSCIGEILARQELFLIMAWLLQRFDLEVPDDGQLPSLEGIPKVVFLIDSFKVKIKVRQA
WREAQAEGSTHHHH
;
_entity_poly.pdbx_strand_id   A,B,C,D
#
# COMPACT_ATOMS: atom_id res chain seq x y z
N LEU A 13 -32.32 -36.11 1.89
CA LEU A 13 -31.66 -35.12 1.05
C LEU A 13 -30.17 -35.42 0.85
N LEU A 14 -29.75 -35.37 -0.42
CA LEU A 14 -28.43 -35.86 -0.85
C LEU A 14 -27.28 -34.88 -0.68
N SER A 15 -26.07 -35.42 -0.53
CA SER A 15 -24.85 -34.63 -0.43
C SER A 15 -24.15 -34.55 -1.78
N LEU A 16 -23.43 -33.46 -1.99
CA LEU A 16 -22.90 -33.14 -3.30
C LEU A 16 -21.66 -33.99 -3.65
N PRO A 17 -21.62 -34.54 -4.88
CA PRO A 17 -20.35 -35.09 -5.35
C PRO A 17 -19.21 -34.09 -5.12
N LEU A 18 -18.13 -34.57 -4.53
CA LEU A 18 -16.96 -33.74 -4.24
C LEU A 18 -15.83 -34.19 -5.16
N VAL A 19 -15.31 -33.27 -5.96
CA VAL A 19 -14.23 -33.61 -6.90
C VAL A 19 -12.88 -33.13 -6.39
N GLY A 20 -12.87 -32.38 -5.30
CA GLY A 20 -11.65 -31.78 -4.82
C GLY A 20 -11.79 -31.27 -3.41
N SER A 21 -10.70 -31.38 -2.65
CA SER A 21 -10.69 -30.96 -1.27
C SER A 21 -9.28 -30.53 -0.90
N LEU A 22 -9.12 -29.32 -0.39
CA LEU A 22 -7.87 -28.92 0.25
C LEU A 22 -8.11 -28.57 1.72
N PRO A 23 -7.15 -28.89 2.59
CA PRO A 23 -7.33 -28.64 4.03
C PRO A 23 -7.42 -27.17 4.40
N PHE A 24 -6.80 -26.29 3.61
CA PHE A 24 -6.83 -24.86 3.91
C PHE A 24 -6.75 -24.00 2.65
N LEU A 25 -7.15 -22.73 2.78
CA LEU A 25 -7.21 -21.81 1.64
C LEU A 25 -5.83 -21.58 1.06
N PRO A 26 -5.69 -21.72 -0.27
CA PRO A 26 -4.42 -21.38 -0.92
C PRO A 26 -4.18 -19.87 -0.95
N ARG A 27 -2.89 -19.51 -0.88
CA ARG A 27 -2.45 -18.11 -0.90
C ARG A 27 -3.04 -17.33 0.28
N HIS A 28 -3.15 -18.03 1.41
CA HIS A 28 -3.54 -17.41 2.67
C HIS A 28 -2.59 -17.87 3.77
N GLY A 29 -1.79 -16.94 4.29
CA GLY A 29 -0.75 -17.25 5.23
C GLY A 29 0.43 -17.96 4.59
N HIS A 30 1.53 -17.99 5.32
CA HIS A 30 2.69 -18.72 4.90
C HIS A 30 2.44 -20.24 4.89
N MET A 31 2.73 -20.87 3.76
CA MET A 31 2.55 -22.31 3.59
C MET A 31 3.10 -23.09 4.75
N HIS A 32 4.32 -22.75 5.17
CA HIS A 32 4.99 -23.50 6.21
C HIS A 32 4.20 -23.43 7.51
N ASN A 33 3.49 -22.34 7.73
CA ASN A 33 2.72 -22.21 8.94
C ASN A 33 1.37 -22.87 8.82
N ASN A 34 0.82 -22.89 7.60
CA ASN A 34 -0.44 -23.58 7.36
C ASN A 34 -0.28 -25.09 7.59
N PHE A 35 0.82 -25.66 7.12
CA PHE A 35 1.06 -27.09 7.30
C PHE A 35 1.19 -27.41 8.79
N PHE A 36 2.01 -26.60 9.47
CA PHE A 36 2.22 -26.72 10.91
C PHE A 36 0.90 -26.73 11.67
N LYS A 37 0.11 -25.67 11.51
CA LYS A 37 -1.21 -25.55 12.15
C LYS A 37 -2.07 -26.76 11.89
N LEU A 38 -1.91 -27.38 10.73
CA LEU A 38 -2.76 -28.48 10.33
C LEU A 38 -2.36 -29.78 11.05
N GLN A 39 -1.23 -29.78 11.75
CA GLN A 39 -0.82 -30.94 12.54
C GLN A 39 -1.74 -31.14 13.73
N LYS A 40 -2.39 -30.06 14.15
CA LYS A 40 -3.30 -30.13 15.29
C LYS A 40 -4.56 -30.90 14.90
N LYS A 41 -4.79 -31.05 13.60
CA LYS A 41 -5.89 -31.86 13.12
C LYS A 41 -5.43 -33.26 12.72
N TYR A 42 -4.23 -33.35 12.13
CA TYR A 42 -3.87 -34.54 11.36
C TYR A 42 -2.55 -35.19 11.74
N GLY A 43 -1.86 -34.65 12.73
CA GLY A 43 -0.63 -35.26 13.19
C GLY A 43 0.56 -34.74 12.44
N PRO A 44 1.75 -35.26 12.75
CA PRO A 44 3.02 -34.73 12.25
C PRO A 44 3.42 -35.23 10.87
N ILE A 45 2.58 -36.09 10.28
CA ILE A 45 2.85 -36.57 8.94
C ILE A 45 1.54 -36.81 8.21
N TYR A 46 1.40 -36.17 7.05
CA TYR A 46 0.23 -36.33 6.21
C TYR A 46 0.57 -36.00 4.78
N SER A 47 -0.28 -36.42 3.86
CA SER A 47 0.03 -36.27 2.44
C SER A 47 -1.06 -35.47 1.73
N VAL A 48 -0.75 -35.01 0.52
CA VAL A 48 -1.73 -34.40 -0.36
C VAL A 48 -1.50 -34.93 -1.77
N ARG A 49 -2.56 -35.08 -2.54
CA ARG A 49 -2.45 -35.51 -3.93
C ARG A 49 -2.92 -34.40 -4.87
N MET A 50 -2.13 -34.15 -5.91
CA MET A 50 -2.43 -33.14 -6.91
C MET A 50 -2.32 -33.78 -8.27
N GLY A 51 -3.41 -34.39 -8.72
CA GLY A 51 -3.37 -35.19 -9.91
C GLY A 51 -2.71 -36.50 -9.56
N THR A 52 -1.58 -36.79 -10.19
CA THR A 52 -0.84 -38.02 -9.89
C THR A 52 0.24 -37.80 -8.83
N LYS A 53 0.73 -36.57 -8.71
CA LYS A 53 1.78 -36.27 -7.75
C LYS A 53 1.25 -36.35 -6.33
N THR A 54 2.00 -37.02 -5.47
CA THR A 54 1.72 -37.07 -4.05
C THR A 54 2.88 -36.42 -3.33
N THR A 55 2.54 -35.58 -2.35
CA THR A 55 3.51 -34.92 -1.51
C THR A 55 3.25 -35.28 -0.05
N VAL A 56 4.30 -35.65 0.68
CA VAL A 56 4.22 -35.92 2.11
C VAL A 56 4.91 -34.80 2.88
N ILE A 57 4.22 -34.27 3.89
CA ILE A 57 4.73 -33.21 4.74
C ILE A 57 4.93 -33.78 6.14
N VAL A 58 6.08 -33.46 6.72
CA VAL A 58 6.60 -34.08 7.93
C VAL A 58 7.00 -32.96 8.91
N GLY A 59 6.40 -32.95 10.09
CA GLY A 59 6.60 -31.86 11.04
C GLY A 59 6.98 -32.27 12.46
N HIS A 60 7.68 -33.40 12.59
CA HIS A 60 8.29 -33.78 13.85
C HIS A 60 9.76 -34.16 13.64
N HIS A 61 10.61 -33.90 14.63
CA HIS A 61 12.04 -34.08 14.46
C HIS A 61 12.44 -35.52 14.14
N GLN A 62 11.90 -36.46 14.91
CA GLN A 62 12.21 -37.86 14.73
C GLN A 62 11.92 -38.34 13.31
N LEU A 63 10.73 -38.05 12.81
CA LEU A 63 10.38 -38.41 11.45
C LEU A 63 11.28 -37.69 10.46
N ALA A 64 11.67 -36.46 10.79
CA ALA A 64 12.51 -35.67 9.90
C ALA A 64 13.91 -36.28 9.83
N LYS A 65 14.44 -36.66 10.98
CA LYS A 65 15.77 -37.25 11.04
C LYS A 65 15.77 -38.58 10.28
N GLU A 66 14.64 -39.27 10.30
CA GLU A 66 14.52 -40.46 9.49
C GLU A 66 14.62 -40.13 8.00
N VAL A 67 13.92 -39.09 7.55
CA VAL A 67 13.95 -38.72 6.12
C VAL A 67 15.33 -38.22 5.66
N LEU A 68 16.00 -37.47 6.53
CA LEU A 68 17.25 -36.83 6.18
C LEU A 68 18.49 -37.72 6.43
N ILE A 69 18.51 -38.44 7.55
CA ILE A 69 19.68 -39.20 7.94
C ILE A 69 19.50 -40.71 7.76
N LYS A 70 18.79 -41.34 8.71
CA LYS A 70 18.59 -42.78 8.73
C LYS A 70 18.26 -43.37 7.35
N LYS A 71 17.43 -42.68 6.58
CA LYS A 71 17.08 -43.15 5.24
C LYS A 71 17.46 -42.12 4.20
N GLY A 72 18.43 -41.27 4.55
CA GLY A 72 18.87 -40.17 3.71
C GLY A 72 18.90 -40.44 2.23
N LYS A 73 19.43 -41.59 1.85
CA LYS A 73 19.65 -41.89 0.43
C LYS A 73 18.37 -42.30 -0.26
N ASP A 74 17.42 -42.82 0.51
CA ASP A 74 16.09 -43.11 -0.04
C ASP A 74 15.40 -41.83 -0.52
N PHE A 75 15.58 -40.76 0.24
CA PHE A 75 14.87 -39.52 0.03
C PHE A 75 15.78 -38.38 -0.41
N SER A 76 16.89 -38.71 -1.06
CA SER A 76 17.87 -37.70 -1.43
C SER A 76 17.53 -37.10 -2.79
N GLY A 77 16.39 -37.49 -3.36
CA GLY A 77 15.99 -36.98 -4.66
C GLY A 77 15.42 -35.57 -4.57
N ARG A 78 15.33 -34.91 -5.73
CA ARG A 78 14.67 -33.61 -5.83
C ARG A 78 13.54 -33.77 -6.83
N PRO A 79 12.35 -33.27 -6.51
CA PRO A 79 11.28 -33.26 -7.52
C PRO A 79 11.58 -32.37 -8.72
N GLN A 80 10.95 -32.64 -9.85
CA GLN A 80 11.06 -31.82 -11.04
C GLN A 80 10.01 -30.72 -11.04
N MET A 81 10.44 -29.48 -11.26
CA MET A 81 9.51 -28.37 -11.41
C MET A 81 9.92 -27.54 -12.60
N ALA A 82 8.95 -27.12 -13.40
CA ALA A 82 9.23 -26.39 -14.62
C ALA A 82 10.06 -25.15 -14.33
N THR A 83 9.83 -24.58 -13.15
CA THR A 83 10.53 -23.38 -12.75
C THR A 83 11.98 -23.66 -12.34
N LEU A 84 12.21 -24.73 -11.59
CA LEU A 84 13.58 -25.07 -11.19
C LEU A 84 14.43 -25.57 -12.36
N ASP A 85 13.78 -25.98 -13.44
CA ASP A 85 14.51 -26.45 -14.62
C ASP A 85 15.26 -25.28 -15.26
N ILE A 86 14.62 -24.12 -15.28
CA ILE A 86 15.18 -22.97 -15.94
C ILE A 86 16.39 -22.46 -15.16
N ALA A 87 16.24 -22.36 -13.84
CA ALA A 87 17.30 -21.84 -12.98
C ALA A 87 18.48 -22.80 -12.89
N SER A 88 18.23 -24.08 -13.11
CA SER A 88 19.25 -25.10 -12.96
C SER A 88 19.72 -25.60 -14.31
N ASN A 89 19.25 -24.95 -15.38
CA ASN A 89 19.55 -25.37 -16.74
C ASN A 89 19.27 -26.86 -16.88
N ASN A 90 18.07 -27.25 -16.44
CA ASN A 90 17.60 -28.64 -16.50
C ASN A 90 18.37 -29.54 -15.55
N ARG A 91 18.33 -29.18 -14.28
CA ARG A 91 18.70 -30.05 -13.19
C ARG A 91 20.19 -30.38 -13.20
N LYS A 92 20.98 -29.46 -13.76
CA LYS A 92 22.42 -29.47 -13.54
C LYS A 92 22.68 -28.75 -12.22
N GLY A 93 23.94 -28.42 -11.93
CA GLY A 93 24.26 -27.81 -10.65
C GLY A 93 24.04 -28.78 -9.50
N ILE A 94 23.83 -28.24 -8.31
CA ILE A 94 23.78 -29.02 -7.07
C ILE A 94 22.40 -29.04 -6.38
N ALA A 95 21.82 -27.87 -6.13
CA ALA A 95 20.64 -27.77 -5.27
C ALA A 95 19.37 -28.35 -5.88
N PHE A 96 19.20 -28.19 -7.19
CA PHE A 96 17.97 -28.61 -7.84
C PHE A 96 18.24 -29.81 -8.74
N ALA A 97 19.44 -30.35 -8.63
CA ALA A 97 19.82 -31.54 -9.37
C ALA A 97 19.34 -32.76 -8.60
N ASP A 98 18.75 -33.69 -9.31
CA ASP A 98 18.29 -34.92 -8.70
C ASP A 98 19.46 -35.79 -8.27
N SER A 99 19.20 -36.78 -7.42
CA SER A 99 20.26 -37.71 -7.01
C SER A 99 20.79 -38.46 -8.24
N GLY A 100 22.09 -38.76 -8.23
CA GLY A 100 22.75 -39.34 -9.39
C GLY A 100 24.22 -38.99 -9.41
N ALA A 101 24.91 -39.43 -10.46
CA ALA A 101 26.35 -39.20 -10.60
C ALA A 101 26.70 -37.70 -10.66
N HIS A 102 25.96 -36.95 -11.48
CA HIS A 102 26.17 -35.49 -11.62
C HIS A 102 26.20 -34.77 -10.27
N TRP A 103 25.11 -34.91 -9.51
CA TRP A 103 24.97 -34.26 -8.21
C TRP A 103 26.11 -34.63 -7.27
N GLN A 104 26.37 -35.92 -7.17
CA GLN A 104 27.40 -36.43 -6.28
C GLN A 104 28.76 -35.82 -6.62
N LEU A 105 29.10 -35.82 -7.90
CA LEU A 105 30.37 -35.27 -8.35
C LEU A 105 30.49 -33.79 -7.98
N HIS A 106 29.49 -33.01 -8.35
CA HIS A 106 29.57 -31.57 -8.15
C HIS A 106 29.49 -31.18 -6.67
N ARG A 107 28.66 -31.90 -5.93
CA ARG A 107 28.53 -31.62 -4.51
C ARG A 107 29.87 -31.85 -3.84
N ARG A 108 30.47 -33.00 -4.16
CA ARG A 108 31.77 -33.40 -3.62
C ARG A 108 32.85 -32.40 -3.99
N LEU A 109 32.87 -32.03 -5.28
CA LEU A 109 33.87 -31.08 -5.78
C LEU A 109 33.72 -29.71 -5.14
N ALA A 110 32.48 -29.25 -4.98
CA ALA A 110 32.26 -27.97 -4.32
C ALA A 110 32.67 -28.06 -2.86
N MET A 111 32.41 -29.20 -2.22
CA MET A 111 32.81 -29.38 -0.83
C MET A 111 34.33 -29.36 -0.68
N ALA A 112 34.99 -30.05 -1.61
CA ALA A 112 36.45 -30.12 -1.62
C ALA A 112 37.06 -28.72 -1.73
N THR A 113 36.44 -27.86 -2.52
CA THR A 113 36.94 -26.50 -2.70
C THR A 113 37.02 -25.72 -1.39
N PHE A 114 36.00 -25.85 -0.54
CA PHE A 114 35.97 -25.09 0.70
C PHE A 114 37.10 -25.55 1.60
N ALA A 115 37.45 -26.83 1.51
CA ALA A 115 38.49 -27.41 2.35
C ALA A 115 39.82 -26.69 2.18
N LEU A 116 40.12 -26.27 0.96
CA LEU A 116 41.30 -25.46 0.68
C LEU A 116 41.46 -24.32 1.69
N PHE A 117 40.39 -23.55 1.88
CA PHE A 117 40.46 -22.25 2.57
C PHE A 117 40.67 -22.39 4.08
N LYS A 118 41.69 -23.14 4.47
CA LYS A 118 42.05 -23.33 5.87
C LYS A 118 43.31 -22.53 6.26
N ASP A 119 44.12 -22.18 5.26
CA ASP A 119 45.45 -21.60 5.51
C ASP A 119 45.93 -20.58 4.48
N GLY A 120 46.80 -19.70 4.95
CA GLY A 120 47.54 -18.81 4.07
C GLY A 120 46.87 -17.49 3.77
N ASP A 121 47.20 -16.95 2.61
CA ASP A 121 46.57 -15.73 2.09
C ASP A 121 45.07 -15.99 1.87
N GLN A 122 44.77 -17.06 1.13
CA GLN A 122 43.38 -17.47 0.92
C GLN A 122 42.86 -18.29 2.11
N LYS A 123 43.09 -17.78 3.32
CA LYS A 123 42.41 -18.29 4.51
C LYS A 123 41.05 -17.60 4.57
N LEU A 124 40.03 -18.34 4.97
CA LEU A 124 38.66 -17.89 4.83
C LEU A 124 38.38 -16.66 5.69
N GLU A 125 38.87 -16.68 6.92
CA GLU A 125 38.73 -15.55 7.83
C GLU A 125 39.30 -14.26 7.24
N LYS A 126 40.48 -14.36 6.64
CA LYS A 126 41.14 -13.18 6.08
C LYS A 126 40.44 -12.64 4.83
N ILE A 127 39.88 -13.53 4.02
CA ILE A 127 39.08 -13.09 2.87
C ILE A 127 37.83 -12.30 3.33
N ILE A 128 37.03 -12.91 4.20
CA ILE A 128 35.83 -12.28 4.73
C ILE A 128 36.14 -10.94 5.38
N CYS A 129 37.18 -10.89 6.20
CA CYS A 129 37.50 -9.67 6.92
C CYS A 129 37.94 -8.52 6.00
N GLN A 130 38.64 -8.84 4.93
CA GLN A 130 39.03 -7.79 3.99
C GLN A 130 37.76 -7.11 3.47
N GLU A 131 36.76 -7.93 3.13
CA GLU A 131 35.54 -7.41 2.55
C GLU A 131 34.69 -6.72 3.60
N ILE A 132 34.70 -7.24 4.84
CA ILE A 132 33.99 -6.58 5.93
C ILE A 132 34.65 -5.24 6.28
N SER A 133 35.96 -5.16 6.09
CA SER A 133 36.65 -3.93 6.43
C SER A 133 36.18 -2.81 5.52
N THR A 134 36.06 -3.11 4.24
CA THR A 134 35.53 -2.18 3.24
C THR A 134 34.09 -1.77 3.58
N LEU A 135 33.26 -2.75 3.87
CA LEU A 135 31.86 -2.54 4.18
C LEU A 135 31.71 -1.51 5.27
N CYS A 136 32.50 -1.68 6.33
CA CYS A 136 32.38 -0.83 7.50
C CYS A 136 32.89 0.58 7.22
N ASP A 137 33.94 0.71 6.41
CA ASP A 137 34.43 2.04 6.00
C ASP A 137 33.34 2.77 5.21
N MET A 138 32.71 2.04 4.30
CA MET A 138 31.56 2.49 3.53
C MET A 138 30.35 2.89 4.38
N LEU A 139 29.94 2.06 5.33
CA LEU A 139 28.79 2.39 6.17
C LEU A 139 29.11 3.59 7.07
N ALA A 140 30.37 3.73 7.44
CA ALA A 140 30.75 4.81 8.33
C ALA A 140 30.47 6.16 7.69
N THR A 141 30.53 6.21 6.36
CA THR A 141 30.28 7.48 5.66
C THR A 141 28.84 7.93 5.83
N HIS A 142 27.95 7.02 6.18
CA HIS A 142 26.53 7.32 6.38
C HIS A 142 26.24 7.68 7.84
N ASN A 143 27.29 8.07 8.56
CA ASN A 143 27.16 8.45 9.97
C ASN A 143 26.05 9.48 10.21
N GLY A 144 25.06 9.12 11.02
CA GLY A 144 23.98 10.01 11.33
C GLY A 144 22.78 9.85 10.40
N GLN A 145 22.90 8.97 9.41
CA GLN A 145 21.85 8.76 8.43
C GLN A 145 21.16 7.40 8.59
N SER A 146 19.96 7.30 8.04
CA SER A 146 19.14 6.10 8.06
C SER A 146 19.16 5.46 6.69
N ILE A 147 19.61 4.20 6.62
CA ILE A 147 19.77 3.51 5.34
C ILE A 147 19.30 2.06 5.33
N ASP A 148 18.95 1.60 4.14
CA ASP A 148 18.80 0.17 3.87
C ASP A 148 20.18 -0.45 3.64
N ILE A 149 20.57 -1.41 4.47
CA ILE A 149 21.94 -1.94 4.42
C ILE A 149 22.11 -3.13 3.48
N SER A 150 21.05 -3.48 2.77
CA SER A 150 21.09 -4.63 1.87
C SER A 150 22.23 -4.63 0.87
N PHE A 151 22.31 -3.59 0.04
CA PHE A 151 23.28 -3.60 -1.05
C PHE A 151 24.73 -3.62 -0.54
N PRO A 152 25.04 -2.78 0.46
CA PRO A 152 26.38 -2.85 1.07
C PRO A 152 26.77 -4.26 1.54
N VAL A 153 25.85 -4.96 2.18
CA VAL A 153 26.12 -6.32 2.62
C VAL A 153 26.23 -7.26 1.42
N PHE A 154 25.28 -7.13 0.49
CA PHE A 154 25.33 -7.86 -0.77
C PHE A 154 26.72 -7.74 -1.44
N VAL A 155 27.20 -6.51 -1.62
CA VAL A 155 28.53 -6.28 -2.17
C VAL A 155 29.59 -7.08 -1.38
N ALA A 156 29.62 -6.92 -0.06
CA ALA A 156 30.63 -7.58 0.75
C ALA A 156 30.64 -9.10 0.57
N VAL A 157 29.49 -9.75 0.68
CA VAL A 157 29.45 -11.20 0.49
C VAL A 157 29.60 -11.64 -0.96
N THR A 158 29.25 -10.78 -1.92
CA THR A 158 29.43 -11.13 -3.32
C THR A 158 30.92 -11.21 -3.68
N ASN A 159 31.72 -10.29 -3.15
CA ASN A 159 33.16 -10.33 -3.38
C ASN A 159 33.79 -11.58 -2.77
N VAL A 160 33.38 -11.92 -1.56
CA VAL A 160 33.80 -13.17 -0.92
C VAL A 160 33.54 -14.39 -1.80
N ILE A 161 32.31 -14.53 -2.31
CA ILE A 161 31.98 -15.72 -3.07
C ILE A 161 32.67 -15.70 -4.44
N SER A 162 32.92 -14.50 -4.95
CA SER A 162 33.65 -14.33 -6.20
C SER A 162 35.12 -14.73 -5.99
N LEU A 163 35.70 -14.36 -4.85
CA LEU A 163 37.06 -14.77 -4.50
C LEU A 163 37.15 -16.30 -4.42
N ILE A 164 36.23 -16.92 -3.67
CA ILE A 164 36.18 -18.37 -3.58
C ILE A 164 35.99 -19.05 -4.93
N CYS A 165 35.17 -18.47 -5.80
CA CYS A 165 34.88 -19.10 -7.08
C CYS A 165 35.94 -18.82 -8.16
N PHE A 166 36.50 -17.61 -8.15
CA PHE A 166 37.32 -17.14 -9.26
C PHE A 166 38.64 -16.48 -8.86
N ASN A 167 38.84 -16.25 -7.56
CA ASN A 167 39.94 -15.42 -7.06
C ASN A 167 39.90 -14.00 -7.65
N THR A 168 38.72 -13.56 -8.07
CA THR A 168 38.49 -12.17 -8.42
C THR A 168 37.50 -11.53 -7.44
N SER A 169 37.61 -10.20 -7.33
CA SER A 169 36.61 -9.42 -6.63
C SER A 169 36.22 -8.24 -7.51
N TYR A 170 35.16 -7.55 -7.13
CA TYR A 170 34.69 -6.39 -7.85
C TYR A 170 35.18 -5.12 -7.17
N LYS A 171 35.63 -4.16 -7.97
CA LYS A 171 36.01 -2.87 -7.43
C LYS A 171 34.76 -2.11 -7.01
N ASN A 172 34.92 -1.25 -6.02
CA ASN A 172 33.83 -0.37 -5.62
C ASN A 172 33.24 0.35 -6.84
N GLY A 173 31.93 0.21 -7.01
CA GLY A 173 31.22 0.94 -8.05
C GLY A 173 31.05 0.16 -9.32
N ASP A 174 31.60 -1.05 -9.38
CA ASP A 174 31.49 -1.86 -10.58
C ASP A 174 30.02 -2.08 -10.92
N PRO A 175 29.59 -1.65 -12.11
CA PRO A 175 28.16 -1.77 -12.41
C PRO A 175 27.71 -3.22 -12.49
N GLU A 176 28.65 -4.15 -12.65
CA GLU A 176 28.30 -5.57 -12.69
C GLU A 176 27.56 -6.02 -11.41
N LEU A 177 27.95 -5.47 -10.27
CA LEU A 177 27.28 -5.75 -9.00
C LEU A 177 25.78 -5.45 -9.07
N ASN A 178 25.41 -4.32 -9.66
CA ASN A 178 24.01 -3.93 -9.81
C ASN A 178 23.26 -4.83 -10.76
N VAL A 179 23.94 -5.21 -11.83
CA VAL A 179 23.37 -6.15 -12.80
C VAL A 179 23.04 -7.48 -12.13
N ILE A 180 23.88 -7.90 -11.19
CA ILE A 180 23.69 -9.18 -10.51
C ILE A 180 22.53 -9.07 -9.51
N GLN A 181 22.46 -7.96 -8.77
CA GLN A 181 21.37 -7.74 -7.83
C GLN A 181 20.04 -7.80 -8.59
N ASN A 182 20.03 -7.18 -9.76
CA ASN A 182 18.84 -7.14 -10.58
C ASN A 182 18.38 -8.52 -10.97
N TYR A 183 19.26 -9.34 -11.55
CA TYR A 183 18.81 -10.67 -11.96
C TYR A 183 18.55 -11.60 -10.77
N ASN A 184 19.21 -11.38 -9.64
CA ASN A 184 18.92 -12.22 -8.47
C ASN A 184 17.51 -11.99 -8.00
N GLU A 185 17.12 -10.71 -7.89
CA GLU A 185 15.79 -10.36 -7.45
C GLU A 185 14.77 -10.82 -8.47
N GLY A 186 15.12 -10.72 -9.75
CA GLY A 186 14.23 -11.18 -10.79
C GLY A 186 14.00 -12.67 -10.77
N ILE A 187 15.05 -13.46 -10.50
CA ILE A 187 14.89 -14.92 -10.52
C ILE A 187 14.14 -15.37 -9.26
N ILE A 188 14.58 -14.90 -8.10
CA ILE A 188 13.91 -15.25 -6.85
C ILE A 188 12.42 -14.91 -6.95
N ASP A 189 12.14 -13.72 -7.48
CA ASP A 189 10.75 -13.27 -7.73
C ASP A 189 9.91 -14.27 -8.51
N ASN A 190 10.42 -14.74 -9.64
CA ASN A 190 9.65 -15.61 -10.51
C ASN A 190 9.86 -17.11 -10.32
N LEU A 191 10.81 -17.52 -9.48
CA LEU A 191 11.06 -18.94 -9.28
C LEU A 191 9.86 -19.59 -8.61
N SER A 192 9.25 -18.85 -7.68
CA SER A 192 8.01 -19.27 -7.02
C SER A 192 7.31 -18.02 -6.56
N LYS A 193 5.98 -18.06 -6.54
CA LYS A 193 5.20 -16.93 -6.07
C LYS A 193 5.44 -16.74 -4.58
N ASP A 194 5.22 -17.80 -3.81
CA ASP A 194 5.57 -17.80 -2.40
C ASP A 194 6.71 -18.83 -2.22
N SER A 195 6.52 -19.83 -1.37
CA SER A 195 7.54 -20.88 -1.22
C SER A 195 7.54 -21.79 -2.44
N LEU A 196 8.51 -22.70 -2.51
CA LEU A 196 8.54 -23.67 -3.60
C LEU A 196 7.35 -24.61 -3.58
N VAL A 197 6.79 -24.85 -2.39
CA VAL A 197 5.66 -25.76 -2.26
C VAL A 197 4.35 -25.10 -2.66
N ASP A 198 3.88 -25.43 -3.87
CA ASP A 198 2.60 -24.97 -4.39
C ASP A 198 1.61 -26.12 -4.36
N LEU A 199 0.59 -26.05 -3.51
CA LEU A 199 -0.47 -27.05 -3.58
C LEU A 199 -0.99 -27.11 -5.01
N VAL A 200 -1.61 -26.02 -5.48
CA VAL A 200 -2.15 -25.98 -6.83
C VAL A 200 -1.08 -25.53 -7.84
N PRO A 201 -0.95 -26.23 -8.98
CA PRO A 201 0.02 -25.81 -10.01
C PRO A 201 -0.55 -24.68 -10.86
N TRP A 202 -0.66 -23.50 -10.25
CA TRP A 202 -1.29 -22.34 -10.88
C TRP A 202 -0.68 -21.97 -12.23
N LEU A 203 0.63 -22.20 -12.38
CA LEU A 203 1.33 -21.69 -13.55
C LEU A 203 0.99 -22.48 -14.83
N LYS A 204 0.43 -23.67 -14.66
CA LYS A 204 0.07 -24.54 -15.77
C LYS A 204 -1.43 -24.48 -16.06
N ILE A 205 -2.15 -23.70 -15.28
CA ILE A 205 -3.62 -23.65 -15.34
C ILE A 205 -4.14 -22.39 -16.05
N PHE A 206 -3.50 -21.27 -15.79
CA PHE A 206 -3.92 -20.00 -16.40
C PHE A 206 -2.80 -19.44 -17.26
N PRO A 207 -3.16 -18.67 -18.29
CA PRO A 207 -2.14 -17.97 -19.06
C PRO A 207 -1.32 -17.05 -18.16
N ASN A 208 0.00 -17.06 -18.32
CA ASN A 208 0.84 -16.16 -17.53
C ASN A 208 2.26 -16.08 -18.11
N LYS A 209 3.05 -15.12 -17.64
CA LYS A 209 4.39 -14.87 -18.22
C LYS A 209 5.55 -15.24 -17.27
N THR A 210 5.26 -16.05 -16.26
CA THR A 210 6.27 -16.37 -15.26
C THR A 210 7.51 -17.05 -15.84
N LEU A 211 7.34 -18.10 -16.64
CA LEU A 211 8.49 -18.81 -17.18
C LEU A 211 9.26 -17.95 -18.19
N GLU A 212 8.54 -17.11 -18.93
CA GLU A 212 9.18 -16.16 -19.85
C GLU A 212 10.08 -15.19 -19.09
N LYS A 213 9.57 -14.64 -17.99
CA LYS A 213 10.32 -13.68 -17.24
C LYS A 213 11.50 -14.37 -16.58
N LEU A 214 11.28 -15.59 -16.10
CA LEU A 214 12.34 -16.33 -15.43
C LEU A 214 13.48 -16.65 -16.42
N LYS A 215 13.15 -17.15 -17.60
CA LYS A 215 14.16 -17.40 -18.63
C LYS A 215 14.98 -16.15 -18.96
N SER A 216 14.33 -14.98 -18.97
CA SER A 216 15.01 -13.72 -19.27
C SER A 216 16.08 -13.36 -18.26
N HIS A 217 15.75 -13.45 -16.97
CA HIS A 217 16.73 -13.19 -15.95
C HIS A 217 17.82 -14.27 -15.95
N VAL A 218 17.45 -15.55 -16.05
CA VAL A 218 18.46 -16.61 -16.09
C VAL A 218 19.42 -16.47 -17.28
N LYS A 219 18.87 -16.04 -18.41
CA LYS A 219 19.69 -15.80 -19.59
C LYS A 219 20.79 -14.75 -19.33
N ILE A 220 20.46 -13.70 -18.59
CA ILE A 220 21.46 -12.69 -18.21
C ILE A 220 22.43 -13.23 -17.18
N ARG A 221 21.93 -14.08 -16.28
CA ARG A 221 22.77 -14.76 -15.32
C ARG A 221 23.76 -15.63 -16.10
N ASN A 222 23.24 -16.44 -17.02
CA ASN A 222 24.07 -17.37 -17.76
C ASN A 222 25.11 -16.68 -18.65
N ASP A 223 24.67 -15.72 -19.45
CA ASP A 223 25.59 -14.96 -20.28
C ASP A 223 26.72 -14.37 -19.44
N LEU A 224 26.39 -13.85 -18.26
CA LEU A 224 27.41 -13.29 -17.40
C LEU A 224 28.40 -14.35 -16.93
N LEU A 225 27.91 -15.48 -16.43
CA LEU A 225 28.81 -16.51 -15.94
C LEU A 225 29.59 -17.15 -17.09
N ASN A 226 29.01 -17.12 -18.30
CA ASN A 226 29.68 -17.67 -19.46
C ASN A 226 30.94 -16.90 -19.86
N LYS A 227 30.87 -15.57 -19.79
CA LYS A 227 32.01 -14.72 -20.14
C LYS A 227 33.12 -14.96 -19.14
N ILE A 228 32.78 -15.02 -17.86
CA ILE A 228 33.75 -15.33 -16.83
C ILE A 228 34.45 -16.67 -17.09
N LEU A 229 33.70 -17.68 -17.50
CA LEU A 229 34.28 -19.02 -17.64
C LEU A 229 35.06 -19.11 -18.96
N GLU A 230 34.55 -18.43 -19.98
CA GLU A 230 35.30 -18.29 -21.22
C GLU A 230 36.67 -17.70 -20.92
N ASN A 231 36.68 -16.48 -20.42
CA ASN A 231 37.92 -15.77 -20.11
C ASN A 231 38.88 -16.57 -19.24
N TYR A 232 38.35 -17.45 -18.41
CA TYR A 232 39.17 -18.15 -17.43
C TYR A 232 39.88 -19.36 -18.02
N LYS A 233 39.36 -19.90 -19.12
CA LYS A 233 40.02 -20.97 -19.86
C LYS A 233 41.44 -20.57 -20.31
N GLU A 234 41.67 -19.27 -20.47
CA GLU A 234 43.00 -18.78 -20.79
C GLU A 234 43.90 -18.73 -19.54
N LYS A 235 43.27 -18.63 -18.38
CA LYS A 235 44.00 -18.40 -17.14
C LYS A 235 44.20 -19.68 -16.32
N PHE A 236 43.44 -20.72 -16.63
CA PHE A 236 43.58 -21.97 -15.88
C PHE A 236 44.98 -22.58 -16.02
N ARG A 237 45.57 -22.97 -14.90
CA ARG A 237 46.86 -23.66 -14.85
C ARG A 237 46.79 -24.84 -13.87
N SER A 238 47.14 -26.03 -14.34
CA SER A 238 47.01 -27.26 -13.57
C SER A 238 47.83 -27.27 -12.27
N ASP A 239 48.89 -26.48 -12.23
CA ASP A 239 49.74 -26.35 -11.04
C ASP A 239 49.21 -25.32 -10.04
N SER A 240 48.03 -24.77 -10.31
CA SER A 240 47.44 -23.73 -9.46
C SER A 240 45.93 -23.97 -9.30
N ILE A 241 45.60 -24.72 -8.26
CA ILE A 241 44.22 -25.02 -7.90
C ILE A 241 43.92 -24.29 -6.58
N THR A 242 43.26 -23.14 -6.68
CA THR A 242 43.02 -22.28 -5.51
C THR A 242 41.59 -21.76 -5.40
N ASN A 243 40.75 -22.07 -6.38
CA ASN A 243 39.36 -21.68 -6.32
C ASN A 243 38.48 -22.78 -6.87
N MET A 244 37.18 -22.52 -6.89
CA MET A 244 36.20 -23.55 -7.24
C MET A 244 36.21 -23.87 -8.73
N LEU A 245 36.44 -22.86 -9.55
CA LEU A 245 36.48 -23.10 -10.98
C LEU A 245 37.73 -23.89 -11.35
N ASP A 246 38.83 -23.63 -10.64
CA ASP A 246 40.06 -24.42 -10.79
C ASP A 246 39.72 -25.89 -10.52
N THR A 247 39.17 -26.13 -9.33
CA THR A 247 38.77 -27.47 -8.90
C THR A 247 37.94 -28.17 -9.94
N LEU A 248 36.98 -27.45 -10.52
CA LEU A 248 36.04 -28.04 -11.45
C LEU A 248 36.70 -28.31 -12.79
N MET A 249 37.58 -27.42 -13.20
CA MET A 249 38.27 -27.56 -14.48
C MET A 249 39.34 -28.65 -14.41
N GLN A 250 40.07 -28.71 -13.29
CA GLN A 250 40.97 -29.82 -13.03
C GLN A 250 40.27 -31.17 -13.21
N ALA A 251 39.08 -31.31 -12.62
CA ALA A 251 38.29 -32.55 -12.76
C ALA A 251 37.98 -32.89 -14.22
N LYS A 252 37.56 -31.90 -15.00
CA LYS A 252 37.29 -32.07 -16.43
C LYS A 252 38.58 -32.39 -17.18
N MET A 253 39.68 -31.77 -16.76
CA MET A 253 41.02 -32.09 -17.28
C MET A 253 41.32 -33.56 -17.03
N ASN A 254 41.34 -33.96 -15.75
CA ASN A 254 41.71 -35.32 -15.36
C ASN A 254 40.78 -36.38 -15.94
N SER A 255 39.55 -35.97 -16.24
CA SER A 255 38.56 -36.88 -16.80
C SER A 255 38.88 -37.22 -18.26
N ASP A 256 39.39 -36.25 -19.01
CA ASP A 256 39.63 -36.42 -20.45
C ASP A 256 41.01 -37.01 -20.80
N ASN A 257 41.65 -37.69 -19.85
CA ASN A 257 42.98 -38.27 -20.08
C ASN A 257 42.95 -39.77 -20.41
N GLY A 261 38.02 -42.81 -25.04
CA GLY A 261 39.07 -42.57 -24.05
C GLY A 261 38.66 -41.76 -22.85
N PRO A 262 37.83 -40.71 -23.04
CA PRO A 262 37.36 -39.89 -21.90
C PRO A 262 36.64 -40.70 -20.80
N ASP A 263 36.93 -40.33 -19.55
CA ASP A 263 36.35 -40.93 -18.35
C ASP A 263 34.80 -40.86 -18.37
N GLN A 264 34.17 -41.50 -17.38
CA GLN A 264 32.72 -41.42 -17.20
C GLN A 264 32.28 -40.10 -16.56
N ASP A 265 33.23 -39.40 -15.96
CA ASP A 265 32.97 -38.09 -15.36
C ASP A 265 32.97 -36.98 -16.42
N SER A 266 33.31 -37.34 -17.65
CA SER A 266 33.49 -36.37 -18.72
C SER A 266 32.19 -35.68 -19.10
N GLU A 267 31.14 -36.46 -19.30
CA GLU A 267 29.81 -35.92 -19.59
C GLU A 267 29.36 -35.07 -18.40
N LEU A 268 29.72 -35.50 -17.19
CA LEU A 268 29.27 -34.84 -15.97
C LEU A 268 29.82 -33.42 -15.81
N LEU A 269 30.85 -33.09 -16.58
CA LEU A 269 31.58 -31.84 -16.38
C LEU A 269 31.63 -30.97 -17.62
N SER A 270 30.57 -30.95 -18.41
CA SER A 270 30.52 -30.01 -19.52
C SER A 270 30.55 -28.59 -18.98
N ASP A 271 30.71 -27.62 -19.87
CA ASP A 271 30.75 -26.23 -19.44
C ASP A 271 29.42 -25.83 -18.82
N ASN A 272 28.30 -26.31 -19.38
CA ASN A 272 27.00 -26.03 -18.80
C ASN A 272 26.84 -26.62 -17.42
N HIS A 273 27.50 -27.73 -17.15
CA HIS A 273 27.44 -28.33 -15.82
C HIS A 273 28.24 -27.48 -14.84
N ILE A 274 29.46 -27.13 -15.24
CA ILE A 274 30.33 -26.28 -14.43
C ILE A 274 29.63 -24.95 -14.13
N LEU A 275 29.10 -24.32 -15.17
CA LEU A 275 28.40 -23.05 -15.04
C LEU A 275 27.28 -23.10 -13.98
N THR A 276 26.44 -24.12 -14.05
CA THR A 276 25.27 -24.18 -13.18
C THR A 276 25.71 -24.37 -11.72
N THR A 277 26.71 -25.20 -11.50
CA THR A 277 27.24 -25.39 -10.17
C THR A 277 27.81 -24.10 -9.63
N ILE A 278 28.54 -23.38 -10.47
CA ILE A 278 29.10 -22.11 -10.04
C ILE A 278 27.94 -21.20 -9.69
N GLY A 279 26.93 -21.17 -10.57
CA GLY A 279 25.73 -20.40 -10.33
C GLY A 279 24.99 -20.73 -9.03
N ASP A 280 24.88 -22.00 -8.69
CA ASP A 280 24.26 -22.39 -7.43
C ASP A 280 25.05 -21.81 -6.26
N ILE A 281 26.37 -21.94 -6.35
CA ILE A 281 27.27 -21.46 -5.29
C ILE A 281 27.31 -19.94 -5.20
N PHE A 282 27.31 -19.25 -6.34
CA PHE A 282 27.34 -17.80 -6.37
C PHE A 282 26.01 -17.26 -5.81
N GLY A 283 24.91 -17.78 -6.32
CA GLY A 283 23.58 -17.41 -5.86
C GLY A 283 23.31 -17.62 -4.38
N ALA A 284 23.68 -18.78 -3.85
CA ALA A 284 23.41 -19.08 -2.44
C ALA A 284 24.41 -18.42 -1.51
N GLY A 285 25.57 -18.05 -2.03
CA GLY A 285 26.59 -17.43 -1.21
C GLY A 285 26.26 -15.97 -0.91
N VAL A 286 25.38 -15.41 -1.72
CA VAL A 286 25.00 -14.02 -1.56
C VAL A 286 23.65 -13.92 -0.86
N GLU A 287 22.66 -14.58 -1.43
CA GLU A 287 21.28 -14.40 -1.01
C GLU A 287 20.96 -14.91 0.38
N THR A 288 21.55 -16.04 0.77
CA THR A 288 21.26 -16.58 2.09
C THR A 288 21.87 -15.69 3.17
N THR A 289 23.14 -15.40 3.05
CA THR A 289 23.86 -14.68 4.12
C THR A 289 23.43 -13.22 4.21
N THR A 290 23.25 -12.56 3.06
CA THR A 290 22.71 -11.21 3.07
C THR A 290 21.38 -11.20 3.81
N SER A 291 20.54 -12.20 3.52
CA SER A 291 19.24 -12.30 4.14
C SER A 291 19.30 -12.50 5.67
N VAL A 292 20.12 -13.44 6.14
CA VAL A 292 20.19 -13.67 7.59
C VAL A 292 20.76 -12.47 8.32
N VAL A 293 21.68 -11.75 7.69
CA VAL A 293 22.21 -10.54 8.31
C VAL A 293 21.10 -9.51 8.54
N LYS A 294 20.25 -9.30 7.53
CA LYS A 294 19.13 -8.38 7.63
C LYS A 294 18.15 -8.78 8.74
N TRP A 295 17.81 -10.07 8.78
CA TRP A 295 16.94 -10.60 9.83
C TRP A 295 17.51 -10.34 11.21
N THR A 296 18.82 -10.54 11.36
CA THR A 296 19.44 -10.36 12.66
C THR A 296 19.30 -8.91 13.10
N LEU A 297 19.67 -7.99 12.22
CA LEU A 297 19.57 -6.58 12.52
C LEU A 297 18.15 -6.22 12.85
N ALA A 298 17.22 -6.85 12.13
CA ALA A 298 15.81 -6.59 12.35
C ALA A 298 15.44 -6.96 13.78
N PHE A 299 15.88 -8.13 14.23
CA PHE A 299 15.59 -8.58 15.59
C PHE A 299 16.26 -7.71 16.65
N LEU A 300 17.44 -7.17 16.35
CA LEU A 300 18.12 -6.30 17.31
C LEU A 300 17.42 -4.93 17.46
N LEU A 301 16.84 -4.42 16.37
CA LEU A 301 16.03 -3.20 16.44
C LEU A 301 14.78 -3.40 17.32
N HIS A 302 14.29 -4.63 17.37
CA HIS A 302 13.12 -4.99 18.16
C HIS A 302 13.46 -5.40 19.59
N ASN A 303 14.75 -5.48 19.91
CA ASN A 303 15.19 -5.95 21.23
C ASN A 303 16.45 -5.19 21.68
N PRO A 304 16.30 -3.91 22.03
CA PRO A 304 17.44 -3.13 22.50
C PRO A 304 18.18 -3.79 23.66
N GLN A 305 17.44 -4.50 24.52
CA GLN A 305 18.04 -5.11 25.68
C GLN A 305 19.07 -6.16 25.27
N VAL A 306 18.73 -7.02 24.31
CA VAL A 306 19.73 -7.95 23.76
C VAL A 306 20.88 -7.18 23.15
N LYS A 307 20.55 -6.17 22.35
CA LYS A 307 21.54 -5.42 21.56
C LYS A 307 22.55 -4.74 22.46
N LYS A 308 22.07 -4.17 23.55
CA LYS A 308 22.92 -3.56 24.56
C LYS A 308 23.91 -4.57 25.10
N LYS A 309 23.42 -5.76 25.40
CA LYS A 309 24.26 -6.78 26.02
C LYS A 309 25.28 -7.33 25.02
N LEU A 310 25.02 -7.17 23.74
CA LEU A 310 25.99 -7.58 22.72
C LEU A 310 27.11 -6.56 22.65
N TYR A 311 26.80 -5.30 22.89
CA TYR A 311 27.83 -4.27 22.95
C TYR A 311 28.70 -4.48 24.20
N GLU A 312 28.06 -4.74 25.34
CA GLU A 312 28.81 -4.97 26.57
C GLU A 312 29.72 -6.15 26.38
N GLU A 313 29.19 -7.21 25.78
CA GLU A 313 29.96 -8.41 25.55
C GLU A 313 31.15 -8.18 24.64
N ILE A 314 30.94 -7.51 23.50
CA ILE A 314 32.03 -7.34 22.54
C ILE A 314 33.03 -6.29 22.99
N ASP A 315 32.64 -5.43 23.92
CA ASP A 315 33.59 -4.46 24.46
C ASP A 315 34.47 -5.13 25.53
N GLN A 316 33.92 -6.14 26.20
CA GLN A 316 34.57 -6.76 27.35
C GLN A 316 35.55 -7.83 26.93
N ASN A 317 35.33 -8.41 25.75
CA ASN A 317 36.12 -9.56 25.30
C ASN A 317 36.99 -9.26 24.07
N VAL A 318 36.81 -8.08 23.48
CA VAL A 318 37.55 -7.70 22.27
C VAL A 318 38.01 -6.25 22.35
N GLY A 319 37.16 -5.39 22.91
CA GLY A 319 37.50 -3.99 23.09
C GLY A 319 37.74 -3.32 21.75
N PHE A 320 38.62 -2.34 21.70
CA PHE A 320 38.83 -1.54 20.50
C PHE A 320 40.28 -1.51 20.02
N SER A 321 41.12 -2.28 20.70
CA SER A 321 42.52 -2.44 20.31
C SER A 321 42.64 -3.09 18.95
N ARG A 322 41.60 -3.82 18.55
CA ARG A 322 41.66 -4.66 17.36
C ARG A 322 40.27 -5.11 16.88
N THR A 323 40.22 -5.58 15.64
CA THR A 323 38.97 -6.02 15.06
C THR A 323 38.71 -7.49 15.37
N PRO A 324 37.43 -7.89 15.35
CA PRO A 324 37.08 -9.26 15.76
C PRO A 324 37.65 -10.32 14.83
N THR A 325 37.70 -11.54 15.35
CA THR A 325 38.39 -12.65 14.71
C THR A 325 37.54 -13.89 14.95
N ILE A 326 37.70 -14.92 14.11
CA ILE A 326 37.02 -16.20 14.31
C ILE A 326 37.31 -16.78 15.70
N SER A 327 38.55 -16.65 16.13
CA SER A 327 38.95 -16.97 17.48
C SER A 327 38.03 -16.37 18.56
N ASP A 328 37.40 -15.23 18.26
CA ASP A 328 36.50 -14.57 19.22
C ASP A 328 35.17 -15.30 19.41
N ARG A 329 34.92 -16.35 18.62
CA ARG A 329 33.76 -17.18 18.84
C ARG A 329 33.76 -17.78 20.24
N ASN A 330 34.95 -17.89 20.83
CA ASN A 330 35.11 -18.42 22.18
C ASN A 330 34.46 -17.53 23.22
N ARG A 331 34.62 -16.22 23.05
CA ARG A 331 34.19 -15.28 24.08
C ARG A 331 32.86 -14.57 23.78
N LEU A 332 32.57 -14.32 22.51
CA LEU A 332 31.33 -13.62 22.16
C LEU A 332 30.22 -14.64 22.02
N LEU A 333 29.80 -15.18 23.17
CA LEU A 333 28.89 -16.30 23.20
C LEU A 333 27.46 -15.87 22.97
N LEU A 334 27.12 -14.70 23.48
CA LEU A 334 25.76 -14.21 23.34
C LEU A 334 25.53 -13.88 21.88
N LEU A 335 26.58 -13.42 21.21
CA LEU A 335 26.49 -13.14 19.79
C LEU A 335 26.26 -14.45 19.05
N GLU A 336 27.00 -15.48 19.44
CA GLU A 336 26.85 -16.78 18.81
C GLU A 336 25.45 -17.35 19.07
N ALA A 337 24.94 -17.08 20.26
CA ALA A 337 23.59 -17.52 20.62
C ALA A 337 22.53 -16.78 19.80
N THR A 338 22.71 -15.46 19.62
CA THR A 338 21.79 -14.65 18.84
C THR A 338 21.65 -15.19 17.41
N ILE A 339 22.78 -15.41 16.75
CA ILE A 339 22.78 -16.06 15.44
C ILE A 339 22.02 -17.39 15.44
N ARG A 340 22.23 -18.23 16.45
CA ARG A 340 21.55 -19.53 16.48
C ARG A 340 20.04 -19.32 16.49
N GLU A 341 19.60 -18.33 17.27
CA GLU A 341 18.18 -18.10 17.49
C GLU A 341 17.49 -17.53 16.24
N VAL A 342 18.19 -16.72 15.48
CA VAL A 342 17.63 -16.22 14.23
C VAL A 342 17.46 -17.39 13.27
N LEU A 343 18.50 -18.22 13.15
CA LEU A 343 18.40 -19.42 12.33
C LEU A 343 17.33 -20.40 12.83
N ARG A 344 16.92 -20.27 14.10
CA ARG A 344 15.78 -21.03 14.60
C ARG A 344 14.44 -20.37 14.25
N LEU A 345 14.26 -19.14 14.73
CA LEU A 345 13.01 -18.41 14.57
C LEU A 345 12.63 -18.11 13.12
N ARG A 346 13.65 -17.88 12.28
CA ARG A 346 13.40 -17.49 10.89
C ARG A 346 14.36 -18.24 10.01
N PRO A 347 14.15 -19.55 9.89
CA PRO A 347 15.11 -20.35 9.13
C PRO A 347 15.18 -19.85 7.70
N VAL A 348 16.37 -19.84 7.12
CA VAL A 348 16.53 -19.43 5.73
C VAL A 348 15.64 -20.29 4.84
N ALA A 349 15.59 -21.59 5.09
CA ALA A 349 14.69 -22.45 4.34
C ALA A 349 13.76 -23.20 5.30
N PRO A 350 12.59 -22.62 5.62
CA PRO A 350 11.68 -23.17 6.63
C PRO A 350 11.03 -24.49 6.21
N MET A 351 11.17 -24.87 4.95
CA MET A 351 10.74 -26.18 4.49
C MET A 351 11.86 -26.77 3.65
N LEU A 352 13.08 -26.37 3.99
CA LEU A 352 14.29 -26.82 3.30
C LEU A 352 14.12 -26.64 1.79
N ILE A 353 14.63 -27.59 1.02
CA ILE A 353 14.31 -27.71 -0.40
C ILE A 353 13.58 -29.03 -0.53
N PRO A 354 12.58 -29.12 -1.40
CA PRO A 354 11.84 -30.40 -1.42
C PRO A 354 12.73 -31.59 -1.71
N HIS A 355 12.37 -32.73 -1.12
CA HIS A 355 13.07 -33.99 -1.35
C HIS A 355 12.14 -34.89 -2.15
N LYS A 356 12.68 -36.00 -2.65
CA LYS A 356 11.90 -36.97 -3.40
C LYS A 356 12.37 -38.36 -3.07
N ALA A 357 11.42 -39.27 -2.94
CA ALA A 357 11.70 -40.67 -2.65
C ALA A 357 12.31 -41.34 -3.87
N ASN A 358 13.57 -41.71 -3.77
CA ASN A 358 14.30 -42.37 -4.85
C ASN A 358 13.80 -43.80 -5.09
N VAL A 359 13.27 -44.41 -4.05
CA VAL A 359 12.76 -45.77 -4.10
C VAL A 359 11.58 -45.92 -3.15
N ASP A 360 10.89 -47.06 -3.21
CA ASP A 360 9.87 -47.37 -2.21
C ASP A 360 10.53 -47.43 -0.83
N SER A 361 9.92 -46.74 0.13
CA SER A 361 10.50 -46.62 1.46
C SER A 361 9.37 -46.39 2.47
N SER A 362 9.74 -45.90 3.64
CA SER A 362 8.76 -45.61 4.67
C SER A 362 9.22 -44.47 5.56
N ILE A 363 8.26 -43.79 6.16
CA ILE A 363 8.50 -42.77 7.17
C ILE A 363 7.52 -43.07 8.30
N GLY A 364 7.99 -43.11 9.54
CA GLY A 364 7.12 -43.41 10.66
C GLY A 364 6.33 -44.70 10.48
N GLU A 365 6.92 -45.64 9.74
CA GLU A 365 6.31 -46.94 9.41
C GLU A 365 5.14 -46.86 8.43
N PHE A 366 4.95 -45.68 7.86
CA PHE A 366 3.99 -45.51 6.78
C PHE A 366 4.67 -45.68 5.44
N ALA A 367 3.99 -46.34 4.51
CA ALA A 367 4.52 -46.54 3.18
C ALA A 367 4.69 -45.22 2.45
N VAL A 368 5.82 -45.07 1.77
CA VAL A 368 6.04 -43.97 0.84
C VAL A 368 6.63 -44.50 -0.45
N ASP A 369 5.87 -44.35 -1.54
CA ASP A 369 6.26 -44.84 -2.85
C ASP A 369 7.37 -44.03 -3.52
N LYS A 370 8.08 -44.71 -4.42
CA LYS A 370 9.06 -44.08 -5.29
C LYS A 370 8.45 -42.86 -5.97
N GLY A 371 9.17 -41.75 -5.94
CA GLY A 371 8.79 -40.58 -6.70
C GLY A 371 7.93 -39.61 -5.93
N THR A 372 7.57 -39.99 -4.72
CA THR A 372 6.73 -39.17 -3.88
C THR A 372 7.55 -38.01 -3.37
N GLU A 373 7.00 -36.82 -3.44
CA GLU A 373 7.70 -35.68 -2.90
C GLU A 373 7.61 -35.71 -1.38
N VAL A 374 8.69 -35.32 -0.71
CA VAL A 374 8.74 -35.29 0.73
C VAL A 374 9.27 -33.96 1.21
N ILE A 375 8.50 -33.32 2.07
CA ILE A 375 8.83 -32.01 2.56
C ILE A 375 8.98 -32.01 4.06
N ILE A 376 10.12 -31.50 4.52
CA ILE A 376 10.39 -31.40 5.93
C ILE A 376 10.01 -30.01 6.39
N ASN A 377 9.03 -29.94 7.28
CA ASN A 377 8.59 -28.66 7.78
C ASN A 377 9.46 -28.21 8.94
N LEU A 378 10.56 -27.56 8.60
CA LEU A 378 11.55 -27.16 9.59
C LEU A 378 10.96 -26.15 10.56
N TRP A 379 10.05 -25.33 10.04
CA TRP A 379 9.38 -24.31 10.82
C TRP A 379 8.64 -24.98 11.98
N ALA A 380 7.97 -26.08 11.68
CA ALA A 380 7.27 -26.86 12.70
C ALA A 380 8.24 -27.41 13.75
N LEU A 381 9.42 -27.84 13.32
CA LEU A 381 10.43 -28.34 14.25
C LEU A 381 10.94 -27.25 15.19
N HIS A 382 11.06 -26.04 14.66
CA HIS A 382 11.66 -24.95 15.44
C HIS A 382 10.64 -24.25 16.30
N HIS A 383 9.36 -24.57 16.10
CA HIS A 383 8.28 -23.92 16.82
C HIS A 383 7.43 -24.92 17.60
N ASN A 384 7.93 -26.14 17.73
CA ASN A 384 7.23 -27.18 18.49
C ASN A 384 7.28 -26.84 19.98
N GLU A 385 6.10 -26.67 20.57
CA GLU A 385 5.96 -26.24 21.97
C GLU A 385 6.58 -27.19 23.00
N LYS A 386 6.55 -28.49 22.70
CA LYS A 386 7.07 -29.51 23.60
C LYS A 386 8.59 -29.61 23.55
N GLU A 387 9.22 -28.90 22.61
CA GLU A 387 10.67 -28.97 22.41
C GLU A 387 11.34 -27.67 22.75
N TRP A 388 10.55 -26.60 22.77
CA TRP A 388 11.07 -25.27 22.98
C TRP A 388 10.24 -24.53 23.99
N HIS A 389 10.93 -23.76 24.83
CA HIS A 389 10.26 -22.87 25.74
C HIS A 389 9.89 -21.59 25.00
N GLN A 390 8.60 -21.32 24.88
CA GLN A 390 8.13 -20.09 24.22
C GLN A 390 8.78 -19.88 22.85
N PRO A 391 8.50 -20.79 21.92
CA PRO A 391 9.15 -20.85 20.60
C PRO A 391 8.96 -19.59 19.74
N ASP A 392 7.87 -18.88 19.96
CA ASP A 392 7.54 -17.70 19.18
C ASP A 392 8.32 -16.46 19.66
N GLN A 393 9.09 -16.64 20.73
CA GLN A 393 9.89 -15.55 21.29
C GLN A 393 11.33 -15.58 20.81
N PHE A 394 11.87 -14.39 20.59
CA PHE A 394 13.29 -14.23 20.31
C PHE A 394 14.01 -14.26 21.67
N MET A 395 14.68 -15.39 21.95
CA MET A 395 15.40 -15.57 23.21
C MET A 395 16.73 -16.24 22.96
N PRO A 396 17.77 -15.44 22.67
CA PRO A 396 19.13 -15.98 22.53
C PRO A 396 19.60 -16.76 23.76
N GLU A 397 19.12 -16.41 24.95
CA GLU A 397 19.48 -17.11 26.19
C GLU A 397 19.21 -18.61 26.15
N ARG A 398 18.22 -19.05 25.36
CA ARG A 398 17.87 -20.48 25.31
C ARG A 398 19.05 -21.32 24.83
N PHE A 399 19.99 -20.70 24.13
CA PHE A 399 21.17 -21.38 23.60
C PHE A 399 22.39 -21.20 24.49
N LEU A 400 22.17 -20.62 25.67
CA LEU A 400 23.21 -20.53 26.70
C LEU A 400 22.70 -21.18 27.98
N ASN A 401 23.64 -21.68 28.80
CA ASN A 401 23.30 -22.13 30.14
C ASN A 401 22.87 -20.92 30.97
N PRO A 402 22.27 -21.15 32.15
CA PRO A 402 21.74 -20.04 32.95
C PRO A 402 22.81 -19.07 33.46
N ALA A 403 24.07 -19.50 33.43
CA ALA A 403 25.16 -18.69 33.93
C ALA A 403 25.67 -17.72 32.86
N GLY A 404 25.33 -17.99 31.60
CA GLY A 404 25.76 -17.19 30.49
C GLY A 404 27.19 -17.48 30.08
N THR A 405 27.70 -18.63 30.50
CA THR A 405 29.13 -18.95 30.40
C THR A 405 29.48 -19.87 29.25
N GLN A 406 28.51 -20.65 28.78
CA GLN A 406 28.75 -21.42 27.55
C GLN A 406 27.50 -21.82 26.78
N LEU A 407 27.75 -22.25 25.55
CA LEU A 407 26.70 -22.53 24.59
C LEU A 407 26.15 -23.95 24.72
N ILE A 408 24.83 -24.05 24.87
CA ILE A 408 24.14 -25.33 24.96
C ILE A 408 23.24 -25.56 23.75
N SER A 409 22.92 -26.83 23.52
CA SER A 409 21.92 -27.22 22.54
C SER A 409 20.65 -27.66 23.28
N PRO A 410 19.65 -26.77 23.39
CA PRO A 410 18.50 -27.02 24.26
C PRO A 410 17.46 -27.96 23.69
N SER A 411 17.55 -28.26 22.40
CA SER A 411 16.56 -29.10 21.76
C SER A 411 17.18 -29.88 20.61
N VAL A 412 16.69 -31.10 20.41
CA VAL A 412 17.13 -31.93 19.30
C VAL A 412 16.30 -31.59 18.07
N SER A 413 15.24 -30.81 18.27
CA SER A 413 14.36 -30.35 17.19
C SER A 413 14.88 -29.05 16.53
N TYR A 414 16.09 -29.11 15.98
CA TYR A 414 16.80 -27.93 15.51
C TYR A 414 17.76 -28.38 14.43
N LEU A 415 17.54 -27.90 13.21
CA LEU A 415 18.35 -28.30 12.05
C LEU A 415 18.47 -27.15 11.04
N PRO A 416 19.00 -26.01 11.47
CA PRO A 416 19.11 -24.84 10.58
C PRO A 416 19.72 -25.17 9.22
N PHE A 417 20.68 -26.09 9.18
CA PHE A 417 21.39 -26.38 7.93
C PHE A 417 21.06 -27.73 7.28
N GLY A 418 19.94 -28.32 7.66
CA GLY A 418 19.55 -29.60 7.12
C GLY A 418 20.38 -30.69 7.77
N ALA A 419 20.32 -31.91 7.22
CA ALA A 419 21.23 -32.99 7.60
C ALA A 419 21.21 -34.09 6.54
N GLY A 420 22.22 -34.95 6.57
CA GLY A 420 22.27 -36.07 5.65
C GLY A 420 22.82 -35.67 4.28
N PRO A 421 22.52 -36.48 3.25
CA PRO A 421 23.10 -36.31 1.92
C PRO A 421 22.85 -34.94 1.29
N ARG A 422 21.79 -34.25 1.69
CA ARG A 422 21.43 -32.95 1.10
C ARG A 422 21.69 -31.78 2.03
N SER A 423 22.40 -32.03 3.12
CA SER A 423 22.68 -30.97 4.08
C SER A 423 23.39 -29.80 3.38
N CYS A 424 23.34 -28.63 3.99
CA CYS A 424 24.00 -27.44 3.44
C CYS A 424 25.50 -27.69 3.27
N ILE A 425 26.05 -27.31 2.12
CA ILE A 425 27.49 -27.41 1.91
C ILE A 425 28.22 -26.10 2.21
N GLY A 426 27.45 -25.05 2.51
CA GLY A 426 28.00 -23.72 2.72
C GLY A 426 27.96 -23.28 4.17
N GLU A 427 27.66 -24.21 5.06
CA GLU A 427 27.48 -23.89 6.47
C GLU A 427 28.70 -23.20 7.12
N ILE A 428 29.89 -23.76 6.91
CA ILE A 428 31.09 -23.15 7.48
C ILE A 428 31.27 -21.71 7.02
N LEU A 429 31.13 -21.48 5.72
CA LEU A 429 31.23 -20.12 5.17
C LEU A 429 30.15 -19.22 5.76
N ALA A 430 28.92 -19.72 5.77
CA ALA A 430 27.78 -18.99 6.33
C ALA A 430 28.07 -18.56 7.76
N ARG A 431 28.41 -19.51 8.63
CA ARG A 431 28.63 -19.21 10.04
C ARG A 431 29.77 -18.24 10.28
N GLN A 432 30.80 -18.30 9.45
CA GLN A 432 31.91 -17.38 9.57
C GLN A 432 31.53 -15.98 9.12
N GLU A 433 30.87 -15.88 7.96
CA GLU A 433 30.38 -14.58 7.47
C GLU A 433 29.42 -13.94 8.47
N LEU A 434 28.45 -14.73 8.93
CA LEU A 434 27.45 -14.22 9.84
C LEU A 434 28.07 -13.68 11.13
N PHE A 435 29.00 -14.42 11.70
CA PHE A 435 29.62 -14.03 12.95
C PHE A 435 30.56 -12.81 12.82
N LEU A 436 31.33 -12.75 11.77
CA LEU A 436 32.28 -11.64 11.61
C LEU A 436 31.56 -10.35 11.17
N ILE A 437 30.55 -10.48 10.31
CA ILE A 437 29.79 -9.30 9.93
C ILE A 437 29.15 -8.67 11.15
N MET A 438 28.48 -9.48 11.96
CA MET A 438 27.79 -8.96 13.14
C MET A 438 28.76 -8.45 14.20
N ALA A 439 29.96 -9.02 14.25
CA ALA A 439 30.96 -8.61 15.23
C ALA A 439 31.58 -7.27 14.84
N TRP A 440 31.97 -7.16 13.58
CA TRP A 440 32.55 -5.92 13.10
C TRP A 440 31.57 -4.76 13.14
N LEU A 441 30.29 -5.05 12.88
CA LEU A 441 29.27 -4.00 12.89
C LEU A 441 29.02 -3.52 14.30
N LEU A 442 28.84 -4.46 15.21
CA LEU A 442 28.53 -4.13 16.60
C LEU A 442 29.68 -3.43 17.27
N GLN A 443 30.90 -3.70 16.85
CA GLN A 443 32.07 -3.03 17.42
C GLN A 443 32.08 -1.56 17.03
N ARG A 444 31.68 -1.26 15.80
CA ARG A 444 31.79 0.11 15.27
C ARG A 444 30.53 0.97 15.43
N PHE A 445 29.37 0.37 15.24
CA PHE A 445 28.15 1.13 15.00
C PHE A 445 27.06 1.00 16.04
N ASP A 446 26.46 2.12 16.36
CA ASP A 446 25.13 2.13 16.97
C ASP A 446 24.12 1.96 15.84
N LEU A 447 23.24 0.98 16.00
CA LEU A 447 22.30 0.59 14.98
C LEU A 447 20.92 0.75 15.57
N GLU A 448 20.23 1.80 15.16
CA GLU A 448 19.02 2.22 15.85
C GLU A 448 17.85 2.41 14.90
N VAL A 449 16.68 2.61 15.48
CA VAL A 449 15.48 2.85 14.72
C VAL A 449 15.57 4.21 14.04
N PRO A 450 15.19 4.28 12.74
CA PRO A 450 15.18 5.58 12.03
C PRO A 450 14.35 6.65 12.73
N ASP A 451 14.47 7.90 12.29
CA ASP A 451 13.79 9.04 12.93
C ASP A 451 12.26 8.97 12.84
N ASP A 452 11.72 8.26 11.84
CA ASP A 452 10.27 8.16 11.71
C ASP A 452 9.69 7.13 12.70
N GLY A 453 10.54 6.28 13.26
CA GLY A 453 10.13 5.35 14.31
C GLY A 453 9.62 4.00 13.83
N GLN A 454 9.79 3.72 12.54
CA GLN A 454 9.33 2.47 11.95
C GLN A 454 10.25 1.29 12.27
N LEU A 455 9.67 0.23 12.83
CA LEU A 455 10.40 -1.00 13.07
C LEU A 455 10.23 -1.95 11.88
N PRO A 456 11.22 -2.81 11.64
CA PRO A 456 11.02 -3.76 10.53
C PRO A 456 9.89 -4.73 10.81
N SER A 457 9.10 -5.09 9.82
CA SER A 457 8.13 -6.16 10.01
C SER A 457 8.90 -7.46 10.07
N LEU A 458 8.71 -8.20 11.15
CA LEU A 458 9.35 -9.49 11.36
C LEU A 458 8.57 -10.66 10.77
N GLU A 459 7.55 -10.36 10.00
CA GLU A 459 6.69 -11.39 9.45
C GLU A 459 7.41 -12.18 8.37
N GLY A 460 8.08 -11.47 7.47
CA GLY A 460 8.86 -12.09 6.43
C GLY A 460 8.08 -12.33 5.16
N ILE A 461 8.82 -12.65 4.11
CA ILE A 461 8.28 -12.86 2.78
C ILE A 461 8.81 -14.18 2.29
N PRO A 462 8.01 -15.25 2.39
CA PRO A 462 8.57 -16.55 2.00
C PRO A 462 8.71 -16.70 0.48
N LYS A 463 9.94 -16.85 0.03
CA LYS A 463 10.21 -17.22 -1.37
C LYS A 463 11.04 -18.51 -1.34
N VAL A 464 11.87 -18.75 -2.35
CA VAL A 464 12.80 -19.87 -2.32
C VAL A 464 13.69 -19.73 -1.10
N VAL A 465 13.79 -18.51 -0.59
CA VAL A 465 14.44 -18.23 0.68
C VAL A 465 13.49 -17.35 1.50
N PHE A 466 13.63 -17.40 2.82
CA PHE A 466 12.71 -16.69 3.70
C PHE A 466 13.22 -15.27 3.91
N LEU A 467 12.72 -14.34 3.09
CA LEU A 467 13.24 -12.98 3.09
C LEU A 467 12.51 -12.10 4.09
N ILE A 468 13.18 -11.00 4.44
CA ILE A 468 12.57 -9.94 5.26
C ILE A 468 12.33 -8.74 4.37
N ASP A 469 11.20 -8.06 4.58
CA ASP A 469 10.87 -6.79 3.90
C ASP A 469 11.99 -5.79 4.09
N SER A 470 12.27 -5.00 3.06
CA SER A 470 13.23 -3.89 3.18
C SER A 470 12.88 -3.01 4.35
N PHE A 471 13.92 -2.47 4.97
CA PHE A 471 13.79 -1.60 6.11
C PHE A 471 15.07 -0.78 6.26
N LYS A 472 14.97 0.26 7.07
CA LYS A 472 16.09 1.16 7.27
C LYS A 472 16.56 1.13 8.70
N VAL A 473 17.86 1.31 8.86
CA VAL A 473 18.49 1.38 10.16
C VAL A 473 19.26 2.69 10.25
N LYS A 474 19.06 3.44 11.34
CA LYS A 474 19.88 4.61 11.60
C LYS A 474 21.23 4.12 12.07
N ILE A 475 22.27 4.51 11.36
CA ILE A 475 23.61 4.08 11.72
C ILE A 475 24.42 5.28 12.19
N LYS A 476 25.09 5.09 13.33
CA LYS A 476 25.94 6.11 13.93
C LYS A 476 27.22 5.47 14.40
N VAL A 477 28.34 6.16 14.23
CA VAL A 477 29.61 5.65 14.72
C VAL A 477 29.65 5.77 16.23
N ARG A 478 29.99 4.68 16.90
CA ARG A 478 29.97 4.62 18.36
C ARG A 478 30.94 5.61 18.99
N GLN A 479 30.50 6.22 20.09
CA GLN A 479 31.36 7.05 20.93
C GLN A 479 32.63 6.29 21.30
N ALA A 480 32.45 5.07 21.80
CA ALA A 480 33.56 4.28 22.33
C ALA A 480 34.59 3.92 21.25
N TRP A 481 34.11 3.61 20.06
CA TRP A 481 35.01 3.36 18.94
C TRP A 481 35.82 4.63 18.60
N ARG A 482 35.15 5.79 18.62
CA ARG A 482 35.79 7.06 18.30
C ARG A 482 36.90 7.40 19.29
N GLU A 483 36.52 7.55 20.56
CA GLU A 483 37.47 7.80 21.65
C GLU A 483 38.73 6.91 21.58
N ALA A 484 38.60 5.71 21.03
CA ALA A 484 39.71 4.77 20.95
C ALA A 484 40.57 4.93 19.70
N GLN A 485 40.33 6.00 18.94
CA GLN A 485 41.19 6.31 17.78
C GLN A 485 42.27 7.32 18.13
N ALA A 486 42.93 7.10 19.27
CA ALA A 486 44.10 7.88 19.67
C ALA A 486 44.76 7.24 20.89
N LEU B 13 -34.99 29.83 14.15
CA LEU B 13 -33.67 29.27 14.48
C LEU B 13 -32.54 30.08 13.88
N LEU B 14 -31.47 30.26 14.66
CA LEU B 14 -30.35 31.09 14.23
C LEU B 14 -29.24 30.29 13.57
N SER B 15 -28.35 31.00 12.90
CA SER B 15 -27.19 30.39 12.28
C SER B 15 -26.11 30.31 13.34
N LEU B 16 -25.32 29.25 13.28
CA LEU B 16 -24.28 29.03 14.29
C LEU B 16 -23.23 30.09 14.13
N PRO B 17 -22.73 30.64 15.25
CA PRO B 17 -21.53 31.46 15.17
C PRO B 17 -20.45 30.75 14.39
N LEU B 18 -19.79 31.45 13.49
CA LEU B 18 -18.71 30.89 12.69
C LEU B 18 -17.39 31.51 13.12
N VAL B 19 -16.52 30.72 13.72
CA VAL B 19 -15.20 31.20 14.10
C VAL B 19 -14.18 30.98 12.97
N GLY B 20 -14.55 30.17 11.98
CA GLY B 20 -13.59 29.76 10.99
C GLY B 20 -14.21 29.20 9.72
N SER B 21 -13.52 29.41 8.60
CA SER B 21 -14.01 28.94 7.32
C SER B 21 -12.88 28.80 6.32
N LEU B 22 -12.77 27.62 5.71
CA LEU B 22 -11.89 27.40 4.57
C LEU B 22 -12.72 26.88 3.40
N PRO B 23 -12.35 27.29 2.17
CA PRO B 23 -13.13 26.96 0.97
C PRO B 23 -13.02 25.51 0.52
N PHE B 24 -11.94 24.82 0.87
CA PHE B 24 -11.85 23.38 0.63
C PHE B 24 -11.13 22.64 1.76
N LEU B 25 -11.14 21.31 1.71
CA LEU B 25 -10.50 20.52 2.75
C LEU B 25 -8.99 20.60 2.63
N PRO B 26 -8.31 20.76 3.77
CA PRO B 26 -6.84 20.68 3.72
C PRO B 26 -6.41 19.23 3.56
N ARG B 27 -5.30 19.03 2.85
CA ARG B 27 -4.75 17.69 2.62
C ARG B 27 -5.68 16.79 1.82
N HIS B 28 -6.59 17.37 1.06
CA HIS B 28 -7.43 16.62 0.13
C HIS B 28 -7.17 17.16 -1.27
N GLY B 29 -6.43 16.39 -2.04
CA GLY B 29 -5.99 16.80 -3.36
C GLY B 29 -4.79 17.73 -3.26
N HIS B 30 -4.13 17.93 -4.40
CA HIS B 30 -3.00 18.84 -4.52
C HIS B 30 -3.42 20.30 -4.41
N MET B 31 -2.80 21.03 -3.48
CA MET B 31 -3.09 22.44 -3.26
C MET B 31 -3.26 23.27 -4.54
N HIS B 32 -2.29 23.15 -5.46
CA HIS B 32 -2.31 23.94 -6.68
C HIS B 32 -3.56 23.70 -7.51
N ASN B 33 -4.11 22.50 -7.45
CA ASN B 33 -5.29 22.21 -8.24
C ASN B 33 -6.53 22.62 -7.48
N ASN B 34 -6.46 22.54 -6.16
CA ASN B 34 -7.56 23.06 -5.35
C ASN B 34 -7.76 24.56 -5.55
N PHE B 35 -6.67 25.31 -5.55
CA PHE B 35 -6.73 26.75 -5.82
C PHE B 35 -7.27 27.00 -7.23
N PHE B 36 -6.80 26.21 -8.20
CA PHE B 36 -7.31 26.30 -9.55
C PHE B 36 -8.83 26.03 -9.62
N LYS B 37 -9.28 24.92 -9.05
CA LYS B 37 -10.72 24.62 -9.08
C LYS B 37 -11.55 25.73 -8.43
N LEU B 38 -11.00 26.41 -7.43
CA LEU B 38 -11.71 27.50 -6.76
C LEU B 38 -11.97 28.67 -7.67
N GLN B 39 -11.12 28.87 -8.68
CA GLN B 39 -11.29 30.00 -9.59
C GLN B 39 -12.67 29.98 -10.25
N LYS B 40 -13.28 28.79 -10.34
CA LYS B 40 -14.64 28.64 -10.88
C LYS B 40 -15.63 29.38 -9.99
N LYS B 41 -15.49 29.21 -8.69
CA LYS B 41 -16.31 29.93 -7.73
C LYS B 41 -15.93 31.43 -7.60
N TYR B 42 -14.63 31.74 -7.51
CA TYR B 42 -14.19 33.04 -6.97
C TYR B 42 -13.35 33.94 -7.88
N GLY B 43 -12.94 33.46 -9.05
CA GLY B 43 -12.15 34.25 -9.98
C GLY B 43 -10.66 34.02 -9.87
N PRO B 44 -9.85 34.75 -10.68
CA PRO B 44 -8.41 34.48 -10.76
C PRO B 44 -7.56 35.09 -9.64
N ILE B 45 -8.19 35.76 -8.69
CA ILE B 45 -7.44 36.36 -7.60
C ILE B 45 -8.33 36.48 -6.36
N TYR B 46 -7.91 35.79 -5.31
CA TYR B 46 -8.59 35.83 -4.03
C TYR B 46 -7.58 35.69 -2.92
N SER B 47 -8.04 35.90 -1.69
CA SER B 47 -7.15 35.88 -0.55
C SER B 47 -7.66 34.92 0.50
N VAL B 48 -6.77 34.58 1.42
CA VAL B 48 -7.11 33.79 2.59
C VAL B 48 -6.30 34.34 3.76
N ARG B 49 -6.92 34.35 4.94
CA ARG B 49 -6.30 34.84 6.16
C ARG B 49 -6.15 33.71 7.17
N MET B 50 -4.95 33.56 7.70
CA MET B 50 -4.67 32.57 8.73
C MET B 50 -4.02 33.34 9.86
N GLY B 51 -4.79 33.62 10.90
CA GLY B 51 -4.32 34.50 11.96
C GLY B 51 -4.17 35.91 11.44
N THR B 52 -2.95 36.42 11.45
CA THR B 52 -2.67 37.77 10.99
C THR B 52 -1.94 37.77 9.66
N LYS B 53 -1.60 36.58 9.17
CA LYS B 53 -1.02 36.46 7.84
C LYS B 53 -2.14 36.35 6.82
N THR B 54 -1.99 37.12 5.75
CA THR B 54 -2.89 37.07 4.62
C THR B 54 -2.08 36.61 3.44
N THR B 55 -2.65 35.70 2.66
CA THR B 55 -2.02 35.22 1.46
C THR B 55 -2.92 35.47 0.26
N VAL B 56 -2.35 35.95 -0.83
CA VAL B 56 -3.09 36.17 -2.05
C VAL B 56 -2.65 35.13 -3.07
N ILE B 57 -3.62 34.52 -3.72
CA ILE B 57 -3.37 33.49 -4.73
C ILE B 57 -3.84 34.04 -6.07
N VAL B 58 -2.92 34.07 -7.03
CA VAL B 58 -3.13 34.64 -8.34
C VAL B 58 -3.17 33.51 -9.35
N GLY B 59 -4.16 33.51 -10.25
CA GLY B 59 -4.35 32.42 -11.19
C GLY B 59 -4.66 32.78 -12.64
N HIS B 60 -4.19 33.94 -13.08
CA HIS B 60 -4.28 34.34 -14.49
C HIS B 60 -2.96 34.97 -14.97
N HIS B 61 -2.51 34.59 -16.16
CA HIS B 61 -1.22 35.05 -16.69
C HIS B 61 -1.02 36.57 -16.67
N GLN B 62 -2.11 37.33 -16.73
CA GLN B 62 -2.00 38.79 -16.76
C GLN B 62 -1.69 39.32 -15.37
N LEU B 63 -2.29 38.70 -14.37
CA LEU B 63 -2.03 39.10 -12.99
C LEU B 63 -0.64 38.63 -12.61
N ALA B 64 -0.28 37.44 -13.04
CA ALA B 64 1.01 36.84 -12.78
C ALA B 64 2.15 37.72 -13.33
N LYS B 65 1.99 38.22 -14.55
CA LYS B 65 3.00 39.11 -15.10
C LYS B 65 3.05 40.44 -14.36
N GLU B 66 1.91 40.89 -13.83
CA GLU B 66 1.90 42.12 -13.05
C GLU B 66 2.77 41.94 -11.81
N VAL B 67 2.62 40.79 -11.15
CA VAL B 67 3.35 40.47 -9.93
C VAL B 67 4.81 40.19 -10.24
N LEU B 68 5.04 39.43 -11.30
CA LEU B 68 6.37 38.94 -11.61
C LEU B 68 7.22 39.96 -12.40
N ILE B 69 6.60 40.68 -13.32
CA ILE B 69 7.31 41.55 -14.26
C ILE B 69 7.00 43.04 -14.07
N LYS B 70 5.79 43.46 -14.47
CA LYS B 70 5.42 44.87 -14.44
C LYS B 70 5.61 45.53 -13.08
N LYS B 71 5.34 44.78 -12.00
CA LYS B 71 5.55 45.29 -10.64
C LYS B 71 6.50 44.36 -9.90
N GLY B 72 7.43 43.80 -10.64
CA GLY B 72 8.31 42.77 -10.13
C GLY B 72 9.00 43.10 -8.83
N LYS B 73 9.54 44.31 -8.71
CA LYS B 73 10.35 44.64 -7.56
C LYS B 73 9.50 44.78 -6.32
N ASP B 74 8.22 45.06 -6.51
CA ASP B 74 7.30 45.22 -5.38
C ASP B 74 6.99 43.90 -4.70
N PHE B 75 7.06 42.81 -5.47
CA PHE B 75 6.67 41.49 -5.02
C PHE B 75 7.86 40.52 -5.09
N SER B 76 9.06 41.08 -4.91
CA SER B 76 10.29 40.32 -5.04
C SER B 76 10.77 39.73 -3.71
N GLY B 77 9.98 39.89 -2.65
CA GLY B 77 10.37 39.35 -1.35
C GLY B 77 9.91 37.92 -1.15
N ARG B 78 10.50 37.23 -0.16
CA ARG B 78 10.12 35.87 0.22
C ARG B 78 9.49 35.87 1.63
N PRO B 79 8.41 35.09 1.82
CA PRO B 79 7.88 34.93 3.19
C PRO B 79 8.84 34.18 4.13
N GLN B 80 8.68 34.39 5.43
CA GLN B 80 9.51 33.72 6.42
C GLN B 80 8.82 32.43 6.91
N MET B 81 9.55 31.33 6.81
CA MET B 81 9.01 30.05 7.24
C MET B 81 10.02 29.35 8.13
N ALA B 82 9.52 28.79 9.23
CA ALA B 82 10.34 28.06 10.18
C ALA B 82 11.21 27.04 9.44
N THR B 83 10.57 26.40 8.49
CA THR B 83 11.17 25.32 7.73
C THR B 83 12.26 25.82 6.79
N LEU B 84 11.97 26.91 6.07
CA LEU B 84 12.92 27.49 5.13
C LEU B 84 14.10 28.12 5.87
N ASP B 85 13.85 28.62 7.08
CA ASP B 85 14.92 29.22 7.88
C ASP B 85 16.01 28.18 8.10
N ILE B 86 15.61 26.96 8.39
CA ILE B 86 16.56 25.92 8.68
C ILE B 86 17.39 25.54 7.44
N ALA B 87 16.75 25.40 6.28
CA ALA B 87 17.46 24.98 5.09
C ALA B 87 18.29 26.12 4.47
N SER B 88 17.92 27.37 4.77
CA SER B 88 18.62 28.54 4.26
C SER B 88 19.53 29.17 5.32
N ASN B 89 19.65 28.53 6.48
CA ASN B 89 20.51 29.03 7.55
C ASN B 89 20.12 30.47 7.91
N ASN B 90 18.86 30.63 8.32
CA ASN B 90 18.28 31.93 8.63
C ASN B 90 18.30 32.92 7.45
N ARG B 91 17.74 32.46 6.33
CA ARG B 91 17.40 33.30 5.17
C ARG B 91 18.60 33.82 4.37
N LYS B 92 19.70 33.09 4.42
CA LYS B 92 20.82 33.37 3.54
C LYS B 92 20.54 32.61 2.26
N GLY B 93 21.54 32.50 1.40
CA GLY B 93 21.36 31.85 0.12
C GLY B 93 20.73 32.78 -0.90
N ILE B 94 19.98 32.21 -1.83
CA ILE B 94 19.28 32.98 -2.86
C ILE B 94 17.78 32.70 -2.83
N ALA B 95 17.41 31.43 -2.93
CA ALA B 95 16.02 31.08 -3.22
C ALA B 95 15.06 31.46 -2.10
N PHE B 96 15.54 31.36 -0.87
CA PHE B 96 14.70 31.53 0.30
C PHE B 96 15.09 32.79 1.07
N ALA B 97 16.01 33.55 0.48
CA ALA B 97 16.45 34.80 1.08
C ALA B 97 15.45 35.91 0.72
N ASP B 98 15.19 36.82 1.64
CA ASP B 98 14.29 37.91 1.35
C ASP B 98 14.99 38.85 0.38
N SER B 99 14.21 39.72 -0.26
CA SER B 99 14.81 40.72 -1.13
C SER B 99 15.64 41.62 -0.24
N GLY B 100 16.68 42.22 -0.82
CA GLY B 100 17.67 42.93 -0.05
C GLY B 100 19.03 42.75 -0.68
N ALA B 101 20.03 43.39 -0.07
CA ALA B 101 21.37 43.39 -0.62
C ALA B 101 22.00 41.99 -0.63
N HIS B 102 21.68 41.17 0.36
CA HIS B 102 22.22 39.80 0.44
C HIS B 102 21.81 39.02 -0.79
N TRP B 103 20.51 38.91 -0.98
CA TRP B 103 19.94 38.21 -2.12
C TRP B 103 20.48 38.77 -3.44
N GLN B 104 20.50 40.09 -3.56
CA GLN B 104 20.85 40.72 -4.83
C GLN B 104 22.32 40.46 -5.17
N LEU B 105 23.17 40.45 -4.16
CA LEU B 105 24.59 40.20 -4.35
C LEU B 105 24.83 38.77 -4.76
N HIS B 106 24.30 37.83 -3.99
CA HIS B 106 24.58 36.43 -4.24
C HIS B 106 23.92 35.94 -5.51
N ARG B 107 22.76 36.50 -5.85
CA ARG B 107 22.09 36.15 -7.10
C ARG B 107 22.91 36.63 -8.28
N ARG B 108 23.45 37.83 -8.17
CA ARG B 108 24.26 38.40 -9.23
C ARG B 108 25.52 37.56 -9.44
N LEU B 109 26.14 37.15 -8.34
CA LEU B 109 27.38 36.40 -8.39
C LEU B 109 27.18 35.00 -8.98
N ALA B 110 26.06 34.37 -8.66
CA ALA B 110 25.74 33.06 -9.22
C ALA B 110 25.52 33.20 -10.71
N MET B 111 24.80 34.24 -11.10
CA MET B 111 24.49 34.47 -12.51
C MET B 111 25.76 34.70 -13.31
N ALA B 112 26.70 35.44 -12.71
CA ALA B 112 28.00 35.69 -13.32
C ALA B 112 28.77 34.39 -13.54
N THR B 113 28.67 33.48 -12.59
CA THR B 113 29.40 32.21 -12.69
C THR B 113 28.97 31.42 -13.91
N PHE B 114 27.71 31.53 -14.30
CA PHE B 114 27.24 30.79 -15.45
C PHE B 114 27.77 31.38 -16.76
N ALA B 115 28.44 32.53 -16.68
CA ALA B 115 29.09 33.15 -17.85
C ALA B 115 30.45 32.51 -18.11
N LEU B 116 31.13 32.13 -17.04
CA LEU B 116 32.40 31.39 -17.12
C LEU B 116 32.29 30.08 -17.91
N PHE B 117 31.06 29.66 -18.19
CA PHE B 117 30.81 28.40 -18.91
C PHE B 117 30.08 28.63 -20.23
N LYS B 118 30.11 29.89 -20.69
CA LYS B 118 29.57 30.26 -21.99
C LYS B 118 30.34 29.58 -23.13
N ASP B 119 31.65 29.38 -22.93
CA ASP B 119 32.47 28.74 -23.95
C ASP B 119 33.84 28.27 -23.42
N GLY B 120 34.69 27.84 -24.35
CA GLY B 120 36.07 27.51 -24.04
C GLY B 120 36.36 26.03 -23.88
N ASP B 121 37.36 25.72 -23.05
CA ASP B 121 37.66 24.34 -22.67
C ASP B 121 36.51 23.80 -21.85
N GLN B 122 35.99 24.66 -20.97
CA GLN B 122 34.82 24.36 -20.16
C GLN B 122 33.53 24.92 -20.78
N LYS B 123 33.32 24.68 -22.06
CA LYS B 123 32.03 24.88 -22.67
C LYS B 123 31.07 24.02 -21.85
N LEU B 124 29.89 24.54 -21.57
CA LEU B 124 28.95 23.86 -20.67
C LEU B 124 28.48 22.55 -21.27
N GLU B 125 28.18 22.59 -22.56
CA GLU B 125 27.92 21.39 -23.35
C GLU B 125 28.93 20.27 -23.10
N LYS B 126 30.19 20.62 -22.89
CA LYS B 126 31.24 19.61 -22.80
C LYS B 126 31.35 19.02 -21.40
N ILE B 127 31.11 19.83 -20.39
CA ILE B 127 30.95 19.31 -19.04
C ILE B 127 29.75 18.35 -18.96
N ILE B 128 28.66 18.70 -19.63
CA ILE B 128 27.45 17.91 -19.58
C ILE B 128 27.63 16.58 -20.33
N CYS B 129 28.08 16.65 -21.58
CA CYS B 129 28.28 15.46 -22.42
C CYS B 129 29.23 14.45 -21.81
N GLN B 130 30.25 14.94 -21.11
CA GLN B 130 31.17 14.04 -20.42
C GLN B 130 30.43 13.17 -19.40
N GLU B 131 29.60 13.81 -18.59
CA GLU B 131 28.88 13.12 -17.54
C GLU B 131 27.74 12.24 -18.09
N ILE B 132 27.16 12.65 -19.22
CA ILE B 132 26.13 11.84 -19.88
C ILE B 132 26.74 10.59 -20.51
N SER B 133 27.96 10.72 -21.02
CA SER B 133 28.68 9.62 -21.61
C SER B 133 28.82 8.49 -20.60
N THR B 134 29.23 8.85 -19.38
CA THR B 134 29.43 7.90 -18.30
C THR B 134 28.12 7.24 -17.90
N LEU B 135 27.07 8.07 -17.81
CA LEU B 135 25.71 7.62 -17.55
C LEU B 135 25.28 6.59 -18.59
N CYS B 136 25.47 6.91 -19.87
CA CYS B 136 25.09 5.99 -20.94
C CYS B 136 25.90 4.72 -20.93
N ASP B 137 27.14 4.79 -20.47
CA ASP B 137 27.98 3.58 -20.40
C ASP B 137 27.47 2.68 -19.29
N MET B 138 27.13 3.29 -18.16
CA MET B 138 26.64 2.57 -17.02
C MET B 138 25.26 1.96 -17.32
N LEU B 139 24.39 2.72 -18.00
CA LEU B 139 23.05 2.24 -18.28
C LEU B 139 23.08 1.04 -19.22
N ALA B 140 24.10 0.96 -20.05
CA ALA B 140 24.18 -0.11 -21.03
C ALA B 140 24.62 -1.44 -20.41
N THR B 141 25.14 -1.43 -19.18
CA THR B 141 25.40 -2.67 -18.47
C THR B 141 24.08 -3.33 -18.03
N HIS B 142 23.05 -2.52 -17.91
CA HIS B 142 21.74 -3.00 -17.55
C HIS B 142 20.91 -3.41 -18.75
N ASN B 143 21.55 -3.56 -19.92
CA ASN B 143 20.85 -3.99 -21.15
C ASN B 143 20.02 -5.23 -20.90
N GLY B 144 18.70 -5.12 -21.12
CA GLY B 144 17.79 -6.24 -20.94
C GLY B 144 17.08 -6.28 -19.60
N GLN B 145 17.47 -5.37 -18.71
CA GLN B 145 16.90 -5.32 -17.37
C GLN B 145 16.05 -4.07 -17.15
N SER B 146 15.14 -4.16 -16.17
CA SER B 146 14.32 -3.04 -15.74
C SER B 146 14.93 -2.43 -14.48
N ILE B 147 15.10 -1.11 -14.48
CA ILE B 147 15.75 -0.40 -13.39
C ILE B 147 15.09 0.94 -13.10
N ASP B 148 15.42 1.50 -11.94
CA ASP B 148 15.03 2.85 -11.60
C ASP B 148 16.22 3.75 -12.00
N ILE B 149 16.06 4.61 -13.01
CA ILE B 149 17.19 5.43 -13.45
C ILE B 149 17.40 6.68 -12.61
N SER B 150 16.67 6.81 -11.50
CA SER B 150 16.80 8.01 -10.67
C SER B 150 18.24 8.24 -10.25
N PHE B 151 18.90 7.22 -9.72
CA PHE B 151 20.22 7.42 -9.13
C PHE B 151 21.32 7.70 -10.18
N PRO B 152 21.34 6.93 -11.30
CA PRO B 152 22.32 7.23 -12.35
C PRO B 152 22.25 8.67 -12.85
N VAL B 153 21.02 9.17 -13.04
CA VAL B 153 20.81 10.54 -13.52
C VAL B 153 21.28 11.58 -12.51
N PHE B 154 20.90 11.36 -11.25
CA PHE B 154 21.37 12.13 -10.10
C PHE B 154 22.89 12.28 -10.10
N VAL B 155 23.59 11.16 -10.25
CA VAL B 155 25.04 11.17 -10.24
C VAL B 155 25.59 12.02 -11.38
N ALA B 156 24.98 11.92 -12.56
CA ALA B 156 25.43 12.70 -13.72
C ALA B 156 25.27 14.20 -13.49
N VAL B 157 24.10 14.62 -13.01
CA VAL B 157 23.86 16.05 -12.79
C VAL B 157 24.56 16.57 -11.54
N THR B 158 24.88 15.68 -10.60
CA THR B 158 25.66 16.08 -9.44
C THR B 158 27.10 16.40 -9.83
N ASN B 159 27.68 15.59 -10.71
CA ASN B 159 29.04 15.86 -11.15
C ASN B 159 29.08 17.12 -11.99
N VAL B 160 28.06 17.35 -12.82
CA VAL B 160 27.95 18.60 -13.58
C VAL B 160 27.87 19.81 -12.65
N ILE B 161 27.05 19.75 -11.61
CA ILE B 161 26.92 20.94 -10.77
C ILE B 161 28.16 21.09 -9.88
N SER B 162 28.79 19.99 -9.54
CA SER B 162 29.96 20.01 -8.66
C SER B 162 31.15 20.59 -9.39
N LEU B 163 31.23 20.35 -10.70
CA LEU B 163 32.29 20.95 -11.51
C LEU B 163 32.08 22.46 -11.60
N ILE B 164 30.83 22.87 -11.81
CA ILE B 164 30.46 24.29 -11.93
C ILE B 164 30.70 25.02 -10.62
N CYS B 165 30.57 24.31 -9.50
CA CYS B 165 30.71 24.90 -8.18
C CYS B 165 32.15 24.89 -7.65
N PHE B 166 32.88 23.81 -7.94
CA PHE B 166 34.14 23.50 -7.28
C PHE B 166 35.23 23.00 -8.22
N ASN B 167 34.91 22.87 -9.51
CA ASN B 167 35.77 22.14 -10.44
C ASN B 167 36.20 20.75 -9.91
N THR B 168 35.24 20.01 -9.36
CA THR B 168 35.48 18.65 -8.92
C THR B 168 34.29 17.76 -9.25
N SER B 169 34.56 16.47 -9.33
CA SER B 169 33.52 15.49 -9.54
C SER B 169 33.91 14.21 -8.80
N TYR B 170 32.95 13.32 -8.68
CA TYR B 170 33.08 12.12 -7.87
C TYR B 170 33.41 10.96 -8.76
N LYS B 171 34.29 10.08 -8.29
CA LYS B 171 34.59 8.88 -9.05
C LYS B 171 33.38 7.96 -8.96
N ASN B 172 33.28 7.03 -9.90
CA ASN B 172 32.23 6.02 -9.83
C ASN B 172 32.25 5.36 -8.45
N GLY B 173 31.07 5.10 -7.90
CA GLY B 173 30.95 4.36 -6.66
C GLY B 173 31.35 5.13 -5.41
N ASP B 174 31.63 6.42 -5.56
CA ASP B 174 32.01 7.23 -4.39
C ASP B 174 30.84 7.28 -3.41
N PRO B 175 31.08 6.87 -2.15
CA PRO B 175 29.95 6.79 -1.23
C PRO B 175 29.30 8.13 -0.91
N GLU B 176 30.04 9.22 -1.06
CA GLU B 176 29.51 10.54 -0.78
C GLU B 176 28.27 10.86 -1.63
N LEU B 177 28.19 10.31 -2.83
CA LEU B 177 27.01 10.51 -3.67
C LEU B 177 25.76 9.96 -3.00
N ASN B 178 25.90 8.83 -2.30
CA ASN B 178 24.81 8.23 -1.55
C ASN B 178 24.44 9.06 -0.32
N VAL B 179 25.45 9.67 0.29
CA VAL B 179 25.24 10.53 1.45
C VAL B 179 24.38 11.73 1.07
N ILE B 180 24.66 12.31 -0.09
CA ILE B 180 23.96 13.51 -0.55
C ILE B 180 22.54 13.15 -0.94
N GLN B 181 22.39 12.06 -1.67
CA GLN B 181 21.08 11.54 -2.03
C GLN B 181 20.22 11.43 -0.78
N ASN B 182 20.80 10.86 0.26
CA ASN B 182 20.08 10.63 1.51
C ASN B 182 19.60 11.94 2.17
N TYR B 183 20.47 12.93 2.29
CA TYR B 183 20.06 14.15 2.98
C TYR B 183 19.19 15.03 2.08
N ASN B 184 19.35 14.95 0.76
CA ASN B 184 18.42 15.63 -0.15
C ASN B 184 17.00 15.11 0.04
N GLU B 185 16.84 13.79 0.00
CA GLU B 185 15.55 13.19 0.20
C GLU B 185 14.97 13.62 1.54
N GLY B 186 15.78 13.59 2.58
CA GLY B 186 15.30 13.87 3.92
C GLY B 186 14.94 15.33 4.12
N ILE B 187 15.69 16.21 3.48
CA ILE B 187 15.39 17.63 3.56
C ILE B 187 14.10 17.94 2.79
N ILE B 188 13.99 17.41 1.57
CA ILE B 188 12.81 17.66 0.74
C ILE B 188 11.57 17.13 1.45
N ASP B 189 11.65 15.91 1.97
CA ASP B 189 10.52 15.29 2.65
C ASP B 189 10.02 16.12 3.81
N ASN B 190 10.94 16.66 4.62
CA ASN B 190 10.60 17.42 5.83
C ASN B 190 10.46 18.93 5.62
N LEU B 191 10.80 19.43 4.44
CA LEU B 191 10.76 20.87 4.24
C LEU B 191 9.31 21.30 4.26
N SER B 192 8.46 20.47 3.68
CA SER B 192 7.02 20.71 3.67
C SER B 192 6.37 19.36 3.48
N LYS B 193 5.15 19.21 4.00
CA LYS B 193 4.46 17.96 3.88
C LYS B 193 4.08 17.77 2.43
N ASP B 194 3.45 18.80 1.87
CA ASP B 194 3.11 18.83 0.46
C ASP B 194 3.80 20.05 -0.14
N SER B 195 3.06 20.95 -0.77
CA SER B 195 3.70 22.15 -1.29
C SER B 195 4.08 23.04 -0.11
N LEU B 196 4.95 24.01 -0.38
CA LEU B 196 5.33 25.02 0.61
C LEU B 196 4.12 25.77 1.15
N VAL B 197 3.10 25.90 0.31
CA VAL B 197 1.88 26.58 0.73
C VAL B 197 0.97 25.68 1.57
N ASP B 198 0.75 26.09 2.81
CA ASP B 198 -0.22 25.46 3.70
C ASP B 198 -1.26 26.48 4.13
N LEU B 199 -2.52 26.06 4.14
CA LEU B 199 -3.59 26.92 4.64
C LEU B 199 -3.64 26.92 6.16
N VAL B 200 -3.09 25.87 6.78
CA VAL B 200 -3.08 25.76 8.24
C VAL B 200 -1.64 25.49 8.69
N PRO B 201 -1.17 26.19 9.74
CA PRO B 201 0.19 25.98 10.24
C PRO B 201 0.28 24.79 11.21
N TRP B 202 0.22 23.58 10.66
CA TRP B 202 0.07 22.39 11.48
C TRP B 202 1.24 22.18 12.42
N LEU B 203 2.46 22.49 11.99
CA LEU B 203 3.60 22.13 12.81
C LEU B 203 3.70 23.03 14.03
N LYS B 204 2.92 24.10 14.04
CA LYS B 204 2.85 24.97 15.20
C LYS B 204 1.69 24.56 16.10
N ILE B 205 0.80 23.71 15.61
CA ILE B 205 -0.45 23.39 16.30
C ILE B 205 -0.38 22.08 17.08
N PHE B 206 0.36 21.11 16.54
CA PHE B 206 0.46 19.79 17.16
C PHE B 206 1.91 19.39 17.35
N PRO B 207 2.20 18.71 18.47
CA PRO B 207 3.57 18.30 18.73
C PRO B 207 4.11 17.42 17.62
N ASN B 208 5.34 17.69 17.15
CA ASN B 208 5.94 16.87 16.09
C ASN B 208 7.44 17.11 15.99
N LYS B 209 8.10 16.29 15.19
CA LYS B 209 9.55 16.27 15.11
C LYS B 209 10.06 16.73 13.75
N THR B 210 9.20 17.37 12.97
CA THR B 210 9.58 17.84 11.63
C THR B 210 10.83 18.72 11.62
N LEU B 211 10.86 19.76 12.45
CA LEU B 211 12.00 20.69 12.45
C LEU B 211 13.26 20.00 12.97
N GLU B 212 13.07 19.18 13.98
CA GLU B 212 14.12 18.35 14.55
C GLU B 212 14.76 17.49 13.47
N LYS B 213 13.94 16.73 12.75
CA LYS B 213 14.40 15.92 11.64
C LYS B 213 15.05 16.77 10.55
N LEU B 214 14.44 17.91 10.26
CA LEU B 214 14.97 18.79 9.22
C LEU B 214 16.37 19.26 9.60
N LYS B 215 16.53 19.79 10.83
CA LYS B 215 17.85 20.20 11.31
C LYS B 215 18.90 19.10 11.18
N SER B 216 18.52 17.84 11.43
CA SER B 216 19.47 16.73 11.37
C SER B 216 20.04 16.60 9.98
N HIS B 217 19.16 16.58 8.99
CA HIS B 217 19.62 16.46 7.61
C HIS B 217 20.46 17.66 7.16
N VAL B 218 20.02 18.86 7.49
CA VAL B 218 20.74 20.08 7.16
C VAL B 218 22.10 20.16 7.87
N LYS B 219 22.20 19.57 9.06
CA LYS B 219 23.47 19.55 9.77
C LYS B 219 24.48 18.78 8.94
N ILE B 220 24.03 17.70 8.31
CA ILE B 220 24.92 16.88 7.49
C ILE B 220 25.27 17.59 6.18
N ARG B 221 24.28 18.22 5.57
CA ARG B 221 24.50 18.98 4.35
C ARG B 221 25.54 20.05 4.65
N ASN B 222 25.29 20.81 5.71
CA ASN B 222 26.19 21.90 6.09
C ASN B 222 27.59 21.40 6.43
N ASP B 223 27.67 20.32 7.19
CA ASP B 223 28.97 19.79 7.59
C ASP B 223 29.79 19.44 6.35
N LEU B 224 29.13 18.87 5.37
CA LEU B 224 29.81 18.39 4.16
C LEU B 224 30.31 19.55 3.31
N LEU B 225 29.54 20.64 3.24
CA LEU B 225 29.94 21.78 2.44
C LEU B 225 31.05 22.55 3.13
N ASN B 226 30.94 22.71 4.44
CA ASN B 226 32.00 23.34 5.22
C ASN B 226 33.37 22.70 4.93
N LYS B 227 33.41 21.37 5.01
CA LYS B 227 34.62 20.61 4.68
C LYS B 227 35.17 21.00 3.32
N ILE B 228 34.32 21.01 2.29
CA ILE B 228 34.75 21.38 0.95
C ILE B 228 35.24 22.84 0.93
N LEU B 229 34.58 23.71 1.68
CA LEU B 229 34.92 25.12 1.69
C LEU B 229 36.24 25.38 2.43
N GLU B 230 36.38 24.76 3.59
CA GLU B 230 37.58 24.95 4.40
C GLU B 230 38.79 24.33 3.69
N ASN B 231 38.57 23.21 3.02
CA ASN B 231 39.62 22.58 2.26
C ASN B 231 39.99 23.33 0.98
N TYR B 232 39.09 24.19 0.51
CA TYR B 232 39.28 24.87 -0.76
C TYR B 232 39.97 26.22 -0.60
N LYS B 233 40.04 26.71 0.63
CA LYS B 233 40.69 27.98 0.90
C LYS B 233 42.16 27.97 0.46
N GLU B 234 42.82 26.83 0.70
CA GLU B 234 44.21 26.66 0.31
C GLU B 234 44.37 26.78 -1.20
N LYS B 235 43.39 26.25 -1.93
CA LYS B 235 43.50 26.17 -3.39
C LYS B 235 43.15 27.48 -4.09
N PHE B 236 42.45 28.38 -3.41
CA PHE B 236 42.00 29.59 -4.06
C PHE B 236 43.16 30.48 -4.50
N ARG B 237 43.13 30.84 -5.79
CA ARG B 237 44.12 31.73 -6.37
C ARG B 237 43.39 32.81 -7.17
N SER B 238 43.57 34.06 -6.77
CA SER B 238 42.81 35.19 -7.32
C SER B 238 42.93 35.34 -8.84
N ASP B 239 43.95 34.71 -9.42
CA ASP B 239 44.16 34.76 -10.86
C ASP B 239 43.47 33.60 -11.56
N SER B 240 42.83 32.73 -10.78
CA SER B 240 42.17 31.53 -11.31
C SER B 240 40.69 31.47 -10.95
N ILE B 241 39.85 32.09 -11.78
CA ILE B 241 38.41 32.12 -11.55
C ILE B 241 37.67 31.27 -12.58
N THR B 242 37.35 30.03 -12.21
CA THR B 242 36.83 29.05 -13.15
C THR B 242 35.60 28.30 -12.61
N ASN B 243 35.11 28.73 -11.45
CA ASN B 243 33.94 28.10 -10.87
C ASN B 243 33.28 28.98 -9.82
N MET B 244 32.17 28.50 -9.26
CA MET B 244 31.33 29.33 -8.41
C MET B 244 31.96 29.69 -7.08
N LEU B 245 32.74 28.78 -6.50
CA LEU B 245 33.33 29.09 -5.20
C LEU B 245 34.37 30.19 -5.40
N ASP B 246 35.02 30.22 -6.56
CA ASP B 246 36.01 31.24 -6.83
C ASP B 246 35.32 32.59 -6.91
N THR B 247 34.20 32.62 -7.63
CA THR B 247 33.51 33.87 -7.90
C THR B 247 33.12 34.49 -6.58
N LEU B 248 32.78 33.66 -5.62
CA LEU B 248 32.31 34.14 -4.33
C LEU B 248 33.47 34.57 -3.46
N MET B 249 34.50 33.73 -3.37
CA MET B 249 35.68 34.04 -2.57
C MET B 249 36.38 35.31 -3.07
N GLN B 250 36.52 35.43 -4.38
CA GLN B 250 37.08 36.62 -4.99
C GLN B 250 36.32 37.86 -4.53
N ALA B 251 34.99 37.74 -4.48
CA ALA B 251 34.13 38.87 -4.14
C ALA B 251 34.30 39.27 -2.69
N LYS B 252 34.63 38.30 -1.83
CA LYS B 252 34.96 38.61 -0.45
C LYS B 252 36.34 39.27 -0.39
N MET B 253 37.19 38.93 -1.36
CA MET B 253 38.57 39.39 -1.37
C MET B 253 38.73 40.77 -2.01
N ASN B 254 37.63 41.36 -2.48
CA ASN B 254 37.61 42.76 -2.89
C ASN B 254 36.79 43.56 -1.90
N SER B 255 35.97 42.84 -1.13
CA SER B 255 35.19 43.43 -0.07
C SER B 255 36.17 44.06 0.92
N ASP B 256 36.95 43.20 1.59
CA ASP B 256 38.20 43.59 2.22
C ASP B 256 39.16 43.32 1.09
N ASN B 257 40.12 44.21 0.83
CA ASN B 257 40.86 44.14 -0.45
C ASN B 257 42.06 43.18 -0.53
N GLY B 258 42.53 42.96 -1.76
CA GLY B 258 43.76 42.23 -2.04
C GLY B 258 43.79 40.80 -1.54
N PRO B 262 37.18 47.12 3.81
CA PRO B 262 35.92 46.36 3.95
C PRO B 262 34.72 47.12 3.39
N ASP B 263 33.87 46.42 2.62
CA ASP B 263 32.73 47.03 1.93
C ASP B 263 31.37 46.74 2.59
N GLN B 264 30.30 47.16 1.92
CA GLN B 264 28.95 46.71 2.23
C GLN B 264 28.89 45.20 2.04
N ASP B 265 29.71 44.70 1.11
CA ASP B 265 29.66 43.32 0.66
C ASP B 265 30.33 42.28 1.58
N SER B 266 31.21 42.73 2.48
CA SER B 266 32.03 41.80 3.27
C SER B 266 31.23 41.06 4.32
N GLU B 267 30.37 41.81 5.00
CA GLU B 267 29.44 41.27 5.97
C GLU B 267 28.53 40.25 5.25
N LEU B 268 28.28 40.54 3.98
CA LEU B 268 27.37 39.76 3.15
C LEU B 268 28.01 38.50 2.58
N LEU B 269 29.32 38.35 2.77
CA LEU B 269 30.06 37.28 2.10
C LEU B 269 30.83 36.40 3.09
N SER B 270 30.31 36.25 4.31
CA SER B 270 30.91 35.35 5.28
C SER B 270 30.81 33.93 4.77
N ASP B 271 31.44 33.00 5.47
CA ASP B 271 31.47 31.62 5.04
C ASP B 271 30.05 31.05 4.96
N ASN B 272 29.23 31.39 5.94
CA ASN B 272 27.85 30.92 5.99
C ASN B 272 27.04 31.37 4.78
N HIS B 273 27.23 32.62 4.39
CA HIS B 273 26.55 33.15 3.21
C HIS B 273 26.98 32.40 1.95
N ILE B 274 28.26 32.13 1.83
CA ILE B 274 28.82 31.42 0.69
C ILE B 274 28.33 29.98 0.71
N LEU B 275 28.50 29.32 1.85
CA LEU B 275 28.01 27.96 2.05
C LEU B 275 26.57 27.79 1.59
N THR B 276 25.69 28.71 2.03
CA THR B 276 24.27 28.55 1.79
C THR B 276 23.94 28.82 0.33
N THR B 277 24.74 29.65 -0.32
CA THR B 277 24.51 29.93 -1.74
C THR B 277 24.94 28.74 -2.59
N ILE B 278 26.09 28.15 -2.28
CA ILE B 278 26.52 26.91 -2.92
C ILE B 278 25.50 25.79 -2.68
N GLY B 279 24.98 25.69 -1.47
CA GLY B 279 23.99 24.66 -1.14
C GLY B 279 22.72 24.77 -1.97
N ASP B 280 22.26 25.99 -2.20
CA ASP B 280 21.10 26.27 -3.04
C ASP B 280 21.33 25.82 -4.48
N ILE B 281 22.50 26.14 -5.01
CA ILE B 281 22.81 25.81 -6.39
C ILE B 281 22.98 24.31 -6.51
N PHE B 282 23.80 23.75 -5.62
CA PHE B 282 24.01 22.32 -5.59
C PHE B 282 22.69 21.56 -5.55
N GLY B 283 21.81 21.95 -4.62
CA GLY B 283 20.55 21.25 -4.45
C GLY B 283 19.59 21.53 -5.58
N ALA B 284 19.53 22.77 -6.03
CA ALA B 284 18.67 23.11 -7.15
C ALA B 284 19.12 22.37 -8.41
N GLY B 285 20.42 22.46 -8.70
CA GLY B 285 20.95 21.87 -9.92
C GLY B 285 20.81 20.36 -9.99
N VAL B 286 20.67 19.72 -8.84
CA VAL B 286 20.54 18.26 -8.80
C VAL B 286 19.08 17.80 -8.81
N GLU B 287 18.26 18.39 -7.95
CA GLU B 287 16.91 17.89 -7.74
C GLU B 287 15.91 18.29 -8.83
N THR B 288 16.12 19.44 -9.47
CA THR B 288 15.20 19.87 -10.52
C THR B 288 15.36 19.07 -11.82
N THR B 289 16.60 18.86 -12.24
CA THR B 289 16.82 18.27 -13.54
C THR B 289 16.62 16.76 -13.51
N THR B 290 16.96 16.13 -12.40
CA THR B 290 16.69 14.72 -12.24
C THR B 290 15.19 14.47 -12.37
N SER B 291 14.42 15.25 -11.61
CA SER B 291 12.97 15.13 -11.62
C SER B 291 12.36 15.24 -13.02
N VAL B 292 12.76 16.26 -13.78
CA VAL B 292 12.18 16.49 -15.11
C VAL B 292 12.55 15.38 -16.10
N VAL B 293 13.74 14.82 -15.97
CA VAL B 293 14.14 13.71 -16.81
C VAL B 293 13.23 12.52 -16.49
N LYS B 294 12.99 12.26 -15.22
CA LYS B 294 12.11 11.18 -14.81
C LYS B 294 10.67 11.37 -15.34
N TRP B 295 10.16 12.58 -15.26
CA TRP B 295 8.84 12.90 -15.83
C TRP B 295 8.81 12.67 -17.34
N THR B 296 9.86 13.10 -18.01
CA THR B 296 9.88 13.04 -19.45
C THR B 296 9.88 11.60 -19.89
N LEU B 297 10.71 10.77 -19.26
CA LEU B 297 10.64 9.32 -19.52
C LEU B 297 9.24 8.80 -19.24
N ALA B 298 8.70 9.11 -18.06
CA ALA B 298 7.34 8.69 -17.70
C ALA B 298 6.32 8.98 -18.80
N PHE B 299 6.25 10.22 -19.29
CA PHE B 299 5.30 10.54 -20.37
C PHE B 299 5.57 9.72 -21.61
N LEU B 300 6.82 9.51 -21.94
CA LEU B 300 7.17 8.73 -23.12
C LEU B 300 6.67 7.28 -23.00
N LEU B 301 6.71 6.70 -21.81
CA LEU B 301 6.19 5.35 -21.61
C LEU B 301 4.69 5.32 -21.85
N HIS B 302 4.01 6.40 -21.45
CA HIS B 302 2.58 6.48 -21.68
C HIS B 302 2.24 6.83 -23.11
N ASN B 303 3.21 7.38 -23.85
CA ASN B 303 2.97 7.92 -25.20
C ASN B 303 3.95 7.41 -26.26
N PRO B 304 3.87 6.11 -26.57
CA PRO B 304 4.87 5.50 -27.45
C PRO B 304 4.89 6.08 -28.86
N GLN B 305 3.74 6.56 -29.35
CA GLN B 305 3.69 7.15 -30.68
C GLN B 305 4.64 8.35 -30.72
N VAL B 306 4.61 9.16 -29.68
CA VAL B 306 5.56 10.26 -29.60
C VAL B 306 6.99 9.73 -29.50
N LYS B 307 7.20 8.71 -28.66
CA LYS B 307 8.54 8.15 -28.47
C LYS B 307 9.09 7.67 -29.80
N LYS B 308 8.26 6.94 -30.54
CA LYS B 308 8.64 6.45 -31.85
C LYS B 308 9.07 7.61 -32.76
N LYS B 309 8.31 8.69 -32.75
CA LYS B 309 8.63 9.84 -33.60
C LYS B 309 9.94 10.51 -33.18
N LEU B 310 10.26 10.49 -31.87
CA LEU B 310 11.53 11.03 -31.40
C LEU B 310 12.72 10.19 -31.87
N TYR B 311 12.56 8.86 -31.89
CA TYR B 311 13.59 7.97 -32.44
C TYR B 311 13.84 8.27 -33.92
N GLU B 312 12.78 8.37 -34.71
CA GLU B 312 12.89 8.69 -36.13
C GLU B 312 13.53 10.04 -36.36
N GLU B 313 13.29 10.98 -35.44
CA GLU B 313 13.77 12.35 -35.60
C GLU B 313 15.28 12.38 -35.43
N ILE B 314 15.74 11.71 -34.38
CA ILE B 314 17.15 11.71 -34.06
C ILE B 314 17.91 10.82 -35.06
N ASP B 315 17.26 9.80 -35.57
CA ASP B 315 17.92 8.91 -36.52
C ASP B 315 18.18 9.69 -37.80
N GLN B 316 17.23 10.54 -38.17
CA GLN B 316 17.36 11.33 -39.40
C GLN B 316 18.34 12.48 -39.27
N ASN B 317 18.35 13.14 -38.12
CA ASN B 317 19.06 14.40 -37.97
C ASN B 317 20.43 14.33 -37.33
N VAL B 318 20.68 13.30 -36.53
CA VAL B 318 21.99 13.12 -35.90
C VAL B 318 22.61 11.80 -36.34
N GLY B 319 21.76 10.78 -36.50
CA GLY B 319 22.24 9.46 -36.86
C GLY B 319 23.12 8.83 -35.80
N PHE B 320 24.08 8.02 -36.23
CA PHE B 320 24.94 7.25 -35.32
C PHE B 320 26.42 7.51 -35.59
N SER B 321 26.70 8.37 -36.55
CA SER B 321 28.05 8.84 -36.85
C SER B 321 28.70 9.51 -35.64
N ARG B 322 27.88 10.10 -34.77
CA ARG B 322 28.39 10.84 -33.63
C ARG B 322 27.29 11.04 -32.57
N THR B 323 27.65 11.66 -31.45
CA THR B 323 26.71 11.87 -30.37
C THR B 323 26.02 13.22 -30.50
N PRO B 324 24.89 13.39 -29.81
CA PRO B 324 24.17 14.65 -30.01
C PRO B 324 24.91 15.82 -29.41
N THR B 325 24.59 16.99 -29.92
CA THR B 325 25.28 18.20 -29.55
C THR B 325 24.22 19.27 -29.31
N ILE B 326 24.57 20.31 -28.57
CA ILE B 326 23.65 21.43 -28.32
C ILE B 326 23.17 22.07 -29.63
N SER B 327 24.03 22.08 -30.63
CA SER B 327 23.66 22.54 -31.95
C SER B 327 22.45 21.79 -32.51
N ASP B 328 22.24 20.56 -32.05
CA ASP B 328 21.21 19.73 -32.64
C ASP B 328 19.80 20.20 -32.24
N ARG B 329 19.74 21.14 -31.31
CA ARG B 329 18.47 21.78 -30.95
C ARG B 329 17.73 22.32 -32.17
N ASN B 330 18.49 22.70 -33.19
CA ASN B 330 17.90 23.30 -34.40
C ASN B 330 17.10 22.30 -35.19
N ARG B 331 17.47 21.02 -35.08
CA ARG B 331 16.87 19.99 -35.92
C ARG B 331 16.02 18.99 -35.11
N LEU B 332 16.27 18.87 -33.82
CA LEU B 332 15.53 17.94 -32.97
C LEU B 332 14.37 18.67 -32.28
N LEU B 333 13.38 19.04 -33.10
CA LEU B 333 12.38 20.01 -32.71
C LEU B 333 11.24 19.37 -31.92
N LEU B 334 10.87 18.15 -32.28
CA LEU B 334 9.89 17.40 -31.50
C LEU B 334 10.44 17.12 -30.11
N LEU B 335 11.75 16.97 -29.99
CA LEU B 335 12.34 16.73 -28.69
C LEU B 335 12.24 17.99 -27.85
N GLU B 336 12.60 19.12 -28.46
CA GLU B 336 12.50 20.42 -27.80
C GLU B 336 11.05 20.71 -27.40
N ALA B 337 10.10 20.36 -28.27
CA ALA B 337 8.68 20.50 -27.95
C ALA B 337 8.20 19.58 -26.81
N THR B 338 8.73 18.36 -26.75
CA THR B 338 8.36 17.44 -25.68
C THR B 338 8.79 17.99 -24.33
N ILE B 339 9.99 18.55 -24.27
CA ILE B 339 10.48 19.14 -23.03
C ILE B 339 9.60 20.33 -22.63
N ARG B 340 9.25 21.18 -23.58
CA ARG B 340 8.36 22.32 -23.30
C ARG B 340 7.04 21.84 -22.76
N GLU B 341 6.54 20.75 -23.30
CA GLU B 341 5.24 20.24 -22.90
C GLU B 341 5.28 19.64 -21.49
N VAL B 342 6.37 18.98 -21.13
CA VAL B 342 6.51 18.44 -19.79
C VAL B 342 6.58 19.59 -18.78
N LEU B 343 7.34 20.62 -19.11
CA LEU B 343 7.45 21.77 -18.24
C LEU B 343 6.13 22.53 -18.11
N ARG B 344 5.23 22.34 -19.07
CA ARG B 344 3.87 22.89 -18.98
C ARG B 344 2.96 22.01 -18.11
N LEU B 345 2.85 20.73 -18.45
CA LEU B 345 1.91 19.81 -17.79
C LEU B 345 2.28 19.52 -16.35
N ARG B 346 3.56 19.33 -16.11
CA ARG B 346 4.06 19.05 -14.77
C ARG B 346 5.18 20.01 -14.48
N PRO B 347 4.83 21.26 -14.15
CA PRO B 347 5.90 22.22 -13.85
C PRO B 347 6.64 21.82 -12.59
N VAL B 348 7.95 22.04 -12.61
CA VAL B 348 8.79 21.77 -11.47
C VAL B 348 8.27 22.46 -10.22
N ALA B 349 7.83 23.71 -10.37
CA ALA B 349 7.20 24.48 -9.29
C ALA B 349 5.82 24.98 -9.71
N PRO B 350 4.79 24.14 -9.51
CA PRO B 350 3.45 24.54 -9.98
C PRO B 350 2.92 25.80 -9.31
N MET B 351 3.52 26.20 -8.18
CA MET B 351 3.20 27.48 -7.56
C MET B 351 4.48 28.28 -7.31
N LEU B 352 5.44 28.16 -8.22
CA LEU B 352 6.73 28.83 -8.08
C LEU B 352 7.23 28.63 -6.65
N ILE B 353 7.92 29.63 -6.12
CA ILE B 353 8.23 29.71 -4.71
C ILE B 353 7.44 30.92 -4.23
N PRO B 354 6.88 30.89 -3.01
CA PRO B 354 6.05 32.02 -2.55
C PRO B 354 6.75 33.36 -2.64
N HIS B 355 5.99 34.37 -3.07
CA HIS B 355 6.46 35.75 -3.12
C HIS B 355 5.88 36.56 -1.97
N LYS B 356 6.43 37.75 -1.76
CA LYS B 356 5.94 38.64 -0.72
C LYS B 356 5.99 40.09 -1.20
N ALA B 357 4.98 40.85 -0.81
CA ALA B 357 4.92 42.27 -1.18
C ALA B 357 5.89 43.06 -0.29
N ASN B 358 6.87 43.68 -0.94
CA ASN B 358 7.90 44.43 -0.22
C ASN B 358 7.37 45.75 0.30
N VAL B 359 6.37 46.27 -0.42
CA VAL B 359 5.73 47.52 -0.07
C VAL B 359 4.24 47.40 -0.43
N ASP B 360 3.41 48.30 0.10
CA ASP B 360 2.02 48.35 -0.34
C ASP B 360 2.03 48.47 -1.85
N SER B 361 1.15 47.73 -2.50
CA SER B 361 1.10 47.74 -3.95
C SER B 361 -0.31 47.36 -4.39
N SER B 362 -0.43 46.80 -5.58
CA SER B 362 -1.71 46.28 -6.02
C SER B 362 -1.50 45.19 -7.07
N ILE B 363 -2.54 44.41 -7.29
CA ILE B 363 -2.57 43.44 -8.36
C ILE B 363 -3.96 43.50 -8.96
N GLY B 364 -4.04 43.69 -10.27
CA GLY B 364 -5.34 43.80 -10.93
C GLY B 364 -6.23 44.85 -10.26
N GLU B 365 -5.59 45.93 -9.82
CA GLU B 365 -6.25 47.10 -9.24
C GLU B 365 -6.69 46.92 -7.78
N PHE B 366 -6.56 45.70 -7.26
CA PHE B 366 -6.81 45.45 -5.83
C PHE B 366 -5.60 45.78 -4.97
N ALA B 367 -5.83 46.42 -3.85
CA ALA B 367 -4.76 46.78 -2.94
C ALA B 367 -4.15 45.52 -2.34
N VAL B 368 -2.85 45.57 -2.10
CA VAL B 368 -2.13 44.48 -1.45
C VAL B 368 -1.18 45.12 -0.46
N ASP B 369 -1.36 44.79 0.83
CA ASP B 369 -0.52 45.35 1.88
C ASP B 369 0.92 44.83 1.84
N LYS B 370 1.83 45.66 2.33
CA LYS B 370 3.22 45.29 2.53
C LYS B 370 3.22 44.12 3.49
N GLY B 371 3.97 43.07 3.13
CA GLY B 371 4.06 41.90 3.96
C GLY B 371 3.09 40.81 3.57
N THR B 372 2.13 41.12 2.71
CA THR B 372 1.24 40.09 2.20
C THR B 372 2.02 39.08 1.39
N GLU B 373 1.74 37.81 1.64
CA GLU B 373 2.28 36.73 0.84
C GLU B 373 1.46 36.59 -0.43
N VAL B 374 2.16 36.49 -1.55
CA VAL B 374 1.53 36.35 -2.85
C VAL B 374 2.04 35.10 -3.55
N ILE B 375 1.10 34.34 -4.10
CA ILE B 375 1.41 33.06 -4.66
C ILE B 375 0.92 33.00 -6.10
N ILE B 376 1.82 32.69 -7.02
CA ILE B 376 1.46 32.51 -8.42
C ILE B 376 1.19 31.05 -8.76
N ASN B 377 -0.06 30.76 -9.08
CA ASN B 377 -0.49 29.42 -9.44
C ASN B 377 -0.13 29.10 -10.90
N LEU B 378 1.11 28.67 -11.13
CA LEU B 378 1.56 28.34 -12.48
C LEU B 378 0.70 27.23 -13.07
N TRP B 379 0.17 26.37 -12.20
CA TRP B 379 -0.63 25.24 -12.64
C TRP B 379 -1.93 25.76 -13.29
N ALA B 380 -2.53 26.79 -12.70
CA ALA B 380 -3.67 27.44 -13.33
C ALA B 380 -3.28 28.03 -14.69
N LEU B 381 -2.16 28.75 -14.72
CA LEU B 381 -1.70 29.40 -15.95
C LEU B 381 -1.46 28.38 -17.05
N HIS B 382 -0.98 27.20 -16.67
CA HIS B 382 -0.60 26.18 -17.65
C HIS B 382 -1.76 25.28 -18.03
N HIS B 383 -2.87 25.37 -17.31
CA HIS B 383 -4.03 24.56 -17.64
C HIS B 383 -5.25 25.39 -18.03
N ASN B 384 -5.07 26.71 -18.12
CA ASN B 384 -6.14 27.63 -18.51
C ASN B 384 -6.75 27.17 -19.81
N GLU B 385 -8.05 26.91 -19.75
CA GLU B 385 -8.80 26.32 -20.85
C GLU B 385 -8.93 27.26 -22.06
N LYS B 386 -8.88 28.56 -21.81
CA LYS B 386 -9.00 29.51 -22.89
C LYS B 386 -7.67 29.75 -23.58
N GLU B 387 -6.58 29.38 -22.91
CA GLU B 387 -5.25 29.66 -23.43
C GLU B 387 -4.59 28.45 -24.09
N TRP B 388 -5.21 27.30 -23.95
CA TRP B 388 -4.59 26.04 -24.34
C TRP B 388 -5.65 25.10 -24.90
N HIS B 389 -5.33 24.49 -26.03
CA HIS B 389 -6.17 23.44 -26.58
C HIS B 389 -5.92 22.18 -25.78
N GLN B 390 -7.00 21.60 -25.21
CA GLN B 390 -6.95 20.34 -24.45
C GLN B 390 -5.74 20.23 -23.52
N PRO B 391 -5.69 21.11 -22.50
CA PRO B 391 -4.52 21.30 -21.64
C PRO B 391 -4.22 20.09 -20.76
N ASP B 392 -5.22 19.25 -20.53
CA ASP B 392 -5.00 18.03 -19.76
C ASP B 392 -4.16 17.03 -20.55
N GLN B 393 -4.08 17.19 -21.87
CA GLN B 393 -3.38 16.23 -22.72
C GLN B 393 -1.91 16.53 -22.92
N PHE B 394 -1.10 15.47 -22.91
CA PHE B 394 0.30 15.57 -23.28
C PHE B 394 0.36 15.60 -24.80
N MET B 395 0.67 16.78 -25.37
CA MET B 395 0.70 16.98 -26.81
C MET B 395 1.87 17.87 -27.20
N PRO B 396 3.08 17.31 -27.37
CA PRO B 396 4.22 18.11 -27.82
C PRO B 396 3.96 18.91 -29.12
N GLU B 397 2.99 18.47 -29.91
CA GLU B 397 2.61 19.14 -31.16
C GLU B 397 2.17 20.59 -30.93
N ARG B 398 1.65 20.91 -29.74
CA ARG B 398 1.11 22.25 -29.50
C ARG B 398 2.21 23.29 -29.64
N PHE B 399 3.46 22.85 -29.49
CA PHE B 399 4.61 23.72 -29.54
C PHE B 399 5.33 23.67 -30.88
N LEU B 400 4.71 23.05 -31.87
CA LEU B 400 5.22 23.08 -33.24
C LEU B 400 4.18 23.68 -34.18
N ASN B 401 4.64 24.23 -35.29
CA ASN B 401 3.73 24.63 -36.35
C ASN B 401 3.11 23.37 -36.91
N PRO B 402 1.97 23.49 -37.59
CA PRO B 402 1.34 22.32 -38.22
C PRO B 402 2.29 21.48 -39.09
N ALA B 403 3.25 22.12 -39.77
CA ALA B 403 4.18 21.40 -40.65
C ALA B 403 5.14 20.50 -39.87
N GLY B 404 5.38 20.84 -38.61
CA GLY B 404 6.35 20.14 -37.79
C GLY B 404 7.73 20.70 -38.01
N THR B 405 7.82 21.88 -38.62
CA THR B 405 9.10 22.40 -39.13
C THR B 405 9.70 23.55 -38.32
N GLN B 406 8.94 24.13 -37.41
CA GLN B 406 9.55 25.02 -36.43
C GLN B 406 8.74 25.15 -35.15
N LEU B 407 9.45 25.47 -34.09
CA LEU B 407 8.84 25.71 -32.78
C LEU B 407 7.97 26.96 -32.79
N ILE B 408 6.89 26.95 -32.01
CA ILE B 408 6.06 28.12 -31.77
C ILE B 408 5.69 28.25 -30.29
N SER B 409 5.19 29.43 -29.91
CA SER B 409 4.69 29.70 -28.55
C SER B 409 3.18 29.91 -28.61
N PRO B 410 2.40 28.84 -28.49
CA PRO B 410 0.95 28.92 -28.77
C PRO B 410 0.19 29.70 -27.72
N SER B 411 0.82 29.96 -26.58
CA SER B 411 0.15 30.65 -25.49
C SER B 411 1.09 31.58 -24.73
N VAL B 412 0.54 32.73 -24.32
CA VAL B 412 1.27 33.65 -23.47
C VAL B 412 1.21 33.22 -22.00
N SER B 413 0.40 32.20 -21.70
CA SER B 413 0.25 31.73 -20.32
C SER B 413 1.22 30.59 -19.99
N TYR B 414 2.51 30.89 -20.12
CA TYR B 414 3.54 29.88 -20.08
C TYR B 414 4.80 30.52 -19.53
N LEU B 415 5.06 30.27 -18.25
CA LEU B 415 6.23 30.79 -17.57
C LEU B 415 6.91 29.70 -16.75
N PRO B 416 7.33 28.60 -17.39
CA PRO B 416 7.93 27.47 -16.64
C PRO B 416 9.08 27.87 -15.72
N PHE B 417 9.87 28.85 -16.13
CA PHE B 417 11.00 29.29 -15.33
C PHE B 417 10.74 30.56 -14.54
N GLY B 418 9.48 30.86 -14.33
CA GLY B 418 9.11 32.13 -13.72
C GLY B 418 9.46 33.31 -14.60
N ALA B 419 9.44 34.51 -14.02
CA ALA B 419 9.85 35.73 -14.73
C ALA B 419 10.21 36.84 -13.75
N GLY B 420 10.98 37.82 -14.22
CA GLY B 420 11.28 38.97 -13.39
C GLY B 420 12.36 38.73 -12.34
N PRO B 421 12.45 39.62 -11.34
CA PRO B 421 13.52 39.61 -10.35
C PRO B 421 13.86 38.25 -9.75
N ARG B 422 12.84 37.40 -9.56
CA ARG B 422 13.03 36.13 -8.86
C ARG B 422 13.02 34.91 -9.76
N SER B 423 13.08 35.15 -11.06
CA SER B 423 13.10 34.08 -12.04
C SER B 423 14.28 33.12 -11.83
N CYS B 424 14.23 32.01 -12.55
CA CYS B 424 15.21 30.94 -12.40
C CYS B 424 16.57 31.34 -12.95
N ILE B 425 17.62 31.21 -12.15
CA ILE B 425 18.97 31.53 -12.62
C ILE B 425 19.69 30.35 -13.26
N GLY B 426 19.12 29.14 -13.18
CA GLY B 426 19.76 27.96 -13.74
C GLY B 426 19.12 27.44 -15.01
N GLU B 427 18.35 28.31 -15.65
CA GLU B 427 17.53 27.89 -16.77
C GLU B 427 18.35 27.43 -17.95
N ILE B 428 19.46 28.11 -18.21
CA ILE B 428 20.33 27.73 -19.32
C ILE B 428 20.95 26.36 -19.05
N LEU B 429 21.42 26.15 -17.82
CA LEU B 429 21.90 24.83 -17.42
C LEU B 429 20.82 23.76 -17.59
N ALA B 430 19.59 24.09 -17.23
CA ALA B 430 18.54 23.09 -17.20
C ALA B 430 18.21 22.64 -18.60
N ARG B 431 18.06 23.61 -19.50
CA ARG B 431 17.66 23.29 -20.86
C ARG B 431 18.74 22.52 -21.58
N GLN B 432 20.00 22.77 -21.25
CA GLN B 432 21.08 22.03 -21.88
C GLN B 432 21.15 20.60 -21.35
N GLU B 433 21.05 20.42 -20.04
CA GLU B 433 21.03 19.08 -19.45
C GLU B 433 19.81 18.27 -19.90
N LEU B 434 18.63 18.86 -19.86
CA LEU B 434 17.44 18.17 -20.31
C LEU B 434 17.62 17.76 -21.75
N PHE B 435 17.97 18.69 -22.62
CA PHE B 435 18.03 18.37 -24.05
C PHE B 435 19.09 17.30 -24.36
N LEU B 436 20.26 17.43 -23.74
CA LEU B 436 21.35 16.50 -24.01
C LEU B 436 21.11 15.11 -23.39
N ILE B 437 20.53 15.07 -22.19
CA ILE B 437 20.31 13.78 -21.56
C ILE B 437 19.32 12.98 -22.41
N MET B 438 18.22 13.62 -22.80
CA MET B 438 17.20 12.94 -23.61
C MET B 438 17.74 12.52 -24.99
N ALA B 439 18.49 13.39 -25.65
CA ALA B 439 18.98 13.11 -26.99
C ALA B 439 19.97 11.95 -26.96
N TRP B 440 20.88 12.01 -26.01
CA TRP B 440 21.82 10.92 -25.81
C TRP B 440 21.15 9.59 -25.51
N LEU B 441 20.13 9.57 -24.65
CA LEU B 441 19.47 8.32 -24.27
C LEU B 441 18.68 7.74 -25.45
N LEU B 442 17.93 8.59 -26.15
CA LEU B 442 17.11 8.14 -27.28
C LEU B 442 17.94 7.52 -28.41
N GLN B 443 19.11 8.09 -28.65
CA GLN B 443 20.02 7.58 -29.65
C GLN B 443 20.45 6.14 -29.32
N ARG B 444 20.78 5.92 -28.05
CA ARG B 444 21.40 4.68 -27.60
C ARG B 444 20.43 3.57 -27.14
N PHE B 445 19.27 3.93 -26.56
CA PHE B 445 18.43 2.96 -25.85
C PHE B 445 16.95 2.94 -26.25
N ASP B 446 16.41 1.73 -26.43
CA ASP B 446 14.98 1.51 -26.37
C ASP B 446 14.57 1.58 -24.92
N LEU B 447 13.56 2.41 -24.63
CA LEU B 447 13.11 2.61 -23.26
C LEU B 447 11.65 2.19 -23.20
N GLU B 448 11.40 1.09 -22.52
CA GLU B 448 10.13 0.39 -22.62
C GLU B 448 9.52 0.13 -21.26
N VAL B 449 8.23 -0.17 -21.27
CA VAL B 449 7.53 -0.56 -20.06
C VAL B 449 8.19 -1.84 -19.54
N PRO B 450 8.35 -1.96 -18.21
CA PRO B 450 8.90 -3.20 -17.63
C PRO B 450 8.01 -4.43 -17.87
N ASP B 451 8.60 -5.60 -17.70
CA ASP B 451 7.91 -6.86 -18.02
C ASP B 451 6.65 -7.06 -17.16
N ASP B 452 6.65 -6.50 -15.95
CA ASP B 452 5.45 -6.52 -15.10
C ASP B 452 4.29 -5.67 -15.62
N GLY B 453 4.55 -4.85 -16.64
CA GLY B 453 3.52 -4.05 -17.27
C GLY B 453 3.14 -2.75 -16.56
N GLN B 454 3.72 -2.51 -15.39
CA GLN B 454 3.44 -1.30 -14.63
C GLN B 454 3.86 -0.03 -15.40
N LEU B 455 2.97 0.95 -15.41
CA LEU B 455 3.26 2.26 -15.99
C LEU B 455 3.43 3.26 -14.85
N PRO B 456 4.32 4.23 -15.04
CA PRO B 456 4.46 5.21 -13.96
C PRO B 456 3.17 5.98 -13.73
N SER B 457 2.96 6.44 -12.50
CA SER B 457 1.82 7.27 -12.18
C SER B 457 2.16 8.69 -12.52
N LEU B 458 1.36 9.29 -13.39
CA LEU B 458 1.60 10.66 -13.82
C LEU B 458 0.99 11.70 -12.87
N GLU B 459 0.46 11.25 -11.74
CA GLU B 459 -0.22 12.12 -10.80
C GLU B 459 0.77 13.04 -10.12
N GLY B 460 1.92 12.47 -9.74
CA GLY B 460 2.97 13.24 -9.09
C GLY B 460 2.81 13.36 -7.58
N ILE B 461 3.83 13.91 -6.95
CA ILE B 461 3.85 14.11 -5.51
C ILE B 461 4.30 15.53 -5.22
N PRO B 462 3.36 16.44 -4.97
CA PRO B 462 3.85 17.80 -4.73
C PRO B 462 4.68 17.95 -3.46
N LYS B 463 5.94 18.35 -3.65
CA LYS B 463 6.78 18.79 -2.55
C LYS B 463 7.26 20.20 -2.91
N VAL B 464 8.38 20.63 -2.36
CA VAL B 464 8.95 21.94 -2.70
C VAL B 464 9.30 21.93 -4.18
N VAL B 465 9.51 20.74 -4.71
CA VAL B 465 9.57 20.47 -6.14
C VAL B 465 8.43 19.49 -6.45
N PHE B 466 7.94 19.46 -7.68
CA PHE B 466 6.84 18.56 -8.05
C PHE B 466 7.39 17.22 -8.57
N LEU B 467 7.42 16.20 -7.71
CA LEU B 467 8.11 14.95 -8.02
C LEU B 467 7.21 13.88 -8.62
N ILE B 468 7.83 12.90 -9.26
CA ILE B 468 7.11 11.72 -9.69
C ILE B 468 7.49 10.54 -8.81
N ASP B 469 6.51 9.67 -8.58
CA ASP B 469 6.75 8.37 -7.96
C ASP B 469 7.85 7.63 -8.70
N SER B 470 8.67 6.92 -7.96
CA SER B 470 9.69 6.10 -8.58
C SER B 470 9.01 5.01 -9.42
N PHE B 471 9.64 4.66 -10.54
CA PHE B 471 9.14 3.65 -11.45
C PHE B 471 10.32 3.04 -12.16
N LYS B 472 10.10 1.93 -12.85
CA LYS B 472 11.18 1.30 -13.61
C LYS B 472 11.00 1.43 -15.12
N VAL B 473 12.10 1.29 -15.84
CA VAL B 473 12.10 1.31 -17.28
C VAL B 473 12.96 0.13 -17.76
N LYS B 474 12.47 -0.59 -18.78
CA LYS B 474 13.28 -1.64 -19.39
C LYS B 474 14.22 -0.95 -20.33
N ILE B 475 15.51 -1.04 -20.05
CA ILE B 475 16.51 -0.44 -20.91
C ILE B 475 17.23 -1.49 -21.80
N LYS B 476 17.15 -1.27 -23.10
CA LYS B 476 17.77 -2.14 -24.10
C LYS B 476 18.59 -1.30 -25.09
N VAL B 477 19.78 -1.78 -25.46
CA VAL B 477 20.57 -1.10 -26.50
C VAL B 477 19.81 -1.24 -27.81
N ARG B 478 19.57 -0.11 -28.47
CA ARG B 478 18.89 -0.15 -29.76
C ARG B 478 19.74 -0.94 -30.74
N GLN B 479 19.11 -1.75 -31.56
CA GLN B 479 19.85 -2.49 -32.57
C GLN B 479 20.55 -1.55 -33.56
N ALA B 480 19.89 -0.42 -33.90
CA ALA B 480 20.48 0.54 -34.82
C ALA B 480 21.80 1.14 -34.29
N TRP B 481 21.91 1.27 -32.97
CA TRP B 481 23.14 1.80 -32.38
C TRP B 481 24.23 0.74 -32.40
N ARG B 482 23.83 -0.51 -32.17
CA ARG B 482 24.75 -1.63 -32.12
C ARG B 482 25.25 -1.97 -33.51
N GLU B 483 24.33 -2.07 -34.46
CA GLU B 483 24.67 -2.32 -35.86
C GLU B 483 25.67 -1.28 -36.37
N ALA B 484 25.51 -0.06 -35.90
CA ALA B 484 26.41 1.04 -36.27
C ALA B 484 27.75 0.99 -35.54
N GLN B 485 27.97 -0.06 -34.76
CA GLN B 485 29.30 -0.32 -34.20
C GLN B 485 30.02 -1.32 -35.09
N LEU C 13 -7.56 51.18 -3.51
CA LEU C 13 -8.92 51.49 -3.05
C LEU C 13 -9.88 50.28 -3.11
N LEU C 14 -9.64 49.38 -4.05
CA LEU C 14 -10.46 48.19 -4.25
C LEU C 14 -9.92 47.02 -3.41
N SER C 15 -10.81 46.16 -2.89
CA SER C 15 -10.39 45.08 -2.00
C SER C 15 -10.68 43.67 -2.55
N LEU C 16 -9.68 42.80 -2.43
CA LEU C 16 -9.76 41.41 -2.88
C LEU C 16 -10.92 40.67 -2.24
N PRO C 17 -11.40 39.61 -2.89
CA PRO C 17 -12.27 38.71 -2.12
C PRO C 17 -11.46 37.92 -1.09
N LEU C 18 -11.96 37.90 0.14
CA LEU C 18 -11.41 37.06 1.21
C LEU C 18 -12.31 35.84 1.33
N VAL C 19 -11.82 34.69 0.87
CA VAL C 19 -12.66 33.50 0.73
C VAL C 19 -12.30 32.39 1.72
N GLY C 20 -11.43 32.71 2.67
CA GLY C 20 -11.07 31.78 3.73
C GLY C 20 -10.46 32.56 4.89
N SER C 21 -10.88 32.24 6.09
CA SER C 21 -10.35 32.90 7.28
C SER C 21 -10.30 32.00 8.51
N LEU C 22 -9.25 32.18 9.30
CA LEU C 22 -9.15 31.61 10.63
C LEU C 22 -8.50 32.70 11.49
N PRO C 23 -9.33 33.66 11.98
CA PRO C 23 -8.80 34.89 12.58
C PRO C 23 -7.86 34.66 13.77
N PHE C 24 -7.96 33.48 14.38
CA PHE C 24 -7.15 33.15 15.53
C PHE C 24 -6.47 31.84 15.25
N LEU C 25 -5.44 31.53 16.03
CA LEU C 25 -4.72 30.27 15.87
C LEU C 25 -4.21 29.79 17.21
N PRO C 26 -4.35 28.48 17.48
CA PRO C 26 -4.09 27.92 18.82
C PRO C 26 -2.82 28.41 19.49
N ARG C 27 -3.00 29.35 20.41
CA ARG C 27 -1.96 29.68 21.37
C ARG C 27 -1.70 28.38 22.11
N HIS C 28 -0.43 27.96 22.13
CA HIS C 28 -0.11 26.58 22.47
C HIS C 28 -0.75 26.09 23.76
N GLY C 29 -1.22 24.86 23.68
CA GLY C 29 -2.03 24.22 24.71
C GLY C 29 -2.71 23.06 24.03
N HIS C 30 -3.45 22.27 24.78
CA HIS C 30 -4.22 21.18 24.20
C HIS C 30 -5.45 21.78 23.51
N MET C 31 -6.03 21.01 22.59
CA MET C 31 -7.14 21.51 21.82
C MET C 31 -8.28 21.93 22.72
N HIS C 32 -8.62 21.08 23.69
CA HIS C 32 -9.79 21.32 24.53
C HIS C 32 -9.63 22.61 25.32
N ASN C 33 -8.39 22.91 25.71
CA ASN C 33 -8.05 24.19 26.31
C ASN C 33 -8.29 25.37 25.38
N ASN C 34 -7.86 25.27 24.13
CA ASN C 34 -8.01 26.38 23.19
C ASN C 34 -9.46 26.59 22.77
N PHE C 35 -10.18 25.49 22.53
CA PHE C 35 -11.62 25.58 22.27
C PHE C 35 -12.32 26.25 23.45
N PHE C 36 -11.88 25.92 24.66
CA PHE C 36 -12.46 26.50 25.86
C PHE C 36 -12.21 28.00 25.89
N LYS C 37 -10.97 28.41 25.68
CA LYS C 37 -10.61 29.83 25.72
C LYS C 37 -11.38 30.64 24.67
N LEU C 38 -11.56 30.06 23.48
CA LEU C 38 -12.35 30.68 22.42
C LEU C 38 -13.77 31.06 22.86
N GLN C 39 -14.24 30.49 23.97
CA GLN C 39 -15.63 30.71 24.39
C GLN C 39 -15.87 32.10 24.93
N LYS C 40 -14.79 32.73 25.42
CA LYS C 40 -14.86 34.10 25.90
C LYS C 40 -15.22 35.05 24.78
N LYS C 41 -14.78 34.76 23.57
CA LYS C 41 -15.15 35.59 22.42
C LYS C 41 -16.42 35.14 21.71
N TYR C 42 -16.76 33.86 21.77
CA TYR C 42 -17.81 33.29 20.90
C TYR C 42 -18.93 32.63 21.66
N GLY C 43 -18.80 32.54 22.98
CA GLY C 43 -19.81 31.86 23.76
C GLY C 43 -19.66 30.35 23.64
N PRO C 44 -20.66 29.61 24.14
CA PRO C 44 -20.49 28.17 24.40
C PRO C 44 -20.91 27.27 23.24
N ILE C 45 -21.15 27.85 22.08
CA ILE C 45 -21.44 27.04 20.91
C ILE C 45 -21.04 27.82 19.65
N TYR C 46 -20.14 27.22 18.88
CA TYR C 46 -19.65 27.85 17.66
C TYR C 46 -19.18 26.79 16.69
N SER C 47 -19.04 27.18 15.42
CA SER C 47 -18.74 26.22 14.38
C SER C 47 -17.54 26.61 13.53
N VAL C 48 -17.05 25.64 12.76
CA VAL C 48 -15.97 25.83 11.80
C VAL C 48 -16.36 25.10 10.53
N ARG C 49 -16.10 25.74 9.39
CA ARG C 49 -16.41 25.15 8.11
C ARG C 49 -15.12 24.94 7.31
N MET C 50 -15.05 23.79 6.64
CA MET C 50 -13.95 23.47 5.75
C MET C 50 -14.57 22.74 4.60
N GLY C 51 -14.46 23.33 3.41
CA GLY C 51 -15.22 22.86 2.27
C GLY C 51 -16.67 22.74 2.69
N THR C 52 -17.21 21.53 2.58
CA THR C 52 -18.59 21.29 2.95
C THR C 52 -18.76 20.68 4.35
N LYS C 53 -17.66 20.37 5.03
CA LYS C 53 -17.75 19.83 6.39
C LYS C 53 -17.95 20.96 7.37
N THR C 54 -18.93 20.80 8.26
CA THR C 54 -19.10 21.70 9.40
C THR C 54 -18.88 20.96 10.71
N THR C 55 -18.26 21.62 11.67
CA THR C 55 -18.06 21.08 13.02
C THR C 55 -18.52 22.08 14.08
N VAL C 56 -19.32 21.61 15.04
CA VAL C 56 -19.79 22.43 16.14
C VAL C 56 -19.09 22.00 17.41
N ILE C 57 -18.61 22.96 18.20
CA ILE C 57 -18.04 22.65 19.50
C ILE C 57 -18.98 23.22 20.56
N VAL C 58 -19.26 22.43 21.59
CA VAL C 58 -20.21 22.81 22.64
C VAL C 58 -19.53 22.80 24.00
N GLY C 59 -19.70 23.89 24.75
CA GLY C 59 -18.88 24.12 25.92
C GLY C 59 -19.64 24.45 27.18
N HIS C 60 -20.94 24.21 27.17
CA HIS C 60 -21.79 24.51 28.33
C HIS C 60 -22.69 23.31 28.60
N HIS C 61 -22.94 23.00 29.87
CA HIS C 61 -23.59 21.75 30.23
C HIS C 61 -25.00 21.64 29.71
N GLN C 62 -25.68 22.78 29.62
CA GLN C 62 -27.07 22.81 29.17
C GLN C 62 -27.16 22.41 27.70
N LEU C 63 -26.25 22.92 26.89
CA LEU C 63 -26.23 22.56 25.48
C LEU C 63 -25.74 21.12 25.30
N ALA C 64 -24.77 20.71 26.12
CA ALA C 64 -24.28 19.33 26.06
C ALA C 64 -25.41 18.35 26.33
N LYS C 65 -26.18 18.60 27.39
CA LYS C 65 -27.22 17.67 27.79
C LYS C 65 -28.33 17.58 26.75
N GLU C 66 -28.42 18.60 25.90
CA GLU C 66 -29.41 18.59 24.83
C GLU C 66 -28.93 17.65 23.72
N VAL C 67 -27.66 17.77 23.37
CA VAL C 67 -27.05 16.88 22.38
C VAL C 67 -27.07 15.44 22.86
N LEU C 68 -26.67 15.23 24.11
CA LEU C 68 -26.44 13.87 24.57
C LEU C 68 -27.73 13.18 24.99
N ILE C 69 -28.69 13.94 25.52
CA ILE C 69 -29.84 13.33 26.16
C ILE C 69 -31.18 13.74 25.54
N LYS C 70 -31.53 15.01 25.65
CA LYS C 70 -32.82 15.51 25.16
C LYS C 70 -33.02 15.24 23.67
N LYS C 71 -31.94 15.29 22.90
CA LYS C 71 -31.97 14.92 21.48
C LYS C 71 -30.87 13.91 21.15
N GLY C 72 -30.61 13.02 22.10
CA GLY C 72 -29.58 12.00 21.98
C GLY C 72 -29.60 11.25 20.66
N LYS C 73 -30.75 10.73 20.25
CA LYS C 73 -30.84 9.98 19.00
C LYS C 73 -30.52 10.84 17.77
N ASP C 74 -30.86 12.12 17.79
CA ASP C 74 -30.53 13.02 16.68
C ASP C 74 -29.02 13.15 16.50
N PHE C 75 -28.29 13.10 17.62
CA PHE C 75 -26.86 13.33 17.61
C PHE C 75 -26.03 12.09 17.98
N SER C 76 -26.59 10.91 17.74
CA SER C 76 -25.95 9.67 18.18
C SER C 76 -25.05 9.05 17.11
N GLY C 77 -24.76 9.81 16.06
CA GLY C 77 -23.94 9.31 14.98
C GLY C 77 -22.47 9.51 15.29
N ARG C 78 -21.61 8.87 14.50
CA ARG C 78 -20.18 9.10 14.58
C ARG C 78 -19.74 9.56 13.21
N PRO C 79 -18.81 10.51 13.14
CA PRO C 79 -18.31 10.91 11.82
C PRO C 79 -17.26 9.96 11.31
N GLN C 80 -17.25 9.70 10.01
CA GLN C 80 -16.19 8.90 9.40
C GLN C 80 -14.88 9.67 9.39
N MET C 81 -13.83 9.05 9.91
CA MET C 81 -12.50 9.62 9.93
C MET C 81 -11.60 8.52 9.43
N ALA C 82 -10.69 8.85 8.52
CA ALA C 82 -9.77 7.86 7.97
C ALA C 82 -9.02 7.10 9.06
N THR C 83 -8.55 7.81 10.08
CA THR C 83 -7.75 7.16 11.12
C THR C 83 -8.59 6.12 11.87
N LEU C 84 -9.83 6.48 12.20
CA LEU C 84 -10.73 5.58 12.91
C LEU C 84 -11.13 4.37 12.06
N ASP C 85 -11.22 4.56 10.74
CA ASP C 85 -11.51 3.49 9.81
C ASP C 85 -10.53 2.34 9.98
N ILE C 86 -9.28 2.71 10.23
CA ILE C 86 -8.22 1.74 10.36
C ILE C 86 -8.36 0.97 11.69
N ALA C 87 -8.46 1.71 12.78
CA ALA C 87 -8.64 1.10 14.11
C ALA C 87 -9.92 0.25 14.23
N SER C 88 -10.97 0.66 13.56
CA SER C 88 -12.27 0.03 13.68
C SER C 88 -12.61 -0.94 12.54
N ASN C 89 -11.63 -1.23 11.69
CA ASN C 89 -11.84 -2.14 10.57
C ASN C 89 -13.06 -1.68 9.76
N ASN C 90 -13.05 -0.39 9.45
CA ASN C 90 -14.06 0.25 8.63
C ASN C 90 -15.41 0.45 9.35
N ARG C 91 -15.30 0.97 10.56
CA ARG C 91 -16.44 1.46 11.34
C ARG C 91 -17.32 0.32 11.81
N LYS C 92 -16.67 -0.79 12.15
CA LYS C 92 -17.29 -1.83 12.95
C LYS C 92 -16.96 -1.55 14.43
N GLY C 93 -17.33 -2.48 15.29
CA GLY C 93 -17.12 -2.29 16.72
C GLY C 93 -18.27 -1.47 17.29
N ILE C 94 -18.00 -0.76 18.37
CA ILE C 94 -19.02 0.02 19.04
C ILE C 94 -18.68 1.50 19.03
N ALA C 95 -17.50 1.84 19.54
CA ALA C 95 -17.14 3.24 19.79
C ALA C 95 -17.04 4.12 18.54
N PHE C 96 -16.67 3.52 17.42
CA PHE C 96 -16.44 4.28 16.20
C PHE C 96 -17.44 3.89 15.13
N ALA C 97 -18.33 2.97 15.49
CA ALA C 97 -19.41 2.59 14.60
C ALA C 97 -20.40 3.72 14.59
N ASP C 98 -20.87 4.08 13.40
CA ASP C 98 -21.91 5.08 13.26
C ASP C 98 -23.19 4.51 13.88
N SER C 99 -24.17 5.36 14.17
CA SER C 99 -25.43 4.92 14.75
C SER C 99 -26.11 3.99 13.76
N GLY C 100 -27.05 3.19 14.22
CA GLY C 100 -27.70 2.22 13.35
C GLY C 100 -27.62 0.80 13.87
N ALA C 101 -27.85 -0.16 12.97
CA ALA C 101 -28.16 -1.52 13.39
C ALA C 101 -26.92 -2.28 13.87
N HIS C 102 -25.78 -2.15 13.16
CA HIS C 102 -24.54 -2.76 13.61
C HIS C 102 -24.33 -2.32 15.05
N TRP C 103 -24.32 -1.01 15.24
CA TRP C 103 -23.94 -0.41 16.50
C TRP C 103 -24.88 -0.79 17.62
N GLN C 104 -26.18 -0.76 17.32
CA GLN C 104 -27.20 -1.03 18.34
C GLN C 104 -27.11 -2.47 18.82
N LEU C 105 -26.84 -3.38 17.89
CA LEU C 105 -26.74 -4.79 18.20
C LEU C 105 -25.53 -5.08 19.06
N HIS C 106 -24.37 -4.59 18.65
CA HIS C 106 -23.14 -4.89 19.36
C HIS C 106 -23.05 -4.19 20.71
N ARG C 107 -23.75 -3.06 20.84
CA ARG C 107 -23.74 -2.32 22.10
C ARG C 107 -24.62 -3.03 23.12
N ARG C 108 -25.75 -3.56 22.63
CA ARG C 108 -26.68 -4.27 23.47
C ARG C 108 -26.07 -5.60 23.97
N LEU C 109 -25.44 -6.35 23.07
CA LEU C 109 -24.78 -7.60 23.44
C LEU C 109 -23.61 -7.38 24.39
N ALA C 110 -22.90 -6.26 24.24
CA ALA C 110 -21.77 -6.00 25.13
C ALA C 110 -22.28 -5.69 26.52
N MET C 111 -23.31 -4.86 26.57
CA MET C 111 -23.92 -4.45 27.83
C MET C 111 -24.42 -5.69 28.55
N ALA C 112 -25.09 -6.55 27.78
CA ALA C 112 -25.67 -7.79 28.29
C ALA C 112 -24.63 -8.74 28.88
N THR C 113 -23.40 -8.68 28.38
CA THR C 113 -22.34 -9.51 28.91
C THR C 113 -21.97 -9.07 30.32
N PHE C 114 -21.91 -7.76 30.54
CA PHE C 114 -21.55 -7.23 31.84
C PHE C 114 -22.60 -7.67 32.85
N ALA C 115 -23.84 -7.70 32.40
CA ALA C 115 -24.99 -8.08 33.20
C ALA C 115 -24.87 -9.51 33.78
N LEU C 116 -24.01 -10.33 33.20
CA LEU C 116 -23.73 -11.64 33.78
C LEU C 116 -22.93 -11.52 35.07
N PHE C 117 -22.05 -10.53 35.12
CA PHE C 117 -21.07 -10.40 36.21
C PHE C 117 -21.63 -9.64 37.40
N LYS C 118 -22.95 -9.66 37.57
CA LYS C 118 -23.60 -8.97 38.68
C LYS C 118 -23.64 -9.78 39.98
N ASP C 119 -23.86 -11.10 39.86
CA ASP C 119 -24.33 -11.90 41.00
C ASP C 119 -23.37 -12.97 41.56
N GLY C 120 -23.04 -13.98 40.75
CA GLY C 120 -22.59 -15.27 41.29
C GLY C 120 -21.10 -15.51 41.37
N ASP C 121 -20.68 -16.69 40.88
CA ASP C 121 -19.26 -16.95 40.65
C ASP C 121 -18.88 -15.91 39.61
N GLN C 122 -17.58 -15.76 39.38
CA GLN C 122 -17.10 -14.73 38.45
C GLN C 122 -17.78 -13.38 38.72
N LYS C 123 -18.16 -13.14 39.98
CA LYS C 123 -18.66 -11.84 40.36
C LYS C 123 -17.51 -10.92 40.04
N LEU C 124 -17.84 -9.80 39.41
CA LEU C 124 -16.85 -8.90 38.90
C LEU C 124 -15.77 -8.61 39.96
N GLU C 125 -16.20 -8.49 41.20
CA GLU C 125 -15.29 -8.10 42.28
C GLU C 125 -14.24 -9.18 42.58
N LYS C 126 -14.66 -10.45 42.54
CA LYS C 126 -13.74 -11.55 42.74
C LYS C 126 -12.65 -11.51 41.67
N ILE C 127 -13.10 -11.36 40.41
CA ILE C 127 -12.19 -11.34 39.29
C ILE C 127 -11.17 -10.23 39.45
N ILE C 128 -11.65 -9.06 39.87
CA ILE C 128 -10.79 -7.89 40.03
C ILE C 128 -9.82 -8.04 41.19
N CYS C 129 -10.33 -8.34 42.38
CA CYS C 129 -9.47 -8.48 43.56
C CYS C 129 -8.41 -9.56 43.34
N GLN C 130 -8.77 -10.63 42.64
CA GLN C 130 -7.81 -11.67 42.31
C GLN C 130 -6.62 -11.11 41.54
N GLU C 131 -6.84 -10.12 40.69
CA GLU C 131 -5.76 -9.54 39.89
C GLU C 131 -5.00 -8.43 40.62
N ILE C 132 -5.68 -7.78 41.55
CA ILE C 132 -5.02 -6.76 42.36
C ILE C 132 -4.10 -7.43 43.38
N SER C 133 -4.45 -8.65 43.78
CA SER C 133 -3.62 -9.38 44.73
C SER C 133 -2.28 -9.63 44.08
N THR C 134 -2.33 -10.19 42.87
CA THR C 134 -1.12 -10.40 42.08
C THR C 134 -0.40 -9.08 41.87
N LEU C 135 -1.15 -8.00 41.63
CA LEU C 135 -0.56 -6.68 41.39
C LEU C 135 0.18 -6.19 42.62
N CYS C 136 -0.40 -6.43 43.78
CA CYS C 136 0.19 -5.94 45.01
C CYS C 136 1.44 -6.74 45.41
N ASP C 137 1.42 -8.05 45.15
CA ASP C 137 2.59 -8.89 45.38
C ASP C 137 3.74 -8.47 44.45
N MET C 138 3.42 -8.29 43.18
CA MET C 138 4.41 -7.87 42.20
C MET C 138 5.06 -6.54 42.62
N LEU C 139 4.26 -5.58 43.08
CA LEU C 139 4.81 -4.30 43.51
C LEU C 139 5.62 -4.44 44.80
N ALA C 140 5.25 -5.42 45.62
CA ALA C 140 5.94 -5.65 46.91
C ALA C 140 7.40 -6.02 46.73
N THR C 141 7.71 -6.69 45.62
CA THR C 141 9.07 -7.12 45.34
C THR C 141 9.95 -5.98 44.83
N HIS C 142 9.40 -4.77 44.82
CA HIS C 142 10.16 -3.58 44.47
C HIS C 142 10.24 -2.63 45.67
N ASN C 143 10.05 -3.16 46.86
CA ASN C 143 10.08 -2.35 48.07
C ASN C 143 11.36 -1.51 48.16
N GLY C 144 11.19 -0.20 48.28
CA GLY C 144 12.31 0.72 48.38
C GLY C 144 12.63 1.44 47.07
N GLN C 145 12.40 0.78 45.95
CA GLN C 145 12.74 1.34 44.64
C GLN C 145 11.77 2.40 44.14
N SER C 146 12.27 3.28 43.27
CA SER C 146 11.42 4.17 42.49
C SER C 146 11.13 3.51 41.16
N ILE C 147 9.84 3.40 40.80
CA ILE C 147 9.44 2.76 39.55
C ILE C 147 8.26 3.44 38.86
N ASP C 148 8.07 3.06 37.60
CA ASP C 148 6.88 3.38 36.84
C ASP C 148 5.97 2.17 36.96
N ILE C 149 4.78 2.36 37.53
CA ILE C 149 3.87 1.25 37.84
C ILE C 149 2.95 0.90 36.67
N SER C 150 3.20 1.50 35.51
CA SER C 150 2.36 1.27 34.33
C SER C 150 2.12 -0.21 34.04
N PHE C 151 3.20 -0.95 33.76
CA PHE C 151 3.08 -2.31 33.27
C PHE C 151 2.36 -3.26 34.26
N PRO C 152 2.77 -3.23 35.55
CA PRO C 152 2.03 -4.09 36.49
C PRO C 152 0.53 -3.77 36.61
N VAL C 153 0.16 -2.49 36.54
CA VAL C 153 -1.26 -2.11 36.53
C VAL C 153 -1.93 -2.59 35.24
N PHE C 154 -1.25 -2.39 34.12
CA PHE C 154 -1.69 -2.85 32.83
C PHE C 154 -1.98 -4.35 32.81
N VAL C 155 -1.18 -5.15 33.50
CA VAL C 155 -1.34 -6.60 33.50
C VAL C 155 -2.61 -6.97 34.25
N ALA C 156 -2.82 -6.32 35.38
CA ALA C 156 -3.98 -6.53 36.21
C ALA C 156 -5.28 -6.32 35.41
N VAL C 157 -5.44 -5.11 34.88
CA VAL C 157 -6.65 -4.76 34.14
C VAL C 157 -6.79 -5.58 32.86
N THR C 158 -5.67 -5.95 32.25
CA THR C 158 -5.69 -6.77 31.03
C THR C 158 -6.26 -8.13 31.35
N ASN C 159 -5.82 -8.70 32.47
CA ASN C 159 -6.36 -9.99 32.86
C ASN C 159 -7.83 -9.87 33.23
N VAL C 160 -8.20 -8.81 33.94
CA VAL C 160 -9.61 -8.61 34.24
C VAL C 160 -10.43 -8.66 32.94
N ILE C 161 -10.05 -7.82 31.97
CA ILE C 161 -10.84 -7.74 30.74
C ILE C 161 -10.69 -9.01 29.91
N SER C 162 -9.51 -9.64 29.96
CA SER C 162 -9.33 -10.90 29.25
C SER C 162 -10.29 -11.96 29.78
N LEU C 163 -10.50 -11.97 31.10
CA LEU C 163 -11.41 -12.95 31.69
C LEU C 163 -12.86 -12.65 31.31
N ILE C 164 -13.26 -11.38 31.32
CA ILE C 164 -14.58 -10.98 30.83
C ILE C 164 -14.81 -11.33 29.36
N CYS C 165 -13.76 -11.24 28.54
CA CYS C 165 -13.90 -11.53 27.10
C CYS C 165 -13.80 -12.99 26.71
N PHE C 166 -12.84 -13.72 27.30
CA PHE C 166 -12.52 -15.06 26.84
C PHE C 166 -12.52 -16.14 27.94
N ASN C 167 -12.68 -15.73 29.21
CA ASN C 167 -12.33 -16.57 30.35
C ASN C 167 -10.91 -17.12 30.23
N THR C 168 -9.97 -16.21 30.08
CA THR C 168 -8.55 -16.56 30.11
C THR C 168 -7.83 -15.38 30.72
N SER C 169 -6.74 -15.67 31.44
CA SER C 169 -5.86 -14.64 31.95
C SER C 169 -4.41 -15.05 31.71
N TYR C 170 -3.48 -14.10 31.88
CA TYR C 170 -2.05 -14.32 31.59
C TYR C 170 -1.24 -14.36 32.87
N LYS C 171 -0.40 -15.38 33.02
CA LYS C 171 0.54 -15.43 34.12
C LYS C 171 1.64 -14.40 33.86
N ASN C 172 2.16 -13.80 34.92
CA ASN C 172 3.27 -12.87 34.78
C ASN C 172 4.36 -13.47 33.91
N GLY C 173 4.98 -12.63 33.09
CA GLY C 173 6.05 -13.08 32.22
C GLY C 173 5.59 -13.60 30.87
N ASP C 174 4.30 -13.89 30.72
CA ASP C 174 3.77 -14.31 29.42
C ASP C 174 4.09 -13.19 28.41
N PRO C 175 4.75 -13.54 27.31
CA PRO C 175 5.17 -12.48 26.36
C PRO C 175 3.99 -11.75 25.71
N GLU C 176 2.87 -12.45 25.56
CA GLU C 176 1.70 -11.86 24.92
C GLU C 176 1.23 -10.59 25.66
N LEU C 177 1.56 -10.47 26.93
CA LEU C 177 1.26 -9.25 27.67
C LEU C 177 1.98 -8.06 27.06
N ASN C 178 3.24 -8.26 26.65
CA ASN C 178 4.05 -7.20 26.04
C ASN C 178 3.59 -6.88 24.64
N VAL C 179 3.22 -7.92 23.89
CA VAL C 179 2.63 -7.76 22.57
C VAL C 179 1.43 -6.82 22.64
N ILE C 180 0.43 -7.20 23.45
CA ILE C 180 -0.74 -6.38 23.68
C ILE C 180 -0.33 -4.96 24.05
N GLN C 181 0.58 -4.86 25.01
CA GLN C 181 0.99 -3.54 25.50
C GLN C 181 1.56 -2.67 24.39
N ASN C 182 2.39 -3.26 23.54
CA ASN C 182 3.07 -2.46 22.54
C ASN C 182 2.14 -1.98 21.45
N TYR C 183 1.24 -2.84 20.99
CA TYR C 183 0.34 -2.40 19.95
C TYR C 183 -0.73 -1.44 20.48
N ASN C 184 -1.05 -1.52 21.78
CA ASN C 184 -1.92 -0.52 22.40
C ASN C 184 -1.29 0.87 22.37
N GLU C 185 -0.05 0.93 22.80
CA GLU C 185 0.71 2.16 22.82
C GLU C 185 0.91 2.68 21.39
N GLY C 186 1.10 1.77 20.44
CA GLY C 186 1.38 2.14 19.08
C GLY C 186 0.16 2.67 18.36
N ILE C 187 -0.98 2.02 18.58
CA ILE C 187 -2.23 2.45 17.98
C ILE C 187 -2.67 3.79 18.55
N ILE C 188 -2.69 3.90 19.89
CA ILE C 188 -3.06 5.15 20.54
C ILE C 188 -2.15 6.26 20.05
N ASP C 189 -0.85 5.99 19.97
CA ASP C 189 0.10 7.04 19.63
C ASP C 189 -0.08 7.54 18.20
N ASN C 190 -0.49 6.65 17.30
CA ASN C 190 -0.57 6.96 15.89
C ASN C 190 -1.96 7.34 15.38
N LEU C 191 -2.97 7.18 16.21
CA LEU C 191 -4.34 7.51 15.83
C LEU C 191 -4.56 9.01 15.69
N SER C 192 -3.84 9.80 16.48
CA SER C 192 -4.04 11.25 16.51
C SER C 192 -2.97 11.92 17.36
N LYS C 193 -2.93 13.25 17.33
CA LYS C 193 -1.98 14.01 18.13
C LYS C 193 -2.70 14.96 19.07
N ASP C 194 -4.01 14.73 19.20
CA ASP C 194 -4.80 15.39 20.21
C ASP C 194 -6.09 14.59 20.29
N SER C 195 -7.09 15.10 21.01
CA SER C 195 -8.42 14.50 20.98
C SER C 195 -8.91 14.42 19.54
N LEU C 196 -9.84 13.50 19.31
CA LEU C 196 -10.41 13.28 17.98
C LEU C 196 -11.27 14.43 17.49
N VAL C 197 -11.04 14.84 16.24
CA VAL C 197 -11.87 15.82 15.53
C VAL C 197 -11.77 15.55 14.04
N ASP C 198 -12.90 15.52 13.32
CA ASP C 198 -12.83 15.27 11.89
C ASP C 198 -12.25 16.45 11.09
N LEU C 199 -12.13 17.62 11.70
CA LEU C 199 -11.53 18.77 11.04
C LEU C 199 -10.05 18.57 10.73
N VAL C 200 -9.41 17.71 11.52
CA VAL C 200 -7.98 17.47 11.34
C VAL C 200 -7.79 16.20 10.52
N PRO C 201 -7.16 16.32 9.34
CA PRO C 201 -6.84 15.11 8.57
C PRO C 201 -5.58 14.42 9.14
N TRP C 202 -5.80 13.71 10.24
CA TRP C 202 -4.74 13.18 11.10
C TRP C 202 -3.61 12.40 10.43
N LEU C 203 -3.91 11.67 9.36
CA LEU C 203 -2.89 10.84 8.74
C LEU C 203 -2.00 11.61 7.77
N LYS C 204 -2.47 12.79 7.34
CA LYS C 204 -1.83 13.53 6.25
C LYS C 204 -1.18 14.86 6.64
N ILE C 205 -1.15 15.22 7.93
CA ILE C 205 -0.68 16.57 8.32
C ILE C 205 0.83 16.68 8.46
N PHE C 206 1.50 15.59 8.83
CA PHE C 206 2.96 15.58 8.90
C PHE C 206 3.55 14.47 8.05
N PRO C 207 4.78 14.67 7.56
CA PRO C 207 5.53 13.64 6.84
C PRO C 207 6.24 12.71 7.80
N ASN C 208 5.49 11.79 8.41
CA ASN C 208 6.06 10.93 9.45
C ASN C 208 5.46 9.52 9.50
N LYS C 209 4.96 9.05 8.35
CA LYS C 209 4.63 7.63 8.23
C LYS C 209 3.58 7.20 9.26
N THR C 210 2.71 8.13 9.62
CA THR C 210 1.68 7.89 10.61
C THR C 210 0.75 6.78 10.16
N LEU C 211 0.34 6.84 8.90
CA LEU C 211 -0.52 5.79 8.35
C LEU C 211 0.16 4.41 8.44
N GLU C 212 1.41 4.32 7.99
CA GLU C 212 2.12 3.04 7.96
C GLU C 212 2.29 2.47 9.37
N LYS C 213 2.57 3.33 10.33
CA LYS C 213 2.74 2.88 11.70
C LYS C 213 1.43 2.37 12.31
N LEU C 214 0.35 3.12 12.12
CA LEU C 214 -0.96 2.76 12.62
C LEU C 214 -1.40 1.40 12.10
N LYS C 215 -1.33 1.24 10.78
CA LYS C 215 -1.65 -0.03 10.14
C LYS C 215 -0.85 -1.20 10.72
N SER C 216 0.45 -0.98 10.95
CA SER C 216 1.30 -2.08 11.40
C SER C 216 0.92 -2.54 12.82
N HIS C 217 0.50 -1.60 13.66
CA HIS C 217 0.08 -1.95 15.00
C HIS C 217 -1.34 -2.56 15.00
N VAL C 218 -2.22 -2.07 14.12
CA VAL C 218 -3.57 -2.60 14.04
C VAL C 218 -3.55 -4.01 13.49
N LYS C 219 -2.62 -4.27 12.58
CA LYS C 219 -2.49 -5.58 11.99
C LYS C 219 -2.11 -6.62 13.05
N ILE C 220 -1.23 -6.23 13.97
CA ILE C 220 -0.81 -7.13 15.04
C ILE C 220 -2.00 -7.42 15.95
N ARG C 221 -2.68 -6.38 16.40
CA ARG C 221 -3.94 -6.52 17.15
C ARG C 221 -4.92 -7.47 16.43
N ASN C 222 -5.19 -7.20 15.17
CA ASN C 222 -6.16 -8.00 14.44
C ASN C 222 -5.74 -9.47 14.33
N ASP C 223 -4.46 -9.69 14.06
CA ASP C 223 -3.96 -11.05 13.89
C ASP C 223 -4.03 -11.82 15.20
N LEU C 224 -3.80 -11.12 16.31
CA LEU C 224 -3.87 -11.77 17.59
C LEU C 224 -5.31 -12.18 17.88
N LEU C 225 -6.23 -11.23 17.73
CA LEU C 225 -7.63 -11.50 17.99
C LEU C 225 -8.22 -12.54 17.05
N ASN C 226 -7.74 -12.56 15.80
CA ASN C 226 -8.18 -13.59 14.87
C ASN C 226 -7.71 -14.95 15.37
N LYS C 227 -6.52 -15.00 15.94
CA LYS C 227 -6.00 -16.23 16.51
C LYS C 227 -6.84 -16.68 17.71
N ILE C 228 -7.08 -15.75 18.64
CA ILE C 228 -7.90 -16.05 19.81
C ILE C 228 -9.30 -16.50 19.41
N LEU C 229 -9.84 -15.92 18.35
CA LEU C 229 -11.21 -16.23 17.98
C LEU C 229 -11.36 -17.57 17.28
N GLU C 230 -10.36 -17.96 16.50
CA GLU C 230 -10.41 -19.21 15.75
C GLU C 230 -10.22 -20.38 16.71
N ASN C 231 -9.35 -20.18 17.69
CA ASN C 231 -9.06 -21.22 18.66
C ASN C 231 -10.28 -21.47 19.51
N TYR C 232 -11.01 -20.40 19.80
CA TYR C 232 -12.16 -20.51 20.69
C TYR C 232 -13.35 -21.18 20.01
N LYS C 233 -13.30 -21.31 18.69
CA LYS C 233 -14.44 -21.83 17.95
C LYS C 233 -14.85 -23.23 18.42
N GLU C 234 -13.88 -24.02 18.88
CA GLU C 234 -14.17 -25.39 19.30
C GLU C 234 -14.51 -25.53 20.79
N LYS C 235 -14.16 -24.54 21.61
CA LYS C 235 -14.55 -24.53 23.02
C LYS C 235 -15.97 -23.99 23.24
N PHE C 236 -16.49 -23.24 22.28
CA PHE C 236 -17.79 -22.63 22.45
C PHE C 236 -18.87 -23.69 22.59
N ARG C 237 -19.65 -23.59 23.66
CA ARG C 237 -20.84 -24.43 23.81
C ARG C 237 -22.05 -23.59 24.17
N SER C 238 -23.13 -23.77 23.41
CA SER C 238 -24.34 -22.96 23.55
C SER C 238 -24.86 -22.96 24.98
N ASP C 239 -24.71 -24.09 25.67
CA ASP C 239 -25.32 -24.25 26.98
C ASP C 239 -24.51 -23.59 28.08
N SER C 240 -23.43 -22.90 27.71
CA SER C 240 -22.62 -22.16 28.69
C SER C 240 -22.13 -20.81 28.15
N ILE C 241 -22.79 -19.75 28.60
CA ILE C 241 -22.51 -18.39 28.15
C ILE C 241 -21.99 -17.55 29.31
N THR C 242 -20.67 -17.39 29.37
CA THR C 242 -20.02 -16.81 30.54
C THR C 242 -19.09 -15.63 30.21
N ASN C 243 -18.97 -15.29 28.94
CA ASN C 243 -18.06 -14.23 28.55
C ASN C 243 -18.52 -13.55 27.26
N MET C 244 -17.81 -12.50 26.86
CA MET C 244 -18.26 -11.67 25.76
C MET C 244 -18.27 -12.42 24.47
N LEU C 245 -17.26 -13.25 24.27
CA LEU C 245 -17.15 -13.99 23.01
C LEU C 245 -18.26 -15.02 22.91
N ASP C 246 -18.63 -15.61 24.04
CA ASP C 246 -19.74 -16.52 24.10
C ASP C 246 -21.02 -15.81 23.68
N THR C 247 -21.27 -14.64 24.28
CA THR C 247 -22.47 -13.86 23.99
C THR C 247 -22.58 -13.52 22.50
N LEU C 248 -21.47 -13.10 21.90
CA LEU C 248 -21.46 -12.74 20.50
C LEU C 248 -21.66 -13.96 19.61
N MET C 249 -20.98 -15.06 19.96
CA MET C 249 -21.09 -16.30 19.20
C MET C 249 -22.49 -16.88 19.34
N GLN C 250 -23.05 -16.77 20.54
CA GLN C 250 -24.42 -17.20 20.76
C GLN C 250 -25.37 -16.42 19.87
N ALA C 251 -25.19 -15.10 19.84
CA ALA C 251 -26.07 -14.23 19.04
C ALA C 251 -26.01 -14.61 17.57
N LYS C 252 -24.81 -14.91 17.08
CA LYS C 252 -24.64 -15.31 15.69
C LYS C 252 -25.32 -16.64 15.40
N MET C 253 -25.19 -17.58 16.32
CA MET C 253 -25.78 -18.90 16.15
C MET C 253 -27.31 -18.75 16.02
N ASN C 254 -27.88 -18.00 16.97
CA ASN C 254 -29.32 -17.77 17.04
C ASN C 254 -29.87 -16.91 15.92
N SER C 255 -29.02 -16.13 15.28
CA SER C 255 -29.44 -15.33 14.13
C SER C 255 -29.55 -16.21 12.91
N ASP C 256 -28.77 -17.30 12.89
CA ASP C 256 -28.72 -18.26 11.78
C ASP C 256 -29.71 -19.41 11.98
N ASN C 257 -30.03 -19.70 13.24
CA ASN C 257 -31.17 -20.53 13.58
C ASN C 257 -32.46 -19.90 13.07
N GLY C 258 -33.58 -20.51 13.41
CA GLY C 258 -34.87 -19.88 13.18
C GLY C 258 -35.52 -20.47 11.96
N ASN C 259 -36.75 -20.94 12.13
CA ASN C 259 -37.48 -21.59 11.06
C ASN C 259 -37.76 -20.62 9.90
N ALA C 260 -37.70 -19.32 10.18
CA ALA C 260 -37.86 -18.30 9.13
C ALA C 260 -36.61 -18.20 8.25
N GLY C 261 -35.46 -18.51 8.84
CA GLY C 261 -34.19 -18.38 8.17
C GLY C 261 -33.30 -17.43 8.95
N PRO C 262 -32.20 -16.96 8.33
CA PRO C 262 -31.33 -15.94 8.93
C PRO C 262 -31.97 -14.56 8.94
N ASP C 263 -32.09 -13.95 10.12
CA ASP C 263 -32.75 -12.67 10.25
C ASP C 263 -31.80 -11.48 10.08
N GLN C 264 -32.31 -10.29 10.33
CA GLN C 264 -31.59 -9.04 10.20
C GLN C 264 -30.20 -9.05 10.87
N ASP C 265 -30.07 -9.80 11.96
CA ASP C 265 -28.86 -9.75 12.79
C ASP C 265 -27.69 -10.56 12.23
N SER C 266 -27.93 -11.36 11.19
CA SER C 266 -26.97 -12.36 10.76
C SER C 266 -25.70 -11.80 10.14
N GLU C 267 -25.87 -10.89 9.20
CA GLU C 267 -24.72 -10.28 8.52
C GLU C 267 -23.96 -9.33 9.46
N LEU C 268 -24.64 -8.88 10.52
CA LEU C 268 -24.04 -7.97 11.48
C LEU C 268 -23.12 -8.68 12.46
N LEU C 269 -23.09 -10.01 12.39
CA LEU C 269 -22.32 -10.82 13.35
C LEU C 269 -21.27 -11.71 12.66
N SER C 270 -20.67 -11.18 11.61
CA SER C 270 -19.58 -11.87 10.93
C SER C 270 -18.41 -11.89 11.89
N ASP C 271 -17.40 -12.70 11.58
CA ASP C 271 -16.21 -12.77 12.42
C ASP C 271 -15.52 -11.39 12.59
N ASN C 272 -15.43 -10.62 11.51
CA ASN C 272 -14.81 -9.31 11.64
C ASN C 272 -15.59 -8.35 12.55
N HIS C 273 -16.92 -8.43 12.55
CA HIS C 273 -17.74 -7.63 13.45
C HIS C 273 -17.49 -8.04 14.89
N ILE C 274 -17.47 -9.35 15.14
CA ILE C 274 -17.18 -9.87 16.47
C ILE C 274 -15.78 -9.46 16.92
N LEU C 275 -14.81 -9.64 16.05
CA LEU C 275 -13.45 -9.25 16.34
C LEU C 275 -13.32 -7.77 16.74
N THR C 276 -13.95 -6.87 15.99
CA THR C 276 -13.80 -5.44 16.27
C THR C 276 -14.48 -5.05 17.60
N THR C 277 -15.64 -5.63 17.89
CA THR C 277 -16.30 -5.36 19.17
C THR C 277 -15.43 -5.78 20.38
N ILE C 278 -14.92 -7.01 20.34
CA ILE C 278 -13.96 -7.47 21.36
C ILE C 278 -12.79 -6.50 21.44
N GLY C 279 -12.24 -6.17 20.27
CA GLY C 279 -11.12 -5.24 20.19
C GLY C 279 -11.41 -3.89 20.82
N ASP C 280 -12.64 -3.42 20.71
CA ASP C 280 -13.06 -2.18 21.35
C ASP C 280 -13.08 -2.35 22.85
N ILE C 281 -13.69 -3.45 23.30
CA ILE C 281 -13.91 -3.67 24.72
C ILE C 281 -12.58 -3.92 25.44
N PHE C 282 -11.80 -4.85 24.88
CA PHE C 282 -10.46 -5.16 25.36
C PHE C 282 -9.56 -3.91 25.44
N GLY C 283 -9.54 -3.10 24.39
CA GLY C 283 -8.72 -1.90 24.39
C GLY C 283 -9.20 -0.83 25.37
N ALA C 284 -10.52 -0.63 25.42
CA ALA C 284 -11.08 0.33 26.36
C ALA C 284 -10.82 -0.16 27.77
N GLY C 285 -10.99 -1.47 27.95
CA GLY C 285 -10.87 -2.10 29.25
C GLY C 285 -9.53 -1.83 29.90
N VAL C 286 -8.47 -1.77 29.10
CA VAL C 286 -7.13 -1.69 29.62
C VAL C 286 -6.59 -0.27 29.68
N GLU C 287 -6.83 0.52 28.64
CA GLU C 287 -6.14 1.80 28.51
C GLU C 287 -6.75 2.96 29.30
N THR C 288 -8.06 2.93 29.53
CA THR C 288 -8.72 3.98 30.28
C THR C 288 -8.45 3.84 31.77
N THR C 289 -8.72 2.65 32.29
CA THR C 289 -8.53 2.39 33.70
C THR C 289 -7.06 2.56 34.08
N THR C 290 -6.16 2.01 33.27
CA THR C 290 -4.72 2.16 33.53
C THR C 290 -4.36 3.62 33.60
N SER C 291 -5.06 4.48 32.84
CA SER C 291 -4.71 5.89 32.77
C SER C 291 -5.19 6.67 33.99
N VAL C 292 -6.43 6.40 34.40
CA VAL C 292 -6.99 7.05 35.57
C VAL C 292 -6.19 6.67 36.83
N VAL C 293 -5.77 5.42 36.93
CA VAL C 293 -4.95 5.00 38.07
C VAL C 293 -3.64 5.77 38.10
N LYS C 294 -3.02 5.95 36.93
CA LYS C 294 -1.76 6.67 36.87
C LYS C 294 -1.94 8.15 37.21
N TRP C 295 -3.08 8.72 36.82
CA TRP C 295 -3.37 10.13 37.09
C TRP C 295 -3.64 10.34 38.58
N THR C 296 -4.33 9.37 39.16
CA THR C 296 -4.76 9.48 40.54
C THR C 296 -3.52 9.48 41.45
N LEU C 297 -2.56 8.61 41.13
CA LEU C 297 -1.32 8.55 41.91
C LEU C 297 -0.49 9.80 41.71
N ALA C 298 -0.50 10.35 40.51
CA ALA C 298 0.25 11.57 40.24
C ALA C 298 -0.35 12.72 41.03
N PHE C 299 -1.66 12.68 41.26
CA PHE C 299 -2.29 13.73 42.01
C PHE C 299 -2.00 13.57 43.50
N LEU C 300 -1.96 12.32 43.97
CA LEU C 300 -1.68 12.08 45.38
C LEU C 300 -0.22 12.43 45.71
N LEU C 301 0.67 12.30 44.73
CA LEU C 301 2.04 12.79 44.88
C LEU C 301 2.09 14.32 44.98
N HIS C 302 1.11 14.99 44.40
CA HIS C 302 1.06 16.44 44.40
C HIS C 302 0.29 16.98 45.59
N ASN C 303 -0.42 16.10 46.30
CA ASN C 303 -1.20 16.50 47.46
C ASN C 303 -1.06 15.51 48.61
N PRO C 304 0.09 15.59 49.32
CA PRO C 304 0.39 14.78 50.51
C PRO C 304 -0.70 14.89 51.56
N GLN C 305 -1.25 16.10 51.68
CA GLN C 305 -2.35 16.38 52.58
C GLN C 305 -3.52 15.43 52.36
N VAL C 306 -3.99 15.38 51.12
CA VAL C 306 -5.08 14.49 50.77
C VAL C 306 -4.66 13.03 50.89
N LYS C 307 -3.40 12.73 50.57
CA LYS C 307 -2.94 11.34 50.58
C LYS C 307 -2.95 10.79 52.00
N LYS C 308 -2.68 11.65 52.98
CA LYS C 308 -2.66 11.22 54.38
C LYS C 308 -4.06 10.94 54.89
N LYS C 309 -5.00 11.85 54.60
CA LYS C 309 -6.39 11.68 55.02
C LYS C 309 -6.95 10.36 54.47
N LEU C 310 -6.46 9.91 53.32
CA LEU C 310 -6.88 8.64 52.73
C LEU C 310 -6.30 7.43 53.48
N TYR C 311 -5.04 7.52 53.83
CA TYR C 311 -4.41 6.50 54.65
C TYR C 311 -5.20 6.31 55.94
N GLU C 312 -5.53 7.42 56.59
CA GLU C 312 -6.35 7.41 57.80
C GLU C 312 -7.72 6.79 57.54
N GLU C 313 -8.38 7.22 56.48
CA GLU C 313 -9.69 6.68 56.12
C GLU C 313 -9.65 5.16 55.99
N ILE C 314 -8.72 4.63 55.21
CA ILE C 314 -8.73 3.20 54.96
C ILE C 314 -8.35 2.44 56.22
N ASP C 315 -7.47 3.03 57.00
CA ASP C 315 -7.05 2.38 58.23
C ASP C 315 -8.24 2.28 59.19
N GLN C 316 -8.89 3.40 59.47
CA GLN C 316 -10.07 3.43 60.33
C GLN C 316 -11.26 2.53 59.89
N ASN C 317 -11.46 2.35 58.58
CA ASN C 317 -12.68 1.67 58.07
C ASN C 317 -12.48 0.25 57.55
N VAL C 318 -11.28 -0.05 57.07
CA VAL C 318 -10.98 -1.40 56.59
C VAL C 318 -10.03 -2.09 57.56
N GLY C 319 -8.95 -1.39 57.91
CA GLY C 319 -7.94 -1.95 58.79
C GLY C 319 -6.98 -2.82 58.00
N PHE C 320 -6.46 -3.86 58.65
CA PHE C 320 -5.53 -4.78 58.00
C PHE C 320 -5.92 -6.25 58.16
N SER C 321 -7.05 -6.52 58.81
CA SER C 321 -7.49 -7.90 59.03
C SER C 321 -8.06 -8.53 57.77
N ARG C 322 -8.41 -7.70 56.79
CA ARG C 322 -8.96 -8.17 55.53
C ARG C 322 -8.59 -7.19 54.44
N THR C 323 -8.81 -7.56 53.19
CA THR C 323 -8.57 -6.68 52.06
C THR C 323 -9.84 -5.96 51.66
N PRO C 324 -9.71 -4.73 51.09
CA PRO C 324 -10.85 -3.94 50.63
C PRO C 324 -11.79 -4.71 49.73
N THR C 325 -13.08 -4.48 49.91
CA THR C 325 -14.11 -5.08 49.08
C THR C 325 -14.90 -3.93 48.46
N ILE C 326 -15.80 -4.26 47.54
CA ILE C 326 -16.61 -3.25 46.88
C ILE C 326 -17.54 -2.58 47.88
N SER C 327 -17.92 -3.36 48.90
CA SER C 327 -18.80 -2.88 49.95
C SER C 327 -18.21 -1.69 50.70
N ASP C 328 -16.90 -1.53 50.64
CA ASP C 328 -16.23 -0.40 51.29
C ASP C 328 -16.40 0.91 50.51
N ARG C 329 -17.14 0.88 49.40
CA ARG C 329 -17.40 2.12 48.68
C ARG C 329 -18.22 3.04 49.57
N ASN C 330 -19.06 2.44 50.41
CA ASN C 330 -19.90 3.17 51.34
C ASN C 330 -19.13 3.72 52.56
N ARG C 331 -17.87 3.34 52.70
CA ARG C 331 -17.11 3.71 53.89
C ARG C 331 -15.96 4.64 53.56
N LEU C 332 -15.28 4.36 52.45
CA LEU C 332 -14.13 5.14 52.02
C LEU C 332 -14.53 6.30 51.11
N LEU C 333 -15.34 7.20 51.65
CA LEU C 333 -15.95 8.28 50.88
C LEU C 333 -14.93 9.25 50.30
N LEU C 334 -13.87 9.51 51.05
CA LEU C 334 -12.85 10.42 50.56
C LEU C 334 -12.18 9.83 49.33
N LEU C 335 -11.95 8.52 49.34
CA LEU C 335 -11.34 7.85 48.18
C LEU C 335 -12.28 7.91 46.98
N GLU C 336 -13.56 7.69 47.25
CA GLU C 336 -14.57 7.77 46.22
C GLU C 336 -14.64 9.22 45.71
N ALA C 337 -14.46 10.18 46.59
CA ALA C 337 -14.42 11.59 46.19
C ALA C 337 -13.17 11.90 45.36
N THR C 338 -12.06 11.26 45.71
CA THR C 338 -10.78 11.47 45.03
C THR C 338 -10.86 10.97 43.58
N ILE C 339 -11.50 9.83 43.38
CA ILE C 339 -11.73 9.33 42.04
C ILE C 339 -12.65 10.25 41.21
N ARG C 340 -13.73 10.74 41.81
CA ARG C 340 -14.61 11.67 41.11
C ARG C 340 -13.86 12.91 40.67
N GLU C 341 -12.90 13.34 41.48
CA GLU C 341 -12.19 14.58 41.21
C GLU C 341 -11.19 14.40 40.10
N VAL C 342 -10.48 13.27 40.09
CA VAL C 342 -9.55 12.99 39.01
C VAL C 342 -10.32 12.90 37.68
N LEU C 343 -11.50 12.27 37.71
CA LEU C 343 -12.31 12.16 36.51
C LEU C 343 -12.94 13.52 36.14
N ARG C 344 -12.97 14.48 37.06
CA ARG C 344 -13.36 15.85 36.70
C ARG C 344 -12.20 16.62 36.08
N LEU C 345 -11.13 16.76 36.84
CA LEU C 345 -9.99 17.60 36.46
C LEU C 345 -9.27 17.11 35.22
N ARG C 346 -9.15 15.79 35.09
CA ARG C 346 -8.43 15.19 33.97
C ARG C 346 -9.26 14.09 33.40
N PRO C 347 -10.35 14.46 32.71
CA PRO C 347 -11.27 13.44 32.20
C PRO C 347 -10.59 12.51 31.21
N VAL C 348 -11.06 11.27 31.14
CA VAL C 348 -10.46 10.28 30.27
C VAL C 348 -10.63 10.70 28.81
N ALA C 349 -11.75 11.33 28.52
CA ALA C 349 -12.07 11.83 27.18
C ALA C 349 -12.50 13.27 27.30
N PRO C 350 -11.53 14.20 27.28
CA PRO C 350 -11.79 15.64 27.43
C PRO C 350 -12.83 16.17 26.45
N MET C 351 -12.98 15.50 25.32
CA MET C 351 -13.87 15.94 24.27
C MET C 351 -14.73 14.75 23.84
N LEU C 352 -14.98 13.86 24.78
CA LEU C 352 -15.71 12.62 24.54
C LEU C 352 -15.15 11.92 23.31
N ILE C 353 -16.05 11.38 22.50
CA ILE C 353 -15.74 10.89 21.16
C ILE C 353 -16.67 11.72 20.28
N PRO C 354 -16.20 12.14 19.10
CA PRO C 354 -17.09 13.03 18.33
C PRO C 354 -18.47 12.44 18.03
N HIS C 355 -19.48 13.31 18.05
CA HIS C 355 -20.82 12.96 17.61
C HIS C 355 -21.11 13.51 16.21
N LYS C 356 -22.25 13.10 15.65
CA LYS C 356 -22.68 13.56 14.35
C LYS C 356 -24.21 13.69 14.34
N ALA C 357 -24.73 14.74 13.71
CA ALA C 357 -26.17 14.90 13.52
C ALA C 357 -26.69 13.92 12.47
N ASN C 358 -27.60 13.05 12.89
CA ASN C 358 -28.21 12.07 12.01
C ASN C 358 -29.31 12.66 11.16
N VAL C 359 -29.85 13.78 11.64
CA VAL C 359 -30.90 14.52 10.95
C VAL C 359 -30.68 16.00 11.17
N ASP C 360 -31.38 16.82 10.40
CA ASP C 360 -31.44 18.26 10.67
C ASP C 360 -32.04 18.44 12.05
N SER C 361 -31.44 19.29 12.86
CA SER C 361 -31.80 19.38 14.28
C SER C 361 -31.37 20.73 14.82
N SER C 362 -31.23 20.83 16.12
CA SER C 362 -30.81 22.08 16.73
C SER C 362 -30.19 21.88 18.08
N ILE C 363 -29.38 22.86 18.47
CA ILE C 363 -28.78 22.89 19.79
C ILE C 363 -28.93 24.33 20.24
N GLY C 364 -29.60 24.53 21.37
CA GLY C 364 -29.86 25.87 21.84
C GLY C 364 -30.72 26.63 20.86
N GLU C 365 -30.30 27.86 20.56
CA GLU C 365 -31.05 28.72 19.66
C GLU C 365 -30.77 28.36 18.19
N PHE C 366 -29.85 27.43 17.98
CA PHE C 366 -29.22 27.26 16.67
C PHE C 366 -29.62 26.00 15.92
N ALA C 367 -29.73 26.15 14.59
CA ALA C 367 -30.02 25.04 13.70
C ALA C 367 -28.74 24.26 13.43
N VAL C 368 -28.84 22.94 13.29
CA VAL C 368 -27.69 22.13 12.92
C VAL C 368 -28.06 21.19 11.79
N ASP C 369 -27.30 21.29 10.70
CA ASP C 369 -27.52 20.45 9.55
C ASP C 369 -27.09 19.03 9.78
N LYS C 370 -27.92 18.11 9.30
CA LYS C 370 -27.56 16.71 9.17
C LYS C 370 -26.12 16.56 8.70
N GLY C 371 -25.41 15.60 9.28
CA GLY C 371 -24.05 15.30 8.87
C GLY C 371 -23.01 16.16 9.57
N THR C 372 -23.48 17.14 10.34
CA THR C 372 -22.55 18.01 11.05
C THR C 372 -21.93 17.26 12.20
N GLU C 373 -20.63 17.51 12.39
CA GLU C 373 -19.89 16.94 13.48
C GLU C 373 -20.14 17.84 14.67
N VAL C 374 -20.38 17.21 15.82
CA VAL C 374 -20.67 17.92 17.06
C VAL C 374 -19.79 17.36 18.16
N ILE C 375 -19.07 18.25 18.82
CA ILE C 375 -18.11 17.87 19.83
C ILE C 375 -18.47 18.52 21.16
N ILE C 376 -18.60 17.71 22.21
CA ILE C 376 -18.83 18.24 23.52
C ILE C 376 -17.48 18.53 24.13
N ASN C 377 -17.27 19.75 24.58
CA ASN C 377 -16.04 20.03 25.30
C ASN C 377 -16.25 19.73 26.78
N LEU C 378 -16.06 18.47 27.15
CA LEU C 378 -16.25 18.02 28.53
C LEU C 378 -15.29 18.77 29.46
N TRP C 379 -14.09 19.05 28.97
CA TRP C 379 -13.13 19.84 29.74
C TRP C 379 -13.74 21.18 30.15
N ALA C 380 -14.40 21.84 29.20
CA ALA C 380 -15.00 23.15 29.45
C ALA C 380 -16.12 23.04 30.47
N LEU C 381 -16.90 21.96 30.40
CA LEU C 381 -17.95 21.70 31.38
C LEU C 381 -17.37 21.55 32.78
N HIS C 382 -16.19 20.95 32.87
CA HIS C 382 -15.61 20.58 34.16
C HIS C 382 -14.83 21.70 34.80
N HIS C 383 -14.57 22.77 34.05
CA HIS C 383 -13.81 23.92 34.53
C HIS C 383 -14.61 25.23 34.45
N ASN C 384 -15.88 25.10 34.13
CA ASN C 384 -16.79 26.24 34.10
C ASN C 384 -16.86 26.87 35.48
N GLU C 385 -16.59 28.17 35.57
CA GLU C 385 -16.36 28.82 36.85
C GLU C 385 -17.64 29.21 37.60
N LYS C 386 -18.72 29.35 36.86
CA LYS C 386 -20.03 29.57 37.46
C LYS C 386 -20.56 28.30 38.08
N GLU C 387 -20.01 27.15 37.67
CA GLU C 387 -20.57 25.85 38.03
C GLU C 387 -19.70 25.11 39.05
N TRP C 388 -18.43 25.49 39.13
CA TRP C 388 -17.51 24.88 40.08
C TRP C 388 -16.76 25.95 40.85
N HIS C 389 -16.49 25.66 42.12
CA HIS C 389 -15.66 26.52 42.95
C HIS C 389 -14.20 26.18 42.69
N GLN C 390 -13.45 27.14 42.15
CA GLN C 390 -12.02 26.92 41.89
C GLN C 390 -11.75 25.66 41.08
N PRO C 391 -12.19 25.64 39.82
CA PRO C 391 -12.10 24.45 38.97
C PRO C 391 -10.70 23.94 38.71
N ASP C 392 -9.70 24.82 38.80
CA ASP C 392 -8.33 24.45 38.50
C ASP C 392 -7.68 23.70 39.65
N GLN C 393 -8.30 23.74 40.82
CA GLN C 393 -7.74 23.13 42.01
C GLN C 393 -8.20 21.68 42.23
N PHE C 394 -7.26 20.82 42.63
CA PHE C 394 -7.59 19.46 43.06
C PHE C 394 -8.19 19.52 44.46
N MET C 395 -9.50 19.34 44.55
CA MET C 395 -10.20 19.42 45.82
C MET C 395 -11.23 18.31 45.93
N PRO C 396 -10.79 17.11 46.31
CA PRO C 396 -11.73 16.00 46.50
C PRO C 396 -12.90 16.36 47.42
N GLU C 397 -12.69 17.27 48.37
CA GLU C 397 -13.70 17.60 49.38
C GLU C 397 -14.91 18.26 48.74
N ARG C 398 -14.70 18.75 47.53
CA ARG C 398 -15.73 19.28 46.66
C ARG C 398 -16.94 18.33 46.55
N PHE C 399 -16.68 17.02 46.63
CA PHE C 399 -17.71 16.01 46.46
C PHE C 399 -18.23 15.43 47.78
N LEU C 400 -17.81 16.02 48.89
CA LEU C 400 -18.30 15.59 50.20
C LEU C 400 -19.04 16.74 50.90
N ASN C 401 -19.99 16.37 51.76
CA ASN C 401 -20.63 17.31 52.64
C ASN C 401 -19.60 17.79 53.66
N PRO C 402 -19.91 18.85 54.42
CA PRO C 402 -18.92 19.42 55.34
C PRO C 402 -18.41 18.43 56.38
N ALA C 403 -19.26 17.51 56.82
CA ALA C 403 -18.91 16.52 57.84
C ALA C 403 -18.13 15.33 57.27
N GLY C 404 -18.12 15.21 55.95
CA GLY C 404 -17.41 14.13 55.28
C GLY C 404 -18.11 12.80 55.45
N THR C 405 -19.41 12.82 55.70
CA THR C 405 -20.18 11.60 55.93
C THR C 405 -21.01 11.19 54.72
N GLN C 406 -21.13 12.04 53.73
CA GLN C 406 -21.70 11.59 52.47
C GLN C 406 -21.22 12.36 51.25
N LEU C 407 -21.30 11.67 50.11
CA LEU C 407 -20.88 12.21 48.84
C LEU C 407 -22.01 13.06 48.29
N ILE C 408 -21.64 14.14 47.62
CA ILE C 408 -22.63 15.05 47.04
C ILE C 408 -22.28 15.36 45.59
N SER C 409 -23.26 15.86 44.87
CA SER C 409 -23.08 16.29 43.50
C SER C 409 -23.08 17.82 43.44
N PRO C 410 -21.90 18.44 43.60
CA PRO C 410 -21.81 19.91 43.67
C PRO C 410 -22.24 20.66 42.41
N SER C 411 -22.42 19.96 41.30
CA SER C 411 -22.71 20.64 40.04
C SER C 411 -23.37 19.77 38.98
N VAL C 412 -24.26 20.38 38.20
CA VAL C 412 -24.87 19.69 37.06
C VAL C 412 -23.91 19.61 35.87
N SER C 413 -22.75 20.23 36.00
CA SER C 413 -21.81 20.31 34.89
C SER C 413 -20.69 19.29 35.06
N TYR C 414 -21.08 18.02 35.14
CA TYR C 414 -20.17 16.93 35.43
C TYR C 414 -20.66 15.68 34.74
N LEU C 415 -19.95 15.24 33.70
CA LEU C 415 -20.33 14.07 32.92
C LEU C 415 -19.15 13.18 32.48
N PRO C 416 -18.36 12.68 33.43
CA PRO C 416 -17.14 11.91 33.13
C PRO C 416 -17.38 10.72 32.20
N PHE C 417 -18.55 10.09 32.29
CA PHE C 417 -18.86 8.93 31.46
C PHE C 417 -19.83 9.26 30.33
N GLY C 418 -20.06 10.55 30.10
CA GLY C 418 -20.98 10.97 29.06
C GLY C 418 -22.41 10.71 29.49
N ALA C 419 -23.30 10.52 28.53
CA ALA C 419 -24.71 10.36 28.81
C ALA C 419 -25.49 10.10 27.53
N GLY C 420 -26.62 9.41 27.67
CA GLY C 420 -27.49 9.17 26.53
C GLY C 420 -27.03 8.02 25.66
N PRO C 421 -27.57 7.90 24.43
CA PRO C 421 -27.37 6.75 23.54
C PRO C 421 -25.91 6.31 23.39
N ARG C 422 -24.98 7.23 23.62
CA ARG C 422 -23.56 6.95 23.39
C ARG C 422 -22.68 6.91 24.64
N SER C 423 -23.31 6.93 25.81
CA SER C 423 -22.58 6.92 27.06
C SER C 423 -21.72 5.66 27.25
N CYS C 424 -20.86 5.71 28.25
CA CYS C 424 -19.90 4.64 28.49
C CYS C 424 -20.59 3.34 28.86
N ILE C 425 -20.32 2.27 28.14
CA ILE C 425 -20.87 0.97 28.50
C ILE C 425 -19.99 0.26 29.52
N GLY C 426 -18.89 0.90 29.91
CA GLY C 426 -17.92 0.29 30.81
C GLY C 426 -17.82 1.00 32.15
N GLU C 427 -18.75 1.91 32.43
CA GLU C 427 -18.72 2.67 33.68
C GLU C 427 -18.67 1.77 34.93
N ILE C 428 -19.47 0.72 34.95
CA ILE C 428 -19.56 -0.13 36.15
C ILE C 428 -18.24 -0.86 36.40
N LEU C 429 -17.71 -1.50 35.37
CA LEU C 429 -16.40 -2.13 35.49
C LEU C 429 -15.38 -1.11 35.92
N ALA C 430 -15.44 0.07 35.30
CA ALA C 430 -14.42 1.10 35.51
C ALA C 430 -14.36 1.53 36.96
N ARG C 431 -15.52 1.82 37.55
CA ARG C 431 -15.53 2.36 38.89
C ARG C 431 -15.12 1.30 39.89
N GLN C 432 -15.62 0.08 39.73
CA GLN C 432 -15.23 -1.02 40.61
C GLN C 432 -13.71 -1.21 40.55
N GLU C 433 -13.18 -1.36 39.34
CA GLU C 433 -11.74 -1.45 39.14
C GLU C 433 -10.96 -0.32 39.82
N LEU C 434 -11.37 0.91 39.59
CA LEU C 434 -10.62 2.06 40.09
C LEU C 434 -10.71 2.18 41.60
N PHE C 435 -11.88 1.93 42.15
CA PHE C 435 -12.01 1.97 43.61
C PHE C 435 -11.08 0.94 44.25
N LEU C 436 -11.08 -0.28 43.73
CA LEU C 436 -10.35 -1.39 44.36
C LEU C 436 -8.85 -1.30 44.20
N ILE C 437 -8.38 -0.95 43.01
CA ILE C 437 -6.94 -0.83 42.81
C ILE C 437 -6.40 0.24 43.78
N MET C 438 -7.07 1.37 43.85
CA MET C 438 -6.64 2.44 44.75
C MET C 438 -6.76 2.04 46.24
N ALA C 439 -7.78 1.26 46.60
CA ALA C 439 -7.99 0.87 47.98
C ALA C 439 -6.90 -0.10 48.44
N TRP C 440 -6.70 -1.17 47.68
CA TRP C 440 -5.68 -2.16 48.01
C TRP C 440 -4.31 -1.55 48.01
N LEU C 441 -4.12 -0.52 47.20
CA LEU C 441 -2.81 0.11 47.08
C LEU C 441 -2.55 1.01 48.27
N LEU C 442 -3.55 1.78 48.67
CA LEU C 442 -3.35 2.73 49.76
C LEU C 442 -3.23 1.98 51.09
N GLN C 443 -3.82 0.78 51.14
CA GLN C 443 -3.65 -0.11 52.28
C GLN C 443 -2.21 -0.58 52.49
N ARG C 444 -1.55 -1.08 51.44
CA ARG C 444 -0.24 -1.74 51.61
C ARG C 444 0.95 -0.83 51.48
N PHE C 445 0.84 0.19 50.64
CA PHE C 445 2.01 0.93 50.20
C PHE C 445 2.04 2.40 50.57
N ASP C 446 3.24 2.85 50.89
CA ASP C 446 3.54 4.26 50.86
C ASP C 446 3.86 4.50 49.40
N LEU C 447 3.49 5.67 48.90
CA LEU C 447 3.68 6.01 47.50
C LEU C 447 4.17 7.43 47.53
N GLU C 448 5.47 7.61 47.35
CA GLU C 448 6.10 8.89 47.59
C GLU C 448 6.77 9.46 46.36
N VAL C 449 7.10 10.74 46.43
CA VAL C 449 7.97 11.35 45.45
C VAL C 449 9.28 10.59 45.51
N PRO C 450 9.79 10.14 44.35
CA PRO C 450 11.10 9.46 44.39
C PRO C 450 12.17 10.37 44.99
N ASP C 451 13.23 9.76 45.51
CA ASP C 451 14.29 10.50 46.19
C ASP C 451 14.80 11.67 45.35
N ASP C 452 14.95 11.45 44.04
CA ASP C 452 15.47 12.49 43.15
C ASP C 452 14.55 13.72 43.07
N GLY C 453 13.36 13.62 43.67
CA GLY C 453 12.52 14.79 43.91
C GLY C 453 11.67 15.25 42.75
N GLN C 454 11.63 14.46 41.67
CA GLN C 454 10.84 14.84 40.50
C GLN C 454 9.35 14.54 40.72
N LEU C 455 8.55 15.59 40.72
CA LEU C 455 7.10 15.44 40.74
C LEU C 455 6.61 15.15 39.33
N PRO C 456 5.51 14.39 39.20
CA PRO C 456 5.05 14.06 37.85
C PRO C 456 4.47 15.27 37.16
N SER C 457 4.48 15.28 35.83
CA SER C 457 3.83 16.34 35.08
C SER C 457 2.33 16.06 34.98
N LEU C 458 1.53 17.09 35.28
CA LEU C 458 0.08 16.98 35.19
C LEU C 458 -0.46 17.65 33.93
N GLU C 459 0.46 18.07 33.06
CA GLU C 459 0.08 18.72 31.81
C GLU C 459 -0.79 17.81 30.96
N GLY C 460 -0.35 16.56 30.79
CA GLY C 460 -1.12 15.57 30.08
C GLY C 460 -0.75 15.44 28.61
N ILE C 461 -1.23 14.38 27.98
CA ILE C 461 -0.95 14.09 26.58
C ILE C 461 -2.24 13.69 25.91
N PRO C 462 -2.81 14.59 25.08
CA PRO C 462 -4.11 14.26 24.50
C PRO C 462 -4.02 13.23 23.38
N LYS C 463 -4.87 12.21 23.48
CA LYS C 463 -5.00 11.14 22.49
C LYS C 463 -6.46 10.72 22.56
N VAL C 464 -6.82 9.56 22.01
CA VAL C 464 -8.18 9.06 22.21
C VAL C 464 -8.48 8.92 23.71
N VAL C 465 -7.43 8.70 24.50
CA VAL C 465 -7.50 8.80 25.95
C VAL C 465 -6.60 9.95 26.37
N PHE C 466 -6.95 10.67 27.44
CA PHE C 466 -6.13 11.77 27.92
C PHE C 466 -5.00 11.20 28.80
N LEU C 467 -3.82 11.04 28.22
CA LEU C 467 -2.73 10.32 28.87
C LEU C 467 -1.87 11.23 29.74
N ILE C 468 -1.15 10.63 30.69
CA ILE C 468 -0.16 11.36 31.47
C ILE C 468 1.25 10.90 31.11
N ASP C 469 2.21 11.81 31.20
CA ASP C 469 3.62 11.49 31.06
C ASP C 469 4.01 10.42 32.07
N SER C 470 4.75 9.41 31.62
CA SER C 470 5.26 8.39 32.53
C SER C 470 6.10 9.05 33.62
N PHE C 471 5.92 8.57 34.85
CA PHE C 471 6.62 9.13 35.99
C PHE C 471 7.04 8.00 36.91
N LYS C 472 7.89 8.30 37.89
CA LYS C 472 8.27 7.29 38.88
C LYS C 472 7.66 7.57 40.24
N VAL C 473 7.21 6.50 40.90
CA VAL C 473 6.78 6.54 42.30
C VAL C 473 7.69 5.66 43.14
N LYS C 474 8.20 6.20 44.24
CA LYS C 474 8.92 5.40 45.23
C LYS C 474 7.90 4.66 46.05
N ILE C 475 7.95 3.33 46.00
CA ILE C 475 6.94 2.50 46.62
C ILE C 475 7.52 1.59 47.68
N LYS C 476 7.07 1.81 48.92
CA LYS C 476 7.51 1.02 50.07
C LYS C 476 6.29 0.43 50.77
N VAL C 477 6.33 -0.86 51.09
CA VAL C 477 5.29 -1.46 51.91
C VAL C 477 5.18 -0.70 53.22
N ARG C 478 3.95 -0.39 53.63
CA ARG C 478 3.72 0.40 54.82
C ARG C 478 4.10 -0.39 56.06
N GLN C 479 4.62 0.35 57.04
CA GLN C 479 4.94 -0.18 58.35
C GLN C 479 3.72 -0.83 58.99
N ALA C 480 2.61 -0.10 59.03
CA ALA C 480 1.39 -0.54 59.67
C ALA C 480 0.83 -1.83 59.08
N TRP C 481 1.19 -2.10 57.82
CA TRP C 481 0.76 -3.32 57.15
C TRP C 481 1.72 -4.44 57.49
N ARG C 482 3.01 -4.10 57.41
CA ARG C 482 4.09 -5.01 57.75
C ARG C 482 3.78 -5.66 59.08
N GLU C 483 3.43 -4.82 60.05
CA GLU C 483 3.26 -5.24 61.44
C GLU C 483 2.06 -6.15 61.67
N ALA C 484 0.95 -5.87 61.01
CA ALA C 484 -0.28 -6.64 61.24
C ALA C 484 -0.20 -8.05 60.67
N GLN C 485 1.01 -8.53 60.41
CA GLN C 485 1.22 -9.92 59.99
C GLN C 485 2.68 -10.32 60.19
N LEU D 13 3.50 -51.12 4.78
CA LEU D 13 2.24 -51.83 5.05
C LEU D 13 1.12 -50.93 5.65
N LEU D 14 1.53 -49.90 6.39
CA LEU D 14 0.62 -48.91 6.97
C LEU D 14 0.49 -47.68 6.05
N SER D 15 -0.67 -47.04 6.04
CA SER D 15 -0.86 -45.89 5.14
C SER D 15 -1.13 -44.55 5.81
N LEU D 16 -0.44 -43.54 5.28
CA LEU D 16 -0.58 -42.15 5.73
C LEU D 16 -1.98 -41.61 5.64
N PRO D 17 -2.32 -40.67 6.51
CA PRO D 17 -3.53 -39.90 6.22
C PRO D 17 -3.35 -38.99 4.97
N LEU D 18 -4.24 -39.16 4.01
CA LEU D 18 -4.35 -38.28 2.85
C LEU D 18 -5.38 -37.21 3.17
N VAL D 19 -4.93 -35.98 3.40
CA VAL D 19 -5.79 -34.90 3.89
C VAL D 19 -6.11 -33.85 2.80
N GLY D 20 -5.57 -34.04 1.60
CA GLY D 20 -5.85 -33.15 0.49
C GLY D 20 -5.84 -33.92 -0.81
N SER D 21 -6.82 -33.64 -1.65
CA SER D 21 -6.91 -34.30 -2.95
C SER D 21 -7.65 -33.45 -3.99
N LEU D 22 -7.02 -33.30 -5.15
CA LEU D 22 -7.69 -32.88 -6.36
C LEU D 22 -7.23 -33.93 -7.37
N PRO D 23 -7.99 -35.03 -7.52
CA PRO D 23 -7.49 -36.17 -8.29
C PRO D 23 -7.18 -35.84 -9.75
N PHE D 24 -7.75 -34.74 -10.24
CA PHE D 24 -7.61 -34.41 -11.64
C PHE D 24 -7.19 -32.97 -11.78
N LEU D 25 -6.71 -32.62 -12.97
CA LEU D 25 -6.22 -31.28 -13.23
C LEU D 25 -6.34 -30.95 -14.71
N PRO D 26 -6.61 -29.67 -15.04
CA PRO D 26 -6.64 -29.35 -16.47
C PRO D 26 -5.22 -29.30 -17.02
N ARG D 27 -5.05 -29.53 -18.32
CA ARG D 27 -3.76 -29.35 -18.96
C ARG D 27 -3.73 -27.92 -19.49
N HIS D 28 -4.58 -27.67 -20.48
CA HIS D 28 -5.13 -26.34 -20.68
C HIS D 28 -6.38 -26.41 -21.55
N GLY D 29 -7.27 -25.49 -21.20
CA GLY D 29 -8.47 -25.17 -21.94
C GLY D 29 -8.94 -23.99 -21.13
N HIS D 30 -10.10 -23.46 -21.44
CA HIS D 30 -10.69 -22.47 -20.57
C HIS D 30 -11.37 -23.20 -19.42
N MET D 31 -11.73 -22.47 -18.39
CA MET D 31 -12.24 -23.07 -17.17
C MET D 31 -13.65 -23.59 -17.36
N HIS D 32 -14.46 -22.89 -18.16
CA HIS D 32 -15.81 -23.37 -18.40
C HIS D 32 -15.81 -24.68 -19.19
N ASN D 33 -14.81 -24.86 -20.04
CA ASN D 33 -14.74 -26.07 -20.85
C ASN D 33 -14.23 -27.27 -20.04
N ASN D 34 -13.35 -27.00 -19.07
CA ASN D 34 -12.82 -28.05 -18.22
C ASN D 34 -13.82 -28.49 -17.13
N PHE D 35 -14.63 -27.53 -16.65
CA PHE D 35 -15.70 -27.86 -15.73
C PHE D 35 -16.72 -28.74 -16.47
N PHE D 36 -16.82 -28.49 -17.77
CA PHE D 36 -17.71 -29.24 -18.62
C PHE D 36 -17.22 -30.67 -18.81
N LYS D 37 -15.94 -30.85 -19.13
CA LYS D 37 -15.40 -32.19 -19.37
C LYS D 37 -15.50 -33.05 -18.10
N LEU D 38 -15.29 -32.44 -16.95
CA LEU D 38 -15.46 -33.12 -15.67
C LEU D 38 -16.85 -33.75 -15.50
N GLN D 39 -17.85 -33.22 -16.18
CA GLN D 39 -19.21 -33.74 -16.02
C GLN D 39 -19.36 -35.18 -16.49
N LYS D 40 -18.43 -35.65 -17.32
CA LYS D 40 -18.50 -37.04 -17.79
C LYS D 40 -18.25 -38.01 -16.63
N LYS D 41 -17.28 -37.71 -15.78
CA LYS D 41 -17.07 -38.50 -14.58
C LYS D 41 -18.11 -38.16 -13.51
N TYR D 42 -18.17 -36.89 -13.11
CA TYR D 42 -18.90 -36.51 -11.92
C TYR D 42 -20.34 -36.05 -12.16
N GLY D 43 -20.77 -36.04 -13.41
CA GLY D 43 -22.12 -35.63 -13.69
C GLY D 43 -22.31 -34.11 -13.67
N PRO D 44 -23.58 -33.67 -13.67
CA PRO D 44 -23.97 -32.28 -13.89
C PRO D 44 -23.87 -31.35 -12.69
N ILE D 45 -23.68 -31.88 -11.49
CA ILE D 45 -23.53 -31.02 -10.32
C ILE D 45 -22.52 -31.62 -9.36
N TYR D 46 -21.49 -30.84 -9.05
CA TYR D 46 -20.43 -31.29 -8.15
C TYR D 46 -19.86 -30.10 -7.41
N SER D 47 -18.94 -30.36 -6.48
CA SER D 47 -18.41 -29.31 -5.61
C SER D 47 -16.92 -29.44 -5.32
N VAL D 48 -16.31 -28.35 -4.86
CA VAL D 48 -14.91 -28.33 -4.48
C VAL D 48 -14.78 -27.63 -3.13
N ARG D 49 -13.92 -28.17 -2.28
CA ARG D 49 -13.76 -27.68 -0.92
C ARG D 49 -12.32 -27.20 -0.69
N MET D 50 -12.18 -26.07 -0.02
CA MET D 50 -10.87 -25.55 0.34
C MET D 50 -11.07 -24.81 1.65
N GLY D 51 -10.46 -25.33 2.70
CA GLY D 51 -10.78 -24.93 4.06
C GLY D 51 -12.29 -24.89 4.27
N THR D 52 -12.78 -23.72 4.66
CA THR D 52 -14.19 -23.52 4.92
C THR D 52 -14.99 -23.34 3.63
N LYS D 53 -14.38 -22.74 2.62
CA LYS D 53 -15.10 -22.40 1.39
C LYS D 53 -15.52 -23.64 0.60
N THR D 54 -16.76 -23.62 0.12
CA THR D 54 -17.29 -24.69 -0.72
C THR D 54 -17.86 -24.06 -1.97
N THR D 55 -17.53 -24.61 -3.13
CA THR D 55 -18.05 -24.11 -4.38
C THR D 55 -18.75 -25.22 -5.13
N VAL D 56 -19.98 -24.96 -5.54
CA VAL D 56 -20.73 -25.87 -6.39
C VAL D 56 -20.73 -25.34 -7.82
N ILE D 57 -20.53 -26.25 -8.77
CA ILE D 57 -20.68 -25.97 -10.18
C ILE D 57 -21.85 -26.75 -10.77
N VAL D 58 -22.72 -26.05 -11.49
CA VAL D 58 -23.93 -26.60 -12.04
C VAL D 58 -23.89 -26.47 -13.55
N GLY D 59 -24.06 -27.60 -14.23
CA GLY D 59 -23.94 -27.66 -15.68
C GLY D 59 -25.05 -28.39 -16.43
N HIS D 60 -26.23 -28.45 -15.82
CA HIS D 60 -27.42 -28.93 -16.52
C HIS D 60 -28.47 -27.88 -16.34
N HIS D 61 -29.34 -27.72 -17.33
CA HIS D 61 -30.29 -26.61 -17.36
C HIS D 61 -31.41 -26.76 -16.33
N GLN D 62 -31.67 -28.01 -15.95
CA GLN D 62 -32.73 -28.31 -15.01
C GLN D 62 -32.34 -27.85 -13.61
N LEU D 63 -31.08 -28.04 -13.27
CA LEU D 63 -30.57 -27.66 -11.95
C LEU D 63 -30.22 -26.17 -11.94
N ALA D 64 -29.80 -25.65 -13.09
CA ALA D 64 -29.41 -24.26 -13.16
C ALA D 64 -30.67 -23.38 -13.07
N LYS D 65 -31.72 -23.78 -13.76
CA LYS D 65 -32.97 -23.02 -13.70
C LYS D 65 -33.51 -22.95 -12.29
N GLU D 66 -33.26 -23.99 -11.50
CA GLU D 66 -33.67 -23.99 -10.10
C GLU D 66 -32.90 -22.93 -9.31
N VAL D 67 -31.59 -22.86 -9.53
CA VAL D 67 -30.75 -21.89 -8.85
C VAL D 67 -31.14 -20.46 -9.21
N LEU D 68 -31.52 -20.26 -10.46
CA LEU D 68 -31.77 -18.92 -10.97
C LEU D 68 -33.22 -18.49 -10.77
N ILE D 69 -34.16 -19.42 -10.94
CA ILE D 69 -35.57 -19.06 -10.96
C ILE D 69 -36.35 -19.51 -9.74
N LYS D 70 -36.53 -20.82 -9.61
CA LYS D 70 -37.42 -21.36 -8.58
C LYS D 70 -36.94 -20.97 -7.19
N LYS D 71 -35.62 -21.06 -6.99
CA LYS D 71 -34.99 -20.69 -5.73
C LYS D 71 -34.09 -19.46 -5.93
N GLY D 72 -34.37 -18.70 -7.00
CA GLY D 72 -33.65 -17.49 -7.34
C GLY D 72 -33.19 -16.64 -6.18
N LYS D 73 -34.09 -16.38 -5.23
CA LYS D 73 -33.79 -15.55 -4.07
C LYS D 73 -32.82 -16.24 -3.13
N ASP D 74 -32.98 -17.56 -2.95
CA ASP D 74 -32.09 -18.31 -2.07
C ASP D 74 -30.66 -18.20 -2.57
N PHE D 75 -30.52 -18.09 -3.89
CA PHE D 75 -29.21 -18.04 -4.51
C PHE D 75 -28.87 -16.70 -5.17
N SER D 76 -29.46 -15.62 -4.66
CA SER D 76 -29.27 -14.29 -5.24
C SER D 76 -28.09 -13.52 -4.64
N GLY D 77 -27.35 -14.14 -3.74
CA GLY D 77 -26.18 -13.48 -3.18
C GLY D 77 -25.01 -13.53 -4.14
N ARG D 78 -24.01 -12.70 -3.88
CA ARG D 78 -22.74 -12.73 -4.59
C ARG D 78 -21.66 -13.02 -3.58
N PRO D 79 -20.67 -13.85 -3.93
CA PRO D 79 -19.56 -14.05 -3.00
C PRO D 79 -18.58 -12.88 -2.99
N GLN D 80 -18.02 -12.57 -1.82
CA GLN D 80 -17.01 -11.56 -1.69
C GLN D 80 -15.70 -12.07 -2.31
N MET D 81 -15.13 -11.32 -3.24
CA MET D 81 -13.80 -11.66 -3.79
C MET D 81 -12.90 -10.43 -3.71
N ALA D 82 -11.64 -10.62 -3.33
CA ALA D 82 -10.72 -9.49 -3.16
C ALA D 82 -10.62 -8.63 -4.42
N THR D 83 -10.74 -9.27 -5.57
CA THR D 83 -10.51 -8.60 -6.84
C THR D 83 -11.72 -7.74 -7.21
N LEU D 84 -12.92 -8.19 -6.82
CA LEU D 84 -14.13 -7.43 -7.09
C LEU D 84 -14.36 -6.31 -6.07
N ASP D 85 -13.87 -6.48 -4.86
CA ASP D 85 -13.87 -5.40 -3.88
C ASP D 85 -13.27 -4.15 -4.49
N ILE D 86 -12.22 -4.34 -5.28
CA ILE D 86 -11.47 -3.25 -5.88
C ILE D 86 -12.30 -2.55 -6.95
N ALA D 87 -12.81 -3.31 -7.91
CA ALA D 87 -13.60 -2.73 -9.01
C ALA D 87 -14.94 -2.20 -8.55
N SER D 88 -15.46 -2.76 -7.47
CA SER D 88 -16.82 -2.45 -7.03
C SER D 88 -16.83 -1.50 -5.84
N ASN D 89 -15.68 -0.90 -5.56
CA ASN D 89 -15.52 0.02 -4.43
C ASN D 89 -16.09 -0.62 -3.18
N ASN D 90 -15.71 -1.88 -2.98
CA ASN D 90 -16.07 -2.62 -1.80
C ASN D 90 -17.54 -3.02 -1.80
N ARG D 91 -17.96 -3.62 -2.91
CA ARG D 91 -19.28 -4.27 -3.04
C ARG D 91 -20.46 -3.30 -3.17
N LYS D 92 -20.20 -2.17 -3.84
CA LYS D 92 -21.26 -1.27 -4.30
C LYS D 92 -21.60 -1.58 -5.76
N GLY D 93 -22.35 -0.71 -6.43
CA GLY D 93 -22.82 -0.99 -7.77
C GLY D 93 -23.93 -2.01 -7.71
N ILE D 94 -24.08 -2.82 -8.75
CA ILE D 94 -25.16 -3.80 -8.83
C ILE D 94 -24.63 -5.22 -9.04
N ALA D 95 -23.73 -5.38 -10.01
CA ALA D 95 -23.31 -6.70 -10.46
C ALA D 95 -22.53 -7.46 -9.40
N PHE D 96 -21.69 -6.76 -8.64
CA PHE D 96 -20.81 -7.39 -7.69
C PHE D 96 -21.25 -7.15 -6.25
N ALA D 97 -22.38 -6.47 -6.08
CA ALA D 97 -22.94 -6.24 -4.77
C ALA D 97 -23.70 -7.48 -4.33
N ASP D 98 -23.71 -7.72 -3.03
CA ASP D 98 -24.41 -8.85 -2.48
C ASP D 98 -25.90 -8.53 -2.44
N SER D 99 -26.74 -9.57 -2.30
CA SER D 99 -28.16 -9.36 -2.16
C SER D 99 -28.38 -8.56 -0.88
N GLY D 100 -29.47 -7.79 -0.83
CA GLY D 100 -29.67 -6.83 0.24
C GLY D 100 -30.26 -5.51 -0.28
N ALA D 101 -30.47 -4.56 0.62
CA ALA D 101 -31.12 -3.30 0.28
C ALA D 101 -30.39 -2.54 -0.80
N HIS D 102 -29.08 -2.37 -0.65
CA HIS D 102 -28.27 -1.62 -1.61
C HIS D 102 -28.45 -2.18 -3.01
N TRP D 103 -28.22 -3.47 -3.17
CA TRP D 103 -28.34 -4.08 -4.49
C TRP D 103 -29.73 -3.89 -5.02
N GLN D 104 -30.73 -4.00 -4.14
CA GLN D 104 -32.12 -3.98 -4.56
C GLN D 104 -32.52 -2.59 -5.05
N LEU D 105 -32.19 -1.58 -4.25
CA LEU D 105 -32.51 -0.21 -4.58
C LEU D 105 -31.87 0.18 -5.89
N HIS D 106 -30.57 -0.08 -6.02
CA HIS D 106 -29.84 0.39 -7.18
C HIS D 106 -30.19 -0.39 -8.44
N ARG D 107 -30.57 -1.65 -8.29
CA ARG D 107 -30.99 -2.44 -9.44
C ARG D 107 -32.35 -1.92 -9.92
N ARG D 108 -33.20 -1.59 -8.96
CA ARG D 108 -34.53 -1.05 -9.26
C ARG D 108 -34.42 0.25 -10.06
N LEU D 109 -33.73 1.23 -9.49
CA LEU D 109 -33.50 2.51 -10.13
C LEU D 109 -32.82 2.37 -11.48
N ALA D 110 -31.84 1.48 -11.60
CA ALA D 110 -31.18 1.30 -12.90
C ALA D 110 -32.19 0.84 -13.92
N MET D 111 -33.10 -0.04 -13.49
CA MET D 111 -34.14 -0.55 -14.39
C MET D 111 -35.21 0.49 -14.66
N ALA D 112 -35.47 1.32 -13.65
CA ALA D 112 -36.43 2.41 -13.81
C ALA D 112 -35.97 3.35 -14.91
N THR D 113 -34.66 3.61 -14.93
CA THR D 113 -34.07 4.54 -15.88
C THR D 113 -34.38 4.15 -17.33
N PHE D 114 -34.53 2.86 -17.59
CA PHE D 114 -34.81 2.41 -18.97
C PHE D 114 -36.25 2.67 -19.40
N ALA D 115 -37.12 2.95 -18.45
CA ALA D 115 -38.50 3.33 -18.76
C ALA D 115 -38.51 4.65 -19.53
N LEU D 116 -37.60 5.54 -19.17
CA LEU D 116 -37.54 6.87 -19.76
C LEU D 116 -37.03 6.87 -21.21
N PHE D 117 -36.78 5.68 -21.75
CA PHE D 117 -36.17 5.54 -23.07
C PHE D 117 -36.97 4.61 -24.00
N LYS D 118 -38.14 4.17 -23.55
CA LYS D 118 -39.01 3.35 -24.39
C LYS D 118 -39.55 4.18 -25.55
N ASP D 119 -39.96 5.41 -25.24
CA ASP D 119 -40.38 6.36 -26.28
C ASP D 119 -40.52 7.78 -25.73
N GLY D 120 -41.00 8.68 -26.58
CA GLY D 120 -40.96 10.10 -26.30
C GLY D 120 -39.88 10.71 -27.17
N ASP D 121 -39.58 12.00 -26.96
CA ASP D 121 -38.51 12.64 -27.71
C ASP D 121 -37.20 11.91 -27.43
N GLN D 122 -37.01 11.50 -26.18
CA GLN D 122 -35.90 10.64 -25.81
C GLN D 122 -36.31 9.17 -25.91
N LYS D 123 -35.93 8.54 -27.01
CA LYS D 123 -36.26 7.15 -27.26
C LYS D 123 -35.01 6.40 -27.65
N LEU D 124 -34.99 5.10 -27.38
CA LEU D 124 -33.77 4.34 -27.45
C LEU D 124 -33.29 4.15 -28.88
N GLU D 125 -34.22 3.84 -29.78
CA GLU D 125 -33.83 3.53 -31.15
C GLU D 125 -33.27 4.78 -31.84
N LYS D 126 -33.78 5.95 -31.45
CA LYS D 126 -33.30 7.22 -31.98
C LYS D 126 -31.81 7.31 -31.69
N ILE D 127 -31.52 7.29 -30.39
CA ILE D 127 -30.18 7.47 -29.86
C ILE D 127 -29.19 6.48 -30.47
N ILE D 128 -29.56 5.20 -30.47
CA ILE D 128 -28.70 4.17 -31.02
C ILE D 128 -28.38 4.49 -32.49
N CYS D 129 -29.40 4.45 -33.34
CA CYS D 129 -29.23 4.70 -34.77
C CYS D 129 -28.43 5.97 -35.09
N GLN D 130 -28.63 7.02 -34.31
CA GLN D 130 -27.84 8.25 -34.45
C GLN D 130 -26.35 7.91 -34.44
N GLU D 131 -25.94 7.07 -33.49
CA GLU D 131 -24.52 6.73 -33.34
C GLU D 131 -24.04 5.73 -34.39
N ILE D 132 -24.93 4.86 -34.87
CA ILE D 132 -24.51 3.88 -35.86
C ILE D 132 -24.21 4.55 -37.22
N SER D 133 -24.91 5.67 -37.49
CA SER D 133 -24.62 6.45 -38.70
C SER D 133 -23.20 6.98 -38.65
N THR D 134 -22.86 7.59 -37.51
CA THR D 134 -21.54 8.12 -37.28
C THR D 134 -20.48 7.02 -37.38
N LEU D 135 -20.83 5.82 -36.90
CA LEU D 135 -19.92 4.68 -36.96
C LEU D 135 -19.70 4.23 -38.42
N CYS D 136 -20.78 4.18 -39.19
CA CYS D 136 -20.69 3.82 -40.61
C CYS D 136 -19.99 4.91 -41.42
N ASP D 137 -20.29 6.17 -41.08
CA ASP D 137 -19.58 7.29 -41.68
C ASP D 137 -18.08 7.11 -41.44
N MET D 138 -17.70 6.91 -40.17
CA MET D 138 -16.29 6.79 -39.80
C MET D 138 -15.66 5.59 -40.50
N LEU D 139 -16.33 4.44 -40.42
CA LEU D 139 -15.78 3.23 -41.00
C LEU D 139 -15.63 3.35 -42.52
N ALA D 140 -16.50 4.13 -43.15
CA ALA D 140 -16.46 4.31 -44.59
C ALA D 140 -15.10 4.82 -45.08
N THR D 141 -14.52 5.72 -44.30
CA THR D 141 -13.28 6.36 -44.69
C THR D 141 -12.09 5.37 -44.73
N HIS D 142 -12.33 4.13 -44.30
CA HIS D 142 -11.28 3.11 -44.28
C HIS D 142 -11.42 2.13 -45.44
N ASN D 143 -12.22 2.52 -46.43
CA ASN D 143 -12.53 1.69 -47.59
C ASN D 143 -11.31 0.98 -48.16
N GLY D 144 -11.44 -0.33 -48.38
CA GLY D 144 -10.41 -1.12 -49.02
C GLY D 144 -9.28 -1.55 -48.11
N GLN D 145 -9.30 -1.06 -46.87
CA GLN D 145 -8.24 -1.35 -45.90
C GLN D 145 -8.66 -2.49 -44.99
N SER D 146 -7.67 -3.20 -44.46
CA SER D 146 -7.91 -4.24 -43.46
C SER D 146 -7.56 -3.68 -42.09
N ILE D 147 -8.53 -3.70 -41.17
CA ILE D 147 -8.42 -2.99 -39.90
C ILE D 147 -9.03 -3.74 -38.72
N ASP D 148 -8.76 -3.23 -37.52
CA ASP D 148 -9.44 -3.63 -36.30
C ASP D 148 -10.59 -2.64 -36.05
N ILE D 149 -11.82 -3.13 -36.21
CA ILE D 149 -13.01 -2.29 -36.05
C ILE D 149 -13.38 -2.01 -34.60
N SER D 150 -12.58 -2.50 -33.65
CA SER D 150 -12.88 -2.39 -32.22
C SER D 150 -13.20 -0.97 -31.78
N PHE D 151 -12.26 -0.05 -31.97
CA PHE D 151 -12.44 1.30 -31.43
C PHE D 151 -13.68 2.05 -31.94
N PRO D 152 -13.92 2.06 -33.27
CA PRO D 152 -15.12 2.78 -33.75
C PRO D 152 -16.43 2.19 -33.24
N VAL D 153 -16.52 0.85 -33.16
CA VAL D 153 -17.66 0.21 -32.48
C VAL D 153 -17.77 0.67 -31.03
N PHE D 154 -16.62 0.73 -30.35
CA PHE D 154 -16.56 1.15 -28.96
C PHE D 154 -17.04 2.59 -28.76
N VAL D 155 -16.70 3.47 -29.70
CA VAL D 155 -17.13 4.87 -29.60
C VAL D 155 -18.64 4.95 -29.64
N ALA D 156 -19.22 4.27 -30.62
CA ALA D 156 -20.68 4.28 -30.80
C ALA D 156 -21.42 3.79 -29.57
N VAL D 157 -21.02 2.64 -29.04
CA VAL D 157 -21.70 2.09 -27.87
C VAL D 157 -21.43 2.92 -26.62
N THR D 158 -20.23 3.49 -26.51
CA THR D 158 -19.95 4.38 -25.38
C THR D 158 -20.90 5.57 -25.39
N ASN D 159 -21.03 6.23 -26.54
CA ASN D 159 -21.93 7.38 -26.61
C ASN D 159 -23.37 7.05 -26.22
N VAL D 160 -23.85 5.89 -26.68
CA VAL D 160 -25.19 5.43 -26.30
C VAL D 160 -25.35 5.39 -24.77
N ILE D 161 -24.37 4.79 -24.08
CA ILE D 161 -24.51 4.59 -22.64
C ILE D 161 -24.27 5.91 -21.91
N SER D 162 -23.36 6.73 -22.43
CA SER D 162 -23.14 8.05 -21.86
C SER D 162 -24.40 8.91 -21.94
N LEU D 163 -25.08 8.85 -23.08
CA LEU D 163 -26.37 9.55 -23.22
C LEU D 163 -27.36 9.01 -22.21
N ILE D 164 -27.42 7.68 -22.10
CA ILE D 164 -28.33 7.03 -21.16
C ILE D 164 -28.04 7.42 -19.69
N CYS D 165 -26.76 7.60 -19.35
CA CYS D 165 -26.39 7.92 -17.98
C CYS D 165 -26.35 9.41 -17.67
N PHE D 166 -25.98 10.23 -18.66
CA PHE D 166 -25.62 11.63 -18.42
C PHE D 166 -26.26 12.65 -19.37
N ASN D 167 -26.81 12.19 -20.49
CA ASN D 167 -27.12 13.06 -21.62
C ASN D 167 -25.88 13.83 -22.10
N THR D 168 -24.87 13.07 -22.51
CA THR D 168 -23.66 13.61 -23.12
C THR D 168 -23.14 12.59 -24.13
N SER D 169 -22.37 13.07 -25.11
CA SER D 169 -21.72 12.20 -26.06
C SER D 169 -20.37 12.81 -26.43
N TYR D 170 -19.46 12.00 -26.96
CA TYR D 170 -18.12 12.45 -27.30
C TYR D 170 -18.00 12.66 -28.81
N LYS D 171 -17.63 13.88 -29.19
CA LYS D 171 -17.33 14.17 -30.58
C LYS D 171 -16.16 13.29 -30.97
N ASN D 172 -16.07 12.94 -32.24
CA ASN D 172 -14.94 12.14 -32.70
C ASN D 172 -13.64 12.84 -32.34
N GLY D 173 -12.67 12.08 -31.84
CA GLY D 173 -11.38 12.63 -31.52
C GLY D 173 -11.18 13.03 -30.06
N ASP D 174 -12.29 13.08 -29.30
CA ASP D 174 -12.18 13.38 -27.86
C ASP D 174 -11.24 12.35 -27.22
N PRO D 175 -10.19 12.83 -26.53
CA PRO D 175 -9.26 11.89 -25.88
C PRO D 175 -9.85 11.15 -24.66
N GLU D 176 -10.98 11.64 -24.14
CA GLU D 176 -11.63 10.93 -23.05
C GLU D 176 -12.03 9.53 -23.49
N LEU D 177 -12.42 9.37 -24.74
CA LEU D 177 -12.75 8.05 -25.27
C LEU D 177 -11.58 7.08 -25.08
N ASN D 178 -10.37 7.56 -25.25
CA ASN D 178 -9.21 6.68 -25.20
C ASN D 178 -8.79 6.38 -23.76
N VAL D 179 -9.08 7.33 -22.88
CA VAL D 179 -8.94 7.15 -21.45
C VAL D 179 -9.83 6.01 -21.01
N ILE D 180 -11.09 6.11 -21.39
CA ILE D 180 -12.09 5.12 -21.01
C ILE D 180 -11.69 3.75 -21.53
N GLN D 181 -11.32 3.65 -22.80
CA GLN D 181 -11.03 2.35 -23.37
C GLN D 181 -9.78 1.78 -22.73
N ASN D 182 -8.86 2.67 -22.34
CA ASN D 182 -7.65 2.18 -21.70
C ASN D 182 -7.94 1.56 -20.35
N TYR D 183 -8.67 2.26 -19.48
CA TYR D 183 -8.89 1.74 -18.14
C TYR D 183 -9.88 0.56 -18.15
N ASN D 184 -10.81 0.57 -19.11
CA ASN D 184 -11.67 -0.58 -19.35
C ASN D 184 -10.87 -1.82 -19.63
N GLU D 185 -10.04 -1.72 -20.66
CA GLU D 185 -9.13 -2.80 -21.06
C GLU D 185 -8.25 -3.23 -19.89
N GLY D 186 -7.70 -2.25 -19.20
CA GLY D 186 -6.82 -2.51 -18.06
C GLY D 186 -7.53 -3.18 -16.90
N ILE D 187 -8.73 -2.72 -16.59
CA ILE D 187 -9.52 -3.31 -15.52
C ILE D 187 -9.90 -4.76 -15.82
N ILE D 188 -10.48 -5.00 -17.00
CA ILE D 188 -10.86 -6.35 -17.39
C ILE D 188 -9.66 -7.28 -17.37
N ASP D 189 -8.53 -6.81 -17.86
CA ASP D 189 -7.38 -7.68 -18.07
C ASP D 189 -6.74 -8.07 -16.74
N ASN D 190 -6.90 -7.21 -15.72
CA ASN D 190 -6.32 -7.46 -14.41
C ASN D 190 -7.30 -8.01 -13.36
N LEU D 191 -8.59 -8.01 -13.68
CA LEU D 191 -9.58 -8.44 -12.72
C LEU D 191 -9.51 -9.95 -12.56
N SER D 192 -9.10 -10.65 -13.61
CA SER D 192 -8.95 -12.10 -13.55
C SER D 192 -8.24 -12.65 -14.79
N LYS D 193 -7.93 -13.95 -14.76
CA LYS D 193 -7.36 -14.64 -15.92
C LYS D 193 -8.29 -15.72 -16.48
N ASP D 194 -9.53 -15.71 -16.02
CA ASP D 194 -10.56 -16.56 -16.57
C ASP D 194 -11.89 -16.03 -16.06
N SER D 195 -12.96 -16.79 -16.26
CA SER D 195 -14.25 -16.44 -15.66
C SER D 195 -14.09 -16.39 -14.16
N LEU D 196 -14.89 -15.55 -13.51
CA LEU D 196 -14.82 -15.37 -12.06
C LEU D 196 -15.17 -16.66 -11.32
N VAL D 197 -14.44 -16.92 -10.25
CA VAL D 197 -14.65 -18.06 -9.37
C VAL D 197 -13.95 -17.70 -8.07
N ASP D 198 -14.64 -17.77 -6.93
CA ASP D 198 -13.99 -17.38 -5.67
C ASP D 198 -13.01 -18.43 -5.14
N LEU D 199 -13.02 -19.63 -5.71
CA LEU D 199 -12.00 -20.64 -5.39
C LEU D 199 -10.60 -20.13 -5.68
N VAL D 200 -10.50 -19.31 -6.72
CA VAL D 200 -9.20 -18.82 -7.19
C VAL D 200 -8.84 -17.48 -6.55
N PRO D 201 -7.66 -17.40 -5.89
CA PRO D 201 -7.19 -16.11 -5.38
C PRO D 201 -6.49 -15.28 -6.46
N TRP D 202 -7.28 -14.59 -7.29
CA TRP D 202 -6.80 -13.97 -8.53
C TRP D 202 -5.64 -12.98 -8.37
N LEU D 203 -5.62 -12.24 -7.27
CA LEU D 203 -4.61 -11.21 -7.06
C LEU D 203 -3.29 -11.81 -6.57
N LYS D 204 -3.36 -13.04 -6.08
CA LYS D 204 -2.22 -13.63 -5.39
C LYS D 204 -1.66 -14.90 -6.04
N ILE D 205 -2.09 -15.29 -7.25
CA ILE D 205 -1.61 -16.55 -7.82
C ILE D 205 -0.28 -16.45 -8.57
N PHE D 206 0.08 -15.25 -9.03
CA PHE D 206 1.29 -15.07 -9.83
C PHE D 206 2.14 -13.90 -9.32
N PRO D 207 3.46 -13.97 -9.52
CA PRO D 207 4.39 -12.92 -9.07
C PRO D 207 4.41 -11.85 -10.13
N ASN D 208 3.24 -11.28 -10.35
CA ASN D 208 3.09 -10.20 -11.30
C ASN D 208 2.63 -9.03 -10.46
N LYS D 209 1.92 -8.09 -11.06
CA LYS D 209 1.57 -6.89 -10.32
C LYS D 209 0.09 -6.64 -10.52
N THR D 210 -0.67 -7.70 -10.36
CA THR D 210 -2.09 -7.69 -10.63
C THR D 210 -2.79 -6.68 -9.74
N LEU D 211 -2.54 -6.77 -8.44
CA LEU D 211 -3.17 -5.85 -7.51
C LEU D 211 -2.86 -4.38 -7.87
N GLU D 212 -1.57 -4.06 -8.01
CA GLU D 212 -1.16 -2.67 -8.23
C GLU D 212 -1.75 -2.12 -9.52
N LYS D 213 -1.69 -2.91 -10.57
CA LYS D 213 -2.21 -2.50 -11.87
C LYS D 213 -3.73 -2.37 -11.88
N LEU D 214 -4.42 -3.31 -11.22
CA LEU D 214 -5.89 -3.27 -11.18
C LEU D 214 -6.32 -1.99 -10.51
N LYS D 215 -5.75 -1.72 -9.34
CA LYS D 215 -5.99 -0.46 -8.64
C LYS D 215 -5.66 0.79 -9.47
N SER D 216 -4.66 0.70 -10.34
CA SER D 216 -4.23 1.84 -11.16
C SER D 216 -5.34 2.27 -12.08
N HIS D 217 -5.97 1.30 -12.72
CA HIS D 217 -7.00 1.60 -13.69
C HIS D 217 -8.28 2.00 -12.98
N VAL D 218 -8.60 1.31 -11.89
CA VAL D 218 -9.79 1.63 -11.10
C VAL D 218 -9.71 3.06 -10.55
N LYS D 219 -8.52 3.50 -10.16
CA LYS D 219 -8.34 4.88 -9.71
C LYS D 219 -8.73 5.88 -10.82
N ILE D 220 -8.27 5.64 -12.04
CA ILE D 220 -8.57 6.53 -13.15
C ILE D 220 -10.07 6.56 -13.43
N ARG D 221 -10.69 5.38 -13.44
CA ARG D 221 -12.12 5.24 -13.67
C ARG D 221 -12.89 6.00 -12.60
N ASN D 222 -12.54 5.73 -11.35
CA ASN D 222 -13.15 6.42 -10.23
C ASN D 222 -12.95 7.94 -10.24
N ASP D 223 -11.77 8.41 -10.62
CA ASP D 223 -11.51 9.84 -10.70
C ASP D 223 -12.39 10.50 -11.78
N LEU D 224 -12.46 9.86 -12.94
CA LEU D 224 -13.24 10.37 -14.06
C LEU D 224 -14.71 10.49 -13.65
N LEU D 225 -15.25 9.41 -13.11
CA LEU D 225 -16.66 9.39 -12.79
C LEU D 225 -16.94 10.34 -11.64
N ASN D 226 -15.96 10.54 -10.78
CA ASN D 226 -16.15 11.47 -9.68
C ASN D 226 -16.22 12.90 -10.19
N LYS D 227 -15.44 13.19 -11.24
CA LYS D 227 -15.43 14.51 -11.84
C LYS D 227 -16.81 14.75 -12.45
N ILE D 228 -17.22 13.83 -13.31
CA ILE D 228 -18.51 13.92 -13.99
C ILE D 228 -19.66 14.10 -13.00
N LEU D 229 -19.63 13.38 -11.90
CA LEU D 229 -20.71 13.50 -10.91
C LEU D 229 -20.60 14.82 -10.17
N GLU D 230 -19.38 15.34 -10.05
CA GLU D 230 -19.12 16.57 -9.30
C GLU D 230 -19.67 17.76 -10.09
N ASN D 231 -19.31 17.82 -11.37
CA ASN D 231 -19.80 18.86 -12.25
C ASN D 231 -21.33 18.84 -12.33
N TYR D 232 -21.89 17.65 -12.58
CA TYR D 232 -23.32 17.48 -12.79
C TYR D 232 -24.20 17.91 -11.62
N LYS D 233 -23.63 18.08 -10.43
CA LYS D 233 -24.45 18.49 -9.29
C LYS D 233 -25.07 19.86 -9.57
N GLU D 234 -24.35 20.69 -10.31
CA GLU D 234 -24.86 22.00 -10.74
C GLU D 234 -25.99 21.89 -11.75
N LYS D 235 -25.87 20.93 -12.66
CA LYS D 235 -26.78 20.80 -13.80
C LYS D 235 -28.15 20.20 -13.43
N PHE D 236 -28.19 19.50 -12.31
CA PHE D 236 -29.37 18.70 -11.95
C PHE D 236 -30.54 19.55 -11.50
N ARG D 237 -31.75 19.14 -11.91
CA ARG D 237 -32.96 19.78 -11.40
C ARG D 237 -34.10 18.78 -11.23
N SER D 238 -34.82 18.93 -10.11
CA SER D 238 -35.81 17.96 -9.68
C SER D 238 -36.84 17.69 -10.76
N ASP D 239 -37.18 18.73 -11.52
CA ASP D 239 -38.27 18.62 -12.49
C ASP D 239 -37.83 18.14 -13.87
N SER D 240 -36.56 17.74 -13.99
CA SER D 240 -36.06 17.14 -15.24
C SER D 240 -35.29 15.84 -14.98
N ILE D 241 -35.95 14.71 -15.25
CA ILE D 241 -35.39 13.39 -15.01
C ILE D 241 -35.28 12.65 -16.34
N THR D 242 -34.09 12.65 -16.91
CA THR D 242 -33.91 12.22 -18.28
C THR D 242 -32.78 11.20 -18.45
N ASN D 243 -32.13 10.84 -17.36
CA ASN D 243 -30.95 9.98 -17.44
C ASN D 243 -30.72 9.31 -16.10
N MET D 244 -29.76 8.38 -16.07
CA MET D 244 -29.58 7.55 -14.88
C MET D 244 -29.18 8.37 -13.67
N LEU D 245 -28.29 9.34 -13.87
CA LEU D 245 -27.81 10.12 -12.75
C LEU D 245 -28.94 10.93 -12.10
N ASP D 246 -29.87 11.44 -12.91
CA ASP D 246 -31.02 12.17 -12.41
C ASP D 246 -31.86 11.26 -11.51
N THR D 247 -32.13 10.06 -12.02
CA THR D 247 -32.88 9.05 -11.29
C THR D 247 -32.29 8.78 -9.91
N LEU D 248 -30.97 8.56 -9.89
CA LEU D 248 -30.25 8.28 -8.64
C LEU D 248 -30.29 9.50 -7.73
N MET D 249 -29.92 10.66 -8.28
CA MET D 249 -29.94 11.90 -7.51
C MET D 249 -31.34 12.25 -6.99
N GLN D 250 -32.35 12.06 -7.83
CA GLN D 250 -33.75 12.26 -7.42
C GLN D 250 -34.09 11.36 -6.23
N ALA D 251 -33.75 10.09 -6.32
CA ALA D 251 -34.00 9.15 -5.23
C ALA D 251 -33.26 9.55 -3.96
N LYS D 252 -32.03 10.04 -4.09
CA LYS D 252 -31.29 10.47 -2.92
C LYS D 252 -31.98 11.65 -2.26
N MET D 253 -32.40 12.58 -3.11
CA MET D 253 -33.13 13.76 -2.68
C MET D 253 -34.43 13.40 -1.91
N ASN D 254 -35.18 12.40 -2.40
CA ASN D 254 -36.46 12.04 -1.79
C ASN D 254 -36.33 11.43 -0.39
N SER D 255 -35.22 10.76 -0.13
CA SER D 255 -34.98 10.18 1.18
C SER D 255 -34.42 11.22 2.12
N ASP D 256 -33.76 12.23 1.54
CA ASP D 256 -33.22 13.34 2.31
C ASP D 256 -34.32 14.18 2.93
N ASN D 257 -35.44 14.31 2.21
CA ASN D 257 -36.63 14.96 2.76
C ASN D 257 -37.39 14.04 3.72
N GLY D 258 -37.34 12.74 3.44
CA GLY D 258 -38.26 11.78 4.01
C GLY D 258 -39.55 11.83 3.22
N ASN D 259 -39.46 12.52 2.08
CA ASN D 259 -40.61 12.92 1.25
C ASN D 259 -41.38 11.72 0.70
N ALA D 260 -40.70 10.95 -0.14
CA ALA D 260 -41.26 9.76 -0.78
C ALA D 260 -40.36 8.57 -0.45
N GLY D 261 -40.88 7.36 -0.66
CA GLY D 261 -40.16 6.15 -0.29
C GLY D 261 -39.90 6.10 1.20
N PRO D 262 -39.11 5.11 1.66
CA PRO D 262 -38.76 5.01 3.07
C PRO D 262 -37.68 6.02 3.53
N ASP D 263 -37.78 6.49 4.78
CA ASP D 263 -36.80 7.42 5.35
C ASP D 263 -35.36 6.88 5.22
N GLN D 264 -35.23 5.55 5.29
CA GLN D 264 -33.96 4.83 5.39
C GLN D 264 -32.98 5.10 4.25
N ASP D 265 -33.54 5.21 3.05
CA ASP D 265 -32.80 5.16 1.79
C ASP D 265 -31.45 5.93 1.73
N SER D 266 -31.34 7.05 2.46
CA SER D 266 -30.27 8.04 2.20
C SER D 266 -28.86 7.45 2.21
N GLU D 267 -28.57 6.65 3.22
CA GLU D 267 -27.25 6.04 3.39
C GLU D 267 -26.89 5.13 2.21
N LEU D 268 -27.90 4.70 1.46
CA LEU D 268 -27.73 3.78 0.35
C LEU D 268 -27.45 4.50 -0.95
N LEU D 269 -27.61 5.82 -0.94
CA LEU D 269 -27.44 6.63 -2.14
C LEU D 269 -26.35 7.66 -1.96
N SER D 270 -25.30 7.30 -1.23
CA SER D 270 -24.12 8.14 -1.11
C SER D 270 -23.48 8.27 -2.49
N ASP D 271 -22.60 9.26 -2.65
CA ASP D 271 -21.97 9.49 -3.94
C ASP D 271 -21.15 8.29 -4.42
N ASN D 272 -20.57 7.57 -3.48
CA ASN D 272 -19.78 6.39 -3.83
C ASN D 272 -20.69 5.32 -4.41
N HIS D 273 -21.84 5.13 -3.77
CA HIS D 273 -22.83 4.19 -4.28
C HIS D 273 -23.27 4.58 -5.68
N ILE D 274 -23.68 5.84 -5.83
CA ILE D 274 -24.15 6.33 -7.11
C ILE D 274 -23.07 6.16 -8.15
N LEU D 275 -21.85 6.52 -7.80
CA LEU D 275 -20.72 6.38 -8.72
C LEU D 275 -20.53 4.94 -9.20
N THR D 276 -20.41 4.00 -8.26
CA THR D 276 -20.15 2.61 -8.61
C THR D 276 -21.28 2.05 -9.45
N THR D 277 -22.51 2.39 -9.09
CA THR D 277 -23.66 2.00 -9.91
C THR D 277 -23.58 2.55 -11.34
N ILE D 278 -23.17 3.80 -11.50
CA ILE D 278 -22.97 4.32 -12.84
C ILE D 278 -21.89 3.47 -13.51
N GLY D 279 -20.82 3.24 -12.76
CA GLY D 279 -19.64 2.56 -13.27
C GLY D 279 -19.95 1.19 -13.85
N ASP D 280 -20.83 0.46 -13.17
CA ASP D 280 -21.27 -0.86 -13.63
C ASP D 280 -21.99 -0.75 -14.96
N ILE D 281 -23.03 0.09 -14.99
CA ILE D 281 -23.84 0.31 -16.17
C ILE D 281 -22.97 0.74 -17.35
N PHE D 282 -22.13 1.74 -17.09
CA PHE D 282 -21.26 2.31 -18.12
C PHE D 282 -20.35 1.26 -18.73
N GLY D 283 -19.66 0.51 -17.86
CA GLY D 283 -18.73 -0.51 -18.29
C GLY D 283 -19.40 -1.68 -18.97
N ALA D 284 -20.49 -2.16 -18.38
CA ALA D 284 -21.28 -3.22 -18.99
C ALA D 284 -21.80 -2.77 -20.36
N GLY D 285 -22.31 -1.54 -20.41
CA GLY D 285 -22.95 -1.01 -21.61
C GLY D 285 -22.04 -1.00 -22.82
N VAL D 286 -20.74 -1.03 -22.58
CA VAL D 286 -19.75 -0.86 -23.64
C VAL D 286 -18.98 -2.13 -23.94
N GLU D 287 -18.51 -2.82 -22.90
CA GLU D 287 -17.68 -4.00 -23.11
C GLU D 287 -18.50 -5.21 -23.58
N THR D 288 -19.75 -5.30 -23.18
CA THR D 288 -20.56 -6.45 -23.58
C THR D 288 -20.93 -6.39 -25.07
N THR D 289 -21.61 -5.33 -25.47
CA THR D 289 -22.08 -5.26 -26.84
C THR D 289 -20.91 -5.19 -27.83
N THR D 290 -19.87 -4.46 -27.47
CA THR D 290 -18.70 -4.36 -28.33
C THR D 290 -18.09 -5.72 -28.57
N SER D 291 -18.13 -6.57 -27.55
CA SER D 291 -17.53 -7.90 -27.67
C SER D 291 -18.37 -8.83 -28.55
N VAL D 292 -19.70 -8.74 -28.45
CA VAL D 292 -20.56 -9.60 -29.25
C VAL D 292 -20.53 -9.18 -30.73
N VAL D 293 -20.58 -7.86 -30.98
CA VAL D 293 -20.43 -7.36 -32.33
C VAL D 293 -19.17 -7.95 -32.96
N LYS D 294 -18.05 -7.85 -32.24
CA LYS D 294 -16.77 -8.37 -32.74
C LYS D 294 -16.82 -9.88 -32.97
N TRP D 295 -17.44 -10.62 -32.04
CA TRP D 295 -17.57 -12.06 -32.15
C TRP D 295 -18.34 -12.45 -33.40
N THR D 296 -19.44 -11.74 -33.65
CA THR D 296 -20.28 -12.03 -34.80
C THR D 296 -19.49 -11.89 -36.10
N LEU D 297 -18.79 -10.78 -36.23
CA LEU D 297 -18.05 -10.49 -37.46
C LEU D 297 -17.02 -11.55 -37.72
N ALA D 298 -16.37 -12.02 -36.66
CA ALA D 298 -15.37 -13.07 -36.79
C ALA D 298 -16.03 -14.34 -37.30
N PHE D 299 -17.25 -14.62 -36.83
CA PHE D 299 -18.00 -15.77 -37.30
C PHE D 299 -18.45 -15.62 -38.76
N LEU D 300 -19.01 -14.46 -39.11
CA LEU D 300 -19.39 -14.20 -40.50
C LEU D 300 -18.18 -14.33 -41.42
N LEU D 301 -17.03 -13.88 -40.95
CA LEU D 301 -15.78 -14.07 -41.69
C LEU D 301 -15.48 -15.55 -41.93
N HIS D 302 -15.95 -16.38 -41.01
CA HIS D 302 -15.69 -17.81 -41.04
C HIS D 302 -16.78 -18.58 -41.75
N ASN D 303 -17.93 -17.94 -41.94
CA ASN D 303 -19.10 -18.58 -42.52
C ASN D 303 -19.71 -17.70 -43.61
N PRO D 304 -19.03 -17.58 -44.78
CA PRO D 304 -19.43 -16.68 -45.87
C PRO D 304 -20.83 -16.96 -46.41
N GLN D 305 -21.17 -18.23 -46.58
CA GLN D 305 -22.50 -18.64 -47.02
C GLN D 305 -23.56 -18.00 -46.13
N VAL D 306 -23.30 -17.97 -44.82
CA VAL D 306 -24.24 -17.40 -43.86
C VAL D 306 -24.22 -15.89 -43.98
N LYS D 307 -23.05 -15.35 -44.33
CA LYS D 307 -22.88 -13.92 -44.54
C LYS D 307 -23.56 -13.51 -45.84
N LYS D 308 -23.40 -14.34 -46.87
CA LYS D 308 -24.00 -14.07 -48.17
C LYS D 308 -25.51 -14.18 -48.08
N LYS D 309 -25.99 -15.24 -47.42
CA LYS D 309 -27.40 -15.37 -47.13
C LYS D 309 -27.88 -14.15 -46.36
N LEU D 310 -27.06 -13.68 -45.43
CA LEU D 310 -27.39 -12.50 -44.63
C LEU D 310 -27.51 -11.25 -45.48
N TYR D 311 -26.62 -11.08 -46.46
CA TYR D 311 -26.68 -9.91 -47.35
C TYR D 311 -27.98 -9.90 -48.14
N GLU D 312 -28.44 -11.09 -48.53
CA GLU D 312 -29.67 -11.21 -49.31
C GLU D 312 -30.88 -10.84 -48.45
N GLU D 313 -30.94 -11.39 -47.24
CA GLU D 313 -32.06 -11.14 -46.33
C GLU D 313 -32.37 -9.66 -46.21
N ILE D 314 -31.32 -8.85 -46.06
CA ILE D 314 -31.50 -7.42 -45.88
C ILE D 314 -31.91 -6.74 -47.18
N ASP D 315 -31.16 -6.97 -48.26
CA ASP D 315 -31.48 -6.38 -49.56
C ASP D 315 -32.94 -6.62 -49.90
N GLN D 316 -33.38 -7.86 -49.69
CA GLN D 316 -34.75 -8.26 -50.00
C GLN D 316 -35.76 -7.54 -49.11
N ASN D 317 -35.64 -7.74 -47.81
CA ASN D 317 -36.66 -7.29 -46.88
C ASN D 317 -36.53 -5.82 -46.49
N VAL D 318 -35.39 -5.22 -46.84
CA VAL D 318 -35.20 -3.79 -46.62
C VAL D 318 -34.21 -3.22 -47.64
N GLY D 319 -34.66 -2.23 -48.41
CA GLY D 319 -33.89 -1.77 -49.54
C GLY D 319 -32.69 -0.93 -49.15
N PHE D 320 -32.18 -0.17 -50.12
CA PHE D 320 -31.21 0.87 -49.85
C PHE D 320 -31.94 2.20 -49.82
N SER D 321 -33.27 2.14 -49.76
CA SER D 321 -34.11 3.33 -49.68
C SER D 321 -33.92 4.03 -48.35
N ARG D 322 -34.14 3.28 -47.27
CA ARG D 322 -33.93 3.76 -45.92
C ARG D 322 -32.97 2.84 -45.21
N THR D 323 -32.62 3.23 -43.98
CA THR D 323 -31.74 2.43 -43.15
C THR D 323 -32.58 1.53 -42.25
N PRO D 324 -31.97 0.45 -41.72
CA PRO D 324 -32.69 -0.48 -40.84
C PRO D 324 -33.28 0.18 -39.60
N THR D 325 -34.48 -0.27 -39.24
CA THR D 325 -35.17 0.17 -38.04
C THR D 325 -35.34 -1.01 -37.07
N ILE D 326 -35.90 -0.75 -35.90
CA ILE D 326 -36.15 -1.82 -34.94
C ILE D 326 -37.26 -2.74 -35.45
N SER D 327 -38.22 -2.17 -36.20
CA SER D 327 -39.36 -2.93 -36.68
C SER D 327 -38.96 -3.91 -37.79
N ASP D 328 -37.69 -3.87 -38.18
CA ASP D 328 -37.18 -4.79 -39.21
C ASP D 328 -36.73 -6.15 -38.63
N ARG D 329 -36.94 -6.36 -37.33
CA ARG D 329 -36.70 -7.66 -36.71
C ARG D 329 -37.70 -8.67 -37.22
N ASN D 330 -38.95 -8.23 -37.31
CA ASN D 330 -40.02 -9.01 -37.89
C ASN D 330 -39.64 -9.44 -39.29
N ARG D 331 -38.87 -8.57 -39.93
CA ARG D 331 -38.50 -8.75 -41.32
C ARG D 331 -37.21 -9.57 -41.45
N LEU D 332 -36.16 -9.19 -40.71
CA LEU D 332 -34.81 -9.76 -40.90
C LEU D 332 -34.49 -10.90 -39.96
N LEU D 333 -34.84 -12.13 -40.35
CA LEU D 333 -34.88 -13.23 -39.40
C LEU D 333 -33.56 -13.94 -39.23
N LEU D 334 -32.89 -14.25 -40.34
CA LEU D 334 -31.60 -14.92 -40.24
C LEU D 334 -30.61 -14.03 -39.49
N LEU D 335 -30.87 -12.73 -39.44
CA LEU D 335 -30.03 -11.84 -38.66
C LEU D 335 -30.24 -12.12 -37.18
N GLU D 336 -31.49 -12.07 -36.75
CA GLU D 336 -31.84 -12.33 -35.36
C GLU D 336 -31.28 -13.67 -34.91
N ALA D 337 -31.24 -14.63 -35.83
CA ALA D 337 -30.83 -15.99 -35.52
C ALA D 337 -29.32 -16.16 -35.52
N THR D 338 -28.63 -15.32 -36.29
CA THR D 338 -27.18 -15.33 -36.31
C THR D 338 -26.68 -14.76 -34.99
N ILE D 339 -27.44 -13.80 -34.46
CA ILE D 339 -27.15 -13.19 -33.17
C ILE D 339 -27.38 -14.19 -32.03
N ARG D 340 -28.54 -14.83 -32.04
CA ARG D 340 -28.87 -15.82 -31.02
C ARG D 340 -27.82 -16.89 -31.00
N GLU D 341 -27.34 -17.26 -32.17
CA GLU D 341 -26.36 -18.32 -32.28
C GLU D 341 -25.01 -17.85 -31.73
N VAL D 342 -24.70 -16.57 -31.87
CA VAL D 342 -23.46 -16.04 -31.32
C VAL D 342 -23.56 -15.96 -29.79
N LEU D 343 -24.74 -15.63 -29.26
CA LEU D 343 -24.96 -15.61 -27.82
C LEU D 343 -24.98 -17.02 -27.23
N ARG D 344 -25.22 -18.01 -28.07
CA ARG D 344 -25.14 -19.40 -27.65
C ARG D 344 -23.70 -19.87 -27.66
N LEU D 345 -23.08 -19.84 -28.84
CA LEU D 345 -21.78 -20.45 -29.05
C LEU D 345 -20.63 -19.78 -28.31
N ARG D 346 -20.82 -18.51 -27.98
CA ARG D 346 -19.82 -17.73 -27.28
C ARG D 346 -20.59 -16.78 -26.42
N PRO D 347 -21.11 -17.28 -25.30
CA PRO D 347 -21.90 -16.39 -24.45
C PRO D 347 -21.00 -15.31 -23.86
N VAL D 348 -21.57 -14.15 -23.59
CA VAL D 348 -20.79 -13.02 -23.13
C VAL D 348 -20.15 -13.41 -21.81
N ALA D 349 -20.91 -14.16 -21.02
CA ALA D 349 -20.50 -14.59 -19.70
C ALA D 349 -20.75 -16.10 -19.55
N PRO D 350 -19.82 -16.92 -20.04
CA PRO D 350 -19.94 -18.39 -20.07
C PRO D 350 -20.17 -19.10 -18.73
N MET D 351 -19.83 -18.45 -17.61
CA MET D 351 -20.14 -18.97 -16.29
C MET D 351 -20.90 -17.90 -15.50
N LEU D 352 -21.69 -17.09 -16.22
CA LEU D 352 -22.42 -15.97 -15.62
C LEU D 352 -21.50 -15.15 -14.71
N ILE D 353 -22.05 -14.69 -13.59
CA ILE D 353 -21.29 -14.10 -12.50
C ILE D 353 -21.62 -14.96 -11.27
N PRO D 354 -20.63 -15.26 -10.41
CA PRO D 354 -20.91 -16.23 -9.34
C PRO D 354 -22.09 -15.86 -8.46
N HIS D 355 -22.87 -16.87 -8.08
CA HIS D 355 -23.95 -16.70 -7.11
C HIS D 355 -23.49 -17.25 -5.77
N LYS D 356 -24.31 -17.05 -4.75
CA LYS D 356 -24.00 -17.51 -3.41
C LYS D 356 -25.32 -17.88 -2.72
N ALA D 357 -25.30 -18.92 -1.91
CA ALA D 357 -26.47 -19.31 -1.14
C ALA D 357 -26.64 -18.41 0.07
N ASN D 358 -27.73 -17.65 0.11
CA ASN D 358 -28.01 -16.80 1.26
C ASN D 358 -28.55 -17.59 2.45
N VAL D 359 -28.95 -18.83 2.20
CA VAL D 359 -29.54 -19.71 3.22
C VAL D 359 -29.28 -21.17 2.88
N ASP D 360 -29.40 -22.06 3.87
CA ASP D 360 -29.43 -23.49 3.57
C ASP D 360 -30.54 -23.71 2.53
N SER D 361 -30.26 -24.54 1.53
CA SER D 361 -31.22 -24.77 0.46
C SER D 361 -30.84 -26.04 -0.29
N SER D 362 -31.30 -26.18 -1.51
CA SER D 362 -31.03 -27.39 -2.27
C SER D 362 -31.12 -27.10 -3.75
N ILE D 363 -30.42 -27.90 -4.54
CA ILE D 363 -30.53 -27.85 -6.00
C ILE D 363 -30.88 -29.27 -6.43
N GLY D 364 -32.08 -29.44 -6.96
CA GLY D 364 -32.62 -30.77 -7.19
C GLY D 364 -32.72 -31.44 -5.83
N GLU D 365 -32.08 -32.59 -5.68
CA GLU D 365 -32.09 -33.32 -4.41
C GLU D 365 -30.82 -33.10 -3.59
N PHE D 366 -29.90 -32.31 -4.13
CA PHE D 366 -28.65 -32.07 -3.42
C PHE D 366 -28.74 -30.91 -2.44
N ALA D 367 -28.17 -31.10 -1.25
CA ALA D 367 -28.16 -30.08 -0.21
C ALA D 367 -27.08 -29.04 -0.44
N VAL D 368 -27.43 -27.76 -0.30
CA VAL D 368 -26.46 -26.67 -0.37
C VAL D 368 -26.46 -25.85 0.91
N ASP D 369 -25.30 -25.73 1.53
CA ASP D 369 -25.16 -24.98 2.78
C ASP D 369 -25.18 -23.48 2.52
N LYS D 370 -25.59 -22.75 3.53
CA LYS D 370 -25.52 -21.30 3.51
C LYS D 370 -24.09 -20.89 3.20
N GLY D 371 -23.91 -19.86 2.39
CA GLY D 371 -22.59 -19.30 2.13
C GLY D 371 -21.82 -19.97 1.01
N THR D 372 -22.37 -21.04 0.45
CA THR D 372 -21.71 -21.77 -0.62
C THR D 372 -21.75 -20.93 -1.87
N GLU D 373 -20.64 -20.93 -2.60
CA GLU D 373 -20.57 -20.23 -3.88
C GLU D 373 -21.10 -21.18 -4.92
N VAL D 374 -22.07 -20.70 -5.69
CA VAL D 374 -22.66 -21.50 -6.74
C VAL D 374 -22.31 -20.89 -8.10
N ILE D 375 -21.87 -21.73 -9.03
CA ILE D 375 -21.49 -21.27 -10.35
C ILE D 375 -22.32 -21.99 -11.38
N ILE D 376 -22.98 -21.25 -12.25
CA ILE D 376 -23.65 -21.87 -13.38
C ILE D 376 -22.66 -21.90 -14.54
N ASN D 377 -22.47 -23.09 -15.11
CA ASN D 377 -21.64 -23.24 -16.30
C ASN D 377 -22.54 -23.15 -17.53
N LEU D 378 -22.77 -21.91 -17.95
CA LEU D 378 -23.69 -21.62 -19.03
C LEU D 378 -23.17 -22.21 -20.33
N TRP D 379 -21.85 -22.29 -20.44
CA TRP D 379 -21.25 -22.88 -21.62
C TRP D 379 -21.68 -24.34 -21.78
N ALA D 380 -21.77 -25.07 -20.66
CA ALA D 380 -22.24 -26.45 -20.66
C ALA D 380 -23.72 -26.56 -21.01
N LEU D 381 -24.53 -25.61 -20.55
CA LEU D 381 -25.94 -25.56 -20.93
C LEU D 381 -26.10 -25.34 -22.43
N HIS D 382 -25.21 -24.52 -22.99
CA HIS D 382 -25.29 -24.10 -24.38
C HIS D 382 -24.64 -25.09 -25.34
N HIS D 383 -23.92 -26.07 -24.82
CA HIS D 383 -23.31 -27.11 -25.64
C HIS D 383 -23.78 -28.51 -25.28
N ASN D 384 -24.85 -28.60 -24.50
CA ASN D 384 -25.45 -29.88 -24.11
C ASN D 384 -25.81 -30.68 -25.35
N GLU D 385 -25.18 -31.84 -25.50
CA GLU D 385 -25.31 -32.64 -26.71
C GLU D 385 -26.73 -33.21 -26.88
N LYS D 386 -27.45 -33.32 -25.77
CA LYS D 386 -28.82 -33.85 -25.84
C LYS D 386 -29.83 -32.77 -26.15
N GLU D 387 -29.49 -31.51 -25.84
CA GLU D 387 -30.40 -30.39 -26.10
C GLU D 387 -30.11 -29.63 -27.41
N TRP D 388 -29.01 -29.96 -28.09
CA TRP D 388 -28.65 -29.29 -29.35
C TRP D 388 -28.16 -30.28 -30.41
N HIS D 389 -28.42 -29.94 -31.67
CA HIS D 389 -27.84 -30.67 -32.77
C HIS D 389 -26.53 -30.01 -33.16
N GLN D 390 -25.43 -30.79 -33.11
CA GLN D 390 -24.10 -30.27 -33.43
C GLN D 390 -23.83 -28.92 -32.75
N PRO D 391 -23.72 -28.94 -31.42
CA PRO D 391 -23.51 -27.71 -30.65
C PRO D 391 -22.17 -27.03 -30.93
N ASP D 392 -21.17 -27.78 -31.38
CA ASP D 392 -19.87 -27.20 -31.67
C ASP D 392 -19.85 -26.49 -33.03
N GLN D 393 -20.98 -26.54 -33.74
CA GLN D 393 -21.11 -25.89 -35.05
C GLN D 393 -21.83 -24.55 -34.92
N PHE D 394 -21.46 -23.63 -35.81
CA PHE D 394 -22.18 -22.37 -35.97
C PHE D 394 -23.32 -22.58 -36.96
N MET D 395 -24.56 -22.54 -36.45
CA MET D 395 -25.74 -22.82 -37.26
C MET D 395 -26.88 -21.90 -36.86
N PRO D 396 -26.96 -20.71 -37.46
CA PRO D 396 -28.10 -19.84 -37.14
C PRO D 396 -29.45 -20.46 -37.51
N GLU D 397 -29.45 -21.41 -38.43
CA GLU D 397 -30.70 -22.04 -38.89
C GLU D 397 -31.39 -22.80 -37.76
N ARG D 398 -30.67 -23.02 -36.66
CA ARG D 398 -31.25 -23.76 -35.55
C ARG D 398 -32.29 -22.92 -34.83
N PHE D 399 -32.33 -21.63 -35.14
CA PHE D 399 -33.27 -20.69 -34.53
C PHE D 399 -34.39 -20.29 -35.50
N LEU D 400 -34.51 -21.05 -36.57
CA LEU D 400 -35.59 -20.88 -37.54
C LEU D 400 -36.28 -22.23 -37.73
N ASN D 401 -37.54 -22.20 -38.12
CA ASN D 401 -38.21 -23.41 -38.58
C ASN D 401 -37.45 -23.94 -39.80
N PRO D 402 -37.72 -25.18 -40.21
CA PRO D 402 -37.01 -25.69 -41.40
C PRO D 402 -37.26 -24.81 -42.64
N ALA D 403 -38.36 -24.07 -42.63
CA ALA D 403 -38.72 -23.17 -43.72
C ALA D 403 -37.82 -21.93 -43.77
N GLY D 404 -37.60 -21.32 -42.61
CA GLY D 404 -36.85 -20.08 -42.52
C GLY D 404 -37.77 -18.87 -42.56
N THR D 405 -38.91 -18.97 -41.89
CA THR D 405 -39.96 -17.96 -42.02
C THR D 405 -40.42 -17.42 -40.68
N GLN D 406 -40.01 -18.07 -39.59
CA GLN D 406 -40.19 -17.50 -38.25
C GLN D 406 -39.21 -18.08 -37.23
N LEU D 407 -38.97 -17.32 -36.16
CA LEU D 407 -37.99 -17.69 -35.16
C LEU D 407 -38.53 -18.71 -34.18
N ILE D 408 -37.67 -19.63 -33.77
CA ILE D 408 -38.04 -20.69 -32.84
C ILE D 408 -37.04 -20.74 -31.70
N SER D 409 -37.50 -21.21 -30.54
CA SER D 409 -36.62 -21.49 -29.41
C SER D 409 -36.44 -22.99 -29.31
N PRO D 410 -35.41 -23.53 -29.99
CA PRO D 410 -35.21 -24.99 -30.12
C PRO D 410 -34.85 -25.72 -28.82
N SER D 411 -34.49 -24.99 -27.77
CA SER D 411 -33.99 -25.59 -26.55
C SER D 411 -34.28 -24.75 -25.31
N VAL D 412 -34.71 -25.41 -24.25
CA VAL D 412 -34.88 -24.77 -22.96
C VAL D 412 -33.54 -24.50 -22.30
N SER D 413 -32.48 -25.03 -22.90
CA SER D 413 -31.14 -24.95 -22.32
C SER D 413 -30.39 -23.79 -22.95
N TYR D 414 -31.02 -22.62 -22.90
CA TYR D 414 -30.50 -21.41 -23.53
C TYR D 414 -30.82 -20.20 -22.65
N LEU D 415 -29.80 -19.70 -21.97
CA LEU D 415 -29.93 -18.55 -21.09
C LEU D 415 -28.77 -17.57 -21.24
N PRO D 416 -28.69 -16.90 -22.39
CA PRO D 416 -27.59 -15.96 -22.66
C PRO D 416 -27.59 -14.77 -21.70
N PHE D 417 -28.78 -14.33 -21.30
CA PHE D 417 -28.89 -13.19 -20.37
C PHE D 417 -29.29 -13.62 -18.97
N GLY D 418 -29.15 -14.90 -18.64
CA GLY D 418 -29.49 -15.39 -17.32
C GLY D 418 -30.98 -15.43 -17.06
N ALA D 419 -31.37 -15.32 -15.79
CA ALA D 419 -32.76 -15.44 -15.39
C ALA D 419 -32.91 -15.20 -13.90
N GLY D 420 -34.06 -14.67 -13.49
CA GLY D 420 -34.35 -14.53 -12.07
C GLY D 420 -33.73 -13.29 -11.49
N PRO D 421 -33.64 -13.21 -10.15
CA PRO D 421 -33.30 -11.96 -9.46
C PRO D 421 -32.02 -11.30 -9.95
N ARG D 422 -31.09 -12.08 -10.49
CA ARG D 422 -29.78 -11.55 -10.80
C ARG D 422 -29.53 -11.41 -12.29
N SER D 423 -30.59 -11.49 -13.07
CA SER D 423 -30.46 -11.48 -14.53
C SER D 423 -30.01 -10.14 -15.06
N CYS D 424 -29.60 -10.16 -16.31
CA CYS D 424 -29.17 -8.94 -16.99
C CYS D 424 -30.28 -7.91 -17.01
N ILE D 425 -29.96 -6.69 -16.62
CA ILE D 425 -30.91 -5.60 -16.64
C ILE D 425 -30.69 -4.72 -17.87
N GLY D 426 -29.74 -5.13 -18.72
CA GLY D 426 -29.38 -4.40 -19.92
C GLY D 426 -29.65 -5.21 -21.18
N GLU D 427 -30.52 -6.20 -21.05
CA GLU D 427 -30.87 -7.05 -22.18
C GLU D 427 -31.52 -6.24 -23.32
N ILE D 428 -32.54 -5.45 -23.01
CA ILE D 428 -33.27 -4.74 -24.06
C ILE D 428 -32.35 -3.80 -24.85
N LEU D 429 -31.53 -3.02 -24.14
CA LEU D 429 -30.50 -2.23 -24.80
C LEU D 429 -29.64 -3.12 -25.68
N ALA D 430 -29.08 -4.20 -25.12
CA ALA D 430 -28.13 -5.04 -25.85
C ALA D 430 -28.73 -5.66 -27.12
N ARG D 431 -30.01 -6.00 -27.08
CA ARG D 431 -30.64 -6.63 -28.22
C ARG D 431 -30.90 -5.63 -29.37
N GLN D 432 -31.38 -4.44 -29.04
CA GLN D 432 -31.53 -3.39 -30.04
C GLN D 432 -30.20 -3.04 -30.68
N GLU D 433 -29.22 -2.74 -29.83
CA GLU D 433 -27.89 -2.36 -30.29
C GLU D 433 -27.27 -3.44 -31.14
N LEU D 434 -27.48 -4.69 -30.78
CA LEU D 434 -26.88 -5.77 -31.53
C LEU D 434 -27.52 -5.90 -32.91
N PHE D 435 -28.85 -5.99 -32.95
CA PHE D 435 -29.58 -6.04 -34.21
C PHE D 435 -29.19 -4.88 -35.12
N LEU D 436 -29.34 -3.66 -34.61
CA LEU D 436 -29.10 -2.46 -35.41
C LEU D 436 -27.66 -2.29 -35.93
N ILE D 437 -26.65 -2.46 -35.09
CA ILE D 437 -25.27 -2.34 -35.56
C ILE D 437 -25.02 -3.28 -36.71
N MET D 438 -25.42 -4.54 -36.55
CA MET D 438 -25.19 -5.56 -37.57
C MET D 438 -26.05 -5.32 -38.81
N ALA D 439 -27.22 -4.72 -38.61
CA ALA D 439 -28.09 -4.38 -39.73
C ALA D 439 -27.36 -3.42 -40.67
N TRP D 440 -26.96 -2.28 -40.13
CA TRP D 440 -26.34 -1.21 -40.91
C TRP D 440 -25.02 -1.61 -41.52
N LEU D 441 -24.28 -2.48 -40.84
CA LEU D 441 -22.99 -2.93 -41.37
C LEU D 441 -23.16 -3.84 -42.58
N LEU D 442 -24.17 -4.70 -42.53
CA LEU D 442 -24.42 -5.65 -43.62
C LEU D 442 -24.96 -4.96 -44.88
N GLN D 443 -25.73 -3.90 -44.67
CA GLN D 443 -26.32 -3.11 -45.74
C GLN D 443 -25.27 -2.33 -46.52
N ARG D 444 -24.31 -1.81 -45.78
CA ARG D 444 -23.44 -0.73 -46.24
C ARG D 444 -22.01 -1.17 -46.46
N PHE D 445 -21.67 -2.40 -46.09
CA PHE D 445 -20.29 -2.86 -46.15
C PHE D 445 -20.11 -4.33 -46.50
N ASP D 446 -19.23 -4.59 -47.46
CA ASP D 446 -18.70 -5.93 -47.66
C ASP D 446 -17.65 -6.14 -46.58
N LEU D 447 -17.72 -7.26 -45.89
CA LEU D 447 -16.80 -7.54 -44.80
C LEU D 447 -16.07 -8.83 -45.12
N GLU D 448 -14.79 -8.71 -45.45
CA GLU D 448 -14.02 -9.85 -45.95
C GLU D 448 -12.73 -10.03 -45.17
N VAL D 449 -12.07 -11.15 -45.46
CA VAL D 449 -10.78 -11.46 -44.86
C VAL D 449 -9.69 -10.59 -45.48
N PRO D 450 -8.67 -10.21 -44.67
CA PRO D 450 -7.59 -9.42 -45.27
C PRO D 450 -6.86 -10.15 -46.39
N ASP D 451 -5.94 -9.47 -47.06
CA ASP D 451 -5.23 -10.04 -48.21
C ASP D 451 -4.58 -11.37 -47.87
N ASP D 452 -3.77 -11.38 -46.81
CA ASP D 452 -3.28 -12.63 -46.25
C ASP D 452 -4.50 -13.45 -45.83
N GLY D 453 -4.50 -14.74 -46.14
CA GLY D 453 -5.62 -15.60 -45.80
C GLY D 453 -5.74 -15.83 -44.30
N GLN D 454 -5.80 -14.73 -43.55
CA GLN D 454 -5.75 -14.78 -42.09
C GLN D 454 -7.14 -14.66 -41.49
N LEU D 455 -7.65 -15.78 -40.98
CA LEU D 455 -8.94 -15.79 -40.30
C LEU D 455 -8.81 -15.55 -38.81
N PRO D 456 -9.80 -14.87 -38.21
CA PRO D 456 -9.74 -14.66 -36.76
C PRO D 456 -9.71 -15.98 -35.99
N SER D 457 -9.01 -15.98 -34.86
CA SER D 457 -9.09 -17.09 -33.93
C SER D 457 -10.42 -17.03 -33.22
N LEU D 458 -11.06 -18.19 -33.06
CA LEU D 458 -12.35 -18.27 -32.37
C LEU D 458 -12.19 -18.92 -30.99
N GLU D 459 -10.94 -19.09 -30.56
CA GLU D 459 -10.61 -19.69 -29.28
C GLU D 459 -11.07 -18.86 -28.10
N GLY D 460 -11.17 -17.55 -28.28
CA GLY D 460 -11.64 -16.65 -27.24
C GLY D 460 -10.67 -16.46 -26.08
N ILE D 461 -10.99 -15.49 -25.23
CA ILE D 461 -10.19 -15.16 -24.05
C ILE D 461 -11.13 -14.90 -22.85
N PRO D 462 -11.27 -15.90 -21.97
CA PRO D 462 -12.25 -15.73 -20.88
C PRO D 462 -11.79 -14.67 -19.87
N LYS D 463 -12.66 -13.71 -19.60
CA LYS D 463 -12.45 -12.72 -18.55
C LYS D 463 -13.83 -12.50 -17.94
N VAL D 464 -13.99 -11.45 -17.14
CA VAL D 464 -15.31 -11.10 -16.65
C VAL D 464 -16.28 -10.96 -17.83
N VAL D 465 -15.73 -10.77 -19.03
CA VAL D 465 -16.47 -10.97 -20.28
C VAL D 465 -15.67 -11.92 -21.16
N PHE D 466 -16.36 -12.68 -22.00
CA PHE D 466 -15.68 -13.64 -22.89
C PHE D 466 -15.17 -12.93 -24.15
N LEU D 467 -13.91 -12.50 -24.10
CA LEU D 467 -13.32 -11.72 -25.18
C LEU D 467 -12.80 -12.58 -26.31
N ILE D 468 -12.87 -12.04 -27.52
CA ILE D 468 -12.18 -12.62 -28.67
C ILE D 468 -10.83 -11.91 -28.84
N ASP D 469 -9.82 -12.62 -29.34
CA ASP D 469 -8.55 -12.01 -29.73
C ASP D 469 -8.85 -10.90 -30.73
N SER D 470 -8.05 -9.85 -30.75
CA SER D 470 -8.24 -8.82 -31.77
C SER D 470 -7.82 -9.38 -33.13
N PHE D 471 -8.52 -8.94 -34.17
CA PHE D 471 -8.32 -9.43 -35.52
C PHE D 471 -8.62 -8.31 -36.51
N LYS D 472 -8.16 -8.50 -37.75
CA LYS D 472 -8.38 -7.53 -38.82
C LYS D 472 -9.52 -7.97 -39.73
N VAL D 473 -10.25 -6.99 -40.27
CA VAL D 473 -11.30 -7.25 -41.24
C VAL D 473 -11.17 -6.30 -42.42
N LYS D 474 -11.09 -6.85 -43.63
CA LYS D 474 -11.08 -6.04 -44.83
C LYS D 474 -12.51 -5.58 -45.15
N ILE D 475 -12.71 -4.26 -45.14
CA ILE D 475 -14.01 -3.69 -45.42
C ILE D 475 -13.95 -2.80 -46.64
N LYS D 476 -14.95 -2.94 -47.50
CA LYS D 476 -15.19 -2.00 -48.58
C LYS D 476 -16.69 -1.76 -48.62
N VAL D 477 -17.10 -0.53 -48.92
CA VAL D 477 -18.52 -0.26 -49.11
C VAL D 477 -18.97 -1.13 -50.28
N ARG D 478 -20.08 -1.82 -50.10
CA ARG D 478 -20.61 -2.67 -51.16
C ARG D 478 -20.99 -1.81 -52.36
N GLN D 479 -20.58 -2.24 -53.54
CA GLN D 479 -20.92 -1.54 -54.77
C GLN D 479 -22.44 -1.34 -54.89
N ALA D 480 -23.21 -2.29 -54.39
CA ALA D 480 -24.66 -2.22 -54.45
C ALA D 480 -25.23 -1.09 -53.60
N TRP D 481 -24.39 -0.43 -52.80
CA TRP D 481 -24.86 0.57 -51.87
C TRP D 481 -25.07 1.95 -52.49
N ARG D 482 -24.06 2.46 -53.17
CA ARG D 482 -24.09 3.82 -53.72
C ARG D 482 -25.33 4.09 -54.55
N GLU D 483 -25.78 3.06 -55.24
CA GLU D 483 -26.78 3.20 -56.29
C GLU D 483 -28.15 3.64 -55.77
N ALA D 484 -28.25 3.95 -54.48
CA ALA D 484 -29.51 4.44 -53.91
C ALA D 484 -29.62 5.96 -54.01
N GLN D 485 -28.70 6.57 -54.75
CA GLN D 485 -28.73 8.01 -55.01
C GLN D 485 -28.47 8.29 -56.49
#